data_9NYE
#
_entry.id   9NYE
#
_cell.length_a   1.00
_cell.length_b   1.00
_cell.length_c   1.00
_cell.angle_alpha   90.00
_cell.angle_beta   90.00
_cell.angle_gamma   90.00
#
_symmetry.space_group_name_H-M   'P 1'
#
_entity_poly.entity_id   1
_entity_poly.type   'polypeptide(L)'
_entity_poly.pdbx_seq_one_letter_code
;MHHHHHHHHHHSSGVDLGTENLYFQSNATIELSIVIPMYNEEDNLEHLFARLLEVLTPLKITYEIICVNDGSKDKTLKQL
IDCYQSNRQIKIVNLSRNFGKEIALSAGIDYAQGNAVIPIDADLQDPPELIHELVDKWREGYDIVYATRRSRQGETWVKQ
FTAKMFYKVIGRMTEIKIPPNTGDFRLMDRKVVNAIKQLPERTRFMKGLFAWVGYRQTFVLFDREPRFQGQTKWNYWKLW
NFALDGIFSFSLLPLKVWTYLGSIISLLSLAYASFLILKTITLGVDVPGYASLMVAILFLGGVQLISLGVIGEYLGRVYE
EVKARPLYLVSDLWGLEYLPLEKLN
;
_entity_poly.pdbx_strand_id   A,B,C,D,E,F,G,H
#
# COMPACT_ATOMS: atom_id res chain seq x y z
N TYR A 23 -22.96 3.25 30.14
CA TYR A 23 -24.33 2.79 30.32
C TYR A 23 -24.84 2.15 29.04
N PHE A 24 -24.58 2.81 27.91
CA PHE A 24 -24.87 2.27 26.58
C PHE A 24 -23.60 2.35 25.75
N GLN A 25 -23.03 1.20 25.44
CA GLN A 25 -21.80 1.11 24.66
C GLN A 25 -22.01 0.18 23.48
N SER A 26 -21.26 0.43 22.42
CA SER A 26 -21.39 -0.28 21.16
C SER A 26 -20.16 -1.15 20.94
N ASN A 27 -20.38 -2.42 20.59
CA ASN A 27 -19.31 -3.33 20.22
C ASN A 27 -19.52 -3.77 18.78
N ALA A 28 -18.46 -3.69 17.98
CA ALA A 28 -18.54 -3.99 16.56
C ALA A 28 -18.15 -5.42 16.23
N THR A 29 -17.86 -6.25 17.22
CA THR A 29 -17.45 -7.63 16.98
C THR A 29 -18.63 -8.57 17.18
N ILE A 30 -18.80 -9.50 16.23
CA ILE A 30 -19.82 -10.53 16.33
C ILE A 30 -19.23 -11.74 17.04
N GLU A 31 -19.97 -12.28 18.00
CA GLU A 31 -19.53 -13.46 18.72
C GLU A 31 -19.92 -14.76 18.03
N LEU A 32 -20.98 -14.74 17.24
CA LEU A 32 -21.54 -15.97 16.68
C LEU A 32 -22.24 -15.67 15.38
N SER A 33 -22.00 -16.51 14.37
CA SER A 33 -22.66 -16.42 13.08
C SER A 33 -23.53 -17.64 12.87
N ILE A 34 -24.81 -17.40 12.58
CA ILE A 34 -25.75 -18.45 12.19
C ILE A 34 -25.97 -18.35 10.68
N VAL A 35 -25.77 -19.45 9.98
CA VAL A 35 -25.85 -19.48 8.52
C VAL A 35 -27.01 -20.39 8.14
N ILE A 36 -28.01 -19.85 7.45
CA ILE A 36 -29.18 -20.58 7.02
C ILE A 36 -29.31 -20.44 5.51
N PRO A 37 -28.98 -21.48 4.74
CA PRO A 37 -29.31 -21.47 3.31
C PRO A 37 -30.80 -21.72 3.12
N MET A 38 -31.43 -20.88 2.31
CA MET A 38 -32.87 -20.94 2.09
C MET A 38 -33.19 -21.18 0.63
N TYR A 39 -34.23 -21.98 0.40
CA TYR A 39 -34.69 -22.28 -0.95
C TYR A 39 -36.16 -22.63 -0.85
N ASN A 40 -37.02 -21.73 -1.33
CA ASN A 40 -38.48 -21.88 -1.24
C ASN A 40 -38.94 -22.03 0.21
N GLU A 41 -38.33 -21.25 1.10
CA GLU A 41 -38.74 -21.19 2.50
C GLU A 41 -39.66 -20.00 2.72
N GLU A 42 -40.82 -20.03 2.06
CA GLU A 42 -41.61 -18.81 1.96
C GLU A 42 -42.33 -18.49 3.26
N ASP A 43 -43.29 -19.31 3.67
CA ASP A 43 -44.13 -18.98 4.81
C ASP A 43 -43.60 -19.54 6.11
N ASN A 44 -42.30 -19.89 6.13
CA ASN A 44 -41.69 -20.49 7.34
C ASN A 44 -40.70 -19.51 7.96
N LEU A 45 -40.46 -18.36 7.32
CA LEU A 45 -39.43 -17.41 7.81
C LEU A 45 -39.79 -16.90 9.22
N GLU A 46 -41.07 -16.58 9.46
CA GLU A 46 -41.50 -16.02 10.75
C GLU A 46 -41.19 -17.00 11.88
N HIS A 47 -41.72 -18.22 11.79
CA HIS A 47 -41.51 -19.23 12.83
C HIS A 47 -40.03 -19.51 13.04
N LEU A 48 -39.27 -19.61 11.94
CA LEU A 48 -37.85 -19.88 12.04
C LEU A 48 -37.14 -18.80 12.84
N PHE A 49 -37.41 -17.54 12.52
CA PHE A 49 -36.76 -16.45 13.24
C PHE A 49 -37.29 -16.34 14.66
N ALA A 50 -38.57 -16.66 14.87
CA ALA A 50 -39.10 -16.67 16.23
C ALA A 50 -38.34 -17.64 17.12
N ARG A 51 -38.17 -18.88 16.66
CA ARG A 51 -37.43 -19.86 17.44
C ARG A 51 -35.97 -19.46 17.60
N LEU A 52 -35.36 -18.93 16.53
CA LEU A 52 -33.95 -18.55 16.61
C LEU A 52 -33.72 -17.47 17.65
N LEU A 53 -34.59 -16.45 17.69
CA LEU A 53 -34.42 -15.39 18.69
C LEU A 53 -34.84 -15.85 20.08
N GLU A 54 -35.81 -16.76 20.17
CA GLU A 54 -36.17 -17.29 21.48
C GLU A 54 -35.04 -18.10 22.09
N VAL A 55 -34.17 -18.67 21.27
CA VAL A 55 -33.01 -19.39 21.79
C VAL A 55 -31.81 -18.47 21.99
N LEU A 56 -31.59 -17.52 21.07
CA LEU A 56 -30.33 -16.79 21.02
C LEU A 56 -30.26 -15.66 22.05
N THR A 57 -31.39 -15.01 22.35
CA THR A 57 -31.33 -13.85 23.23
C THR A 57 -31.01 -14.18 24.69
N PRO A 58 -31.40 -15.35 25.23
CA PRO A 58 -30.90 -15.72 26.57
C PRO A 58 -29.40 -15.90 26.63
N LEU A 59 -28.73 -16.11 25.49
CA LEU A 59 -27.28 -16.30 25.50
C LEU A 59 -26.53 -15.01 25.83
N LYS A 60 -27.16 -13.86 25.65
CA LYS A 60 -26.56 -12.56 25.97
C LYS A 60 -25.22 -12.35 25.25
N ILE A 61 -25.17 -12.75 23.98
CA ILE A 61 -23.98 -12.56 23.15
C ILE A 61 -24.40 -11.88 21.85
N THR A 62 -23.43 -11.24 21.21
CA THR A 62 -23.66 -10.60 19.92
C THR A 62 -23.66 -11.65 18.82
N TYR A 63 -24.61 -11.56 17.90
CA TYR A 63 -24.76 -12.55 16.86
C TYR A 63 -25.27 -11.91 15.58
N GLU A 64 -25.10 -12.63 14.48
CA GLU A 64 -25.67 -12.29 13.20
C GLU A 64 -26.28 -13.54 12.58
N ILE A 65 -27.28 -13.34 11.74
CA ILE A 65 -27.90 -14.43 10.99
C ILE A 65 -27.67 -14.16 9.51
N ILE A 66 -26.90 -15.02 8.86
CA ILE A 66 -26.62 -14.91 7.44
C ILE A 66 -27.59 -15.82 6.70
N CYS A 67 -28.42 -15.23 5.85
CA CYS A 67 -29.43 -15.95 5.09
C CYS A 67 -29.00 -15.98 3.63
N VAL A 68 -28.88 -17.19 3.07
CA VAL A 68 -28.43 -17.38 1.71
C VAL A 68 -29.60 -17.87 0.88
N ASN A 69 -29.99 -17.09 -0.13
CA ASN A 69 -31.00 -17.47 -1.09
C ASN A 69 -30.30 -17.96 -2.36
N ASP A 70 -30.65 -19.20 -2.73
CA ASP A 70 -30.08 -19.84 -3.93
C ASP A 70 -31.17 -20.00 -5.00
N GLY A 71 -31.57 -18.91 -5.65
CA GLY A 71 -32.52 -19.00 -6.73
C GLY A 71 -33.88 -19.58 -6.39
N SER A 72 -34.46 -19.12 -5.29
CA SER A 72 -35.81 -19.55 -4.94
C SER A 72 -36.81 -19.08 -5.99
N LYS A 73 -37.84 -19.89 -6.22
CA LYS A 73 -38.85 -19.56 -7.22
C LYS A 73 -40.11 -18.94 -6.63
N ASP A 74 -40.37 -19.14 -5.35
CA ASP A 74 -41.48 -18.45 -4.69
C ASP A 74 -40.98 -17.08 -4.22
N LYS A 75 -41.78 -16.39 -3.42
CA LYS A 75 -41.40 -15.04 -2.98
C LYS A 75 -40.73 -15.07 -1.61
N THR A 76 -39.64 -15.84 -1.54
CA THR A 76 -38.84 -15.91 -0.33
C THR A 76 -38.02 -14.65 -0.12
N LEU A 77 -37.50 -14.06 -1.20
CA LEU A 77 -36.57 -12.95 -1.08
C LEU A 77 -37.27 -11.67 -0.63
N LYS A 78 -38.51 -11.45 -1.05
CA LYS A 78 -39.19 -10.23 -0.63
C LYS A 78 -39.46 -10.22 0.87
N GLN A 79 -39.85 -11.37 1.43
CA GLN A 79 -40.05 -11.44 2.87
C GLN A 79 -38.73 -11.50 3.62
N LEU A 80 -37.68 -12.02 2.99
CA LEU A 80 -36.35 -11.90 3.57
C LEU A 80 -35.96 -10.43 3.72
N ILE A 81 -36.25 -9.62 2.69
CA ILE A 81 -35.93 -8.20 2.75
C ILE A 81 -36.81 -7.49 3.77
N ASP A 82 -38.08 -7.90 3.88
CA ASP A 82 -38.95 -7.34 4.91
C ASP A 82 -38.42 -7.63 6.30
N CYS A 83 -37.93 -8.85 6.53
CA CYS A 83 -37.30 -9.18 7.81
C CYS A 83 -36.01 -8.40 8.02
N TYR A 84 -35.23 -8.20 6.95
CA TYR A 84 -33.98 -7.47 7.05
C TYR A 84 -34.22 -6.00 7.43
N GLN A 85 -35.34 -5.42 7.03
CA GLN A 85 -35.61 -4.03 7.35
C GLN A 85 -35.85 -3.81 8.84
N SER A 86 -36.47 -4.77 9.53
CA SER A 86 -36.86 -4.60 10.92
C SER A 86 -35.96 -5.35 11.89
N ASN A 87 -34.81 -5.84 11.43
CA ASN A 87 -33.91 -6.62 12.28
C ASN A 87 -32.48 -6.36 11.85
N ARG A 88 -31.68 -5.78 12.74
CA ARG A 88 -30.29 -5.45 12.41
C ARG A 88 -29.38 -6.67 12.35
N GLN A 89 -29.81 -7.80 12.89
CA GLN A 89 -28.96 -8.98 12.96
C GLN A 89 -29.14 -9.90 11.76
N ILE A 90 -29.98 -9.53 10.80
CA ILE A 90 -30.29 -10.36 9.64
C ILE A 90 -29.54 -9.80 8.44
N LYS A 91 -28.81 -10.65 7.73
CA LYS A 91 -28.12 -10.30 6.50
C LYS A 91 -28.47 -11.32 5.43
N ILE A 92 -28.48 -10.88 4.17
CA ILE A 92 -28.93 -11.70 3.05
C ILE A 92 -27.82 -11.83 2.02
N VAL A 93 -27.55 -13.05 1.60
CA VAL A 93 -26.68 -13.34 0.46
C VAL A 93 -27.56 -13.91 -0.65
N ASN A 94 -27.63 -13.21 -1.77
CA ASN A 94 -28.40 -13.65 -2.93
C ASN A 94 -27.44 -14.21 -3.97
N LEU A 95 -27.65 -15.45 -4.37
CA LEU A 95 -26.83 -16.09 -5.37
C LEU A 95 -27.43 -15.90 -6.76
N SER A 96 -26.55 -15.95 -7.78
CA SER A 96 -26.98 -15.63 -9.14
C SER A 96 -28.02 -16.61 -9.64
N ARG A 97 -27.86 -17.89 -9.31
CA ARG A 97 -28.84 -18.92 -9.67
C ARG A 97 -28.92 -19.93 -8.53
N ASN A 98 -29.56 -21.06 -8.81
CA ASN A 98 -29.73 -22.14 -7.85
C ASN A 98 -28.53 -23.06 -7.93
N PHE A 99 -27.53 -22.82 -7.09
CA PHE A 99 -26.46 -23.78 -6.88
C PHE A 99 -26.91 -24.77 -5.80
N GLY A 100 -26.04 -25.67 -5.39
CA GLY A 100 -26.41 -26.63 -4.38
C GLY A 100 -26.61 -25.99 -3.01
N LYS A 101 -27.22 -26.76 -2.11
CA LYS A 101 -27.36 -26.32 -0.73
C LYS A 101 -26.02 -26.30 -0.01
N GLU A 102 -25.12 -27.20 -0.36
CA GLU A 102 -23.77 -27.20 0.20
C GLU A 102 -22.99 -25.97 -0.27
N ILE A 103 -23.16 -25.60 -1.54
CA ILE A 103 -22.52 -24.39 -2.05
C ILE A 103 -23.11 -23.15 -1.41
N ALA A 104 -24.42 -23.17 -1.12
CA ALA A 104 -25.04 -22.07 -0.41
C ALA A 104 -24.48 -21.95 1.02
N LEU A 105 -24.27 -23.08 1.67
CA LEU A 105 -23.63 -23.07 2.99
C LEU A 105 -22.21 -22.51 2.91
N SER A 106 -21.47 -22.91 1.89
CA SER A 106 -20.11 -22.39 1.70
C SER A 106 -20.12 -20.88 1.49
N ALA A 107 -21.05 -20.38 0.67
CA ALA A 107 -21.15 -18.94 0.45
C ALA A 107 -21.49 -18.20 1.74
N GLY A 108 -22.43 -18.73 2.51
CA GLY A 108 -22.78 -18.10 3.78
C GLY A 108 -21.62 -18.06 4.75
N ILE A 109 -20.88 -19.17 4.87
CA ILE A 109 -19.72 -19.20 5.75
C ILE A 109 -18.64 -18.25 5.24
N ASP A 110 -18.50 -18.13 3.92
CA ASP A 110 -17.55 -17.17 3.36
C ASP A 110 -17.91 -15.74 3.74
N TYR A 111 -19.20 -15.43 3.81
CA TYR A 111 -19.62 -14.08 4.15
C TYR A 111 -19.86 -13.86 5.64
N ALA A 112 -19.64 -14.88 6.47
CA ALA A 112 -19.90 -14.79 7.90
C ALA A 112 -18.68 -14.27 8.64
N GLN A 113 -18.90 -13.31 9.52
CA GLN A 113 -17.87 -12.78 10.41
C GLN A 113 -18.33 -13.03 11.83
N GLY A 114 -17.51 -13.74 12.60
CA GLY A 114 -17.88 -14.12 13.94
C GLY A 114 -16.87 -15.09 14.51
N ASN A 115 -16.78 -15.17 15.83
CA ASN A 115 -15.78 -16.03 16.44
C ASN A 115 -16.13 -17.50 16.26
N ALA A 116 -17.41 -17.84 16.30
CA ALA A 116 -17.89 -19.17 15.98
C ALA A 116 -18.93 -19.08 14.87
N VAL A 117 -18.99 -20.11 14.04
CA VAL A 117 -19.96 -20.21 12.96
C VAL A 117 -20.78 -21.47 13.17
N ILE A 118 -22.10 -21.34 13.09
CA ILE A 118 -22.99 -22.48 13.25
C ILE A 118 -23.91 -22.58 12.03
N PRO A 119 -23.73 -23.56 11.15
CA PRO A 119 -24.70 -23.79 10.08
C PRO A 119 -25.99 -24.38 10.62
N ILE A 120 -27.12 -23.75 10.26
CA ILE A 120 -28.43 -24.12 10.77
C ILE A 120 -29.31 -24.48 9.58
N ASP A 121 -30.05 -25.58 9.70
CA ASP A 121 -30.97 -25.99 8.65
C ASP A 121 -32.30 -25.25 8.82
N ALA A 122 -32.90 -24.88 7.70
CA ALA A 122 -34.03 -23.95 7.73
C ALA A 122 -35.29 -24.59 8.27
N ASP A 123 -35.42 -25.92 8.20
CA ASP A 123 -36.63 -26.57 8.69
C ASP A 123 -36.55 -26.92 10.17
N LEU A 124 -35.40 -26.71 10.81
CA LEU A 124 -35.23 -26.92 12.25
C LEU A 124 -35.57 -28.35 12.65
N GLN A 125 -35.12 -29.31 11.85
CA GLN A 125 -35.23 -30.72 12.23
C GLN A 125 -34.41 -31.01 13.46
N ASP A 126 -33.23 -30.41 13.57
CA ASP A 126 -32.40 -30.42 14.77
C ASP A 126 -32.77 -29.23 15.65
N PRO A 127 -33.12 -29.47 16.91
CA PRO A 127 -33.64 -28.38 17.76
C PRO A 127 -32.63 -27.26 17.90
N PRO A 128 -33.08 -26.00 17.80
CA PRO A 128 -32.15 -24.87 17.99
C PRO A 128 -31.63 -24.75 19.40
N GLU A 129 -32.24 -25.44 20.38
CA GLU A 129 -31.75 -25.40 21.74
C GLU A 129 -30.40 -26.07 21.91
N LEU A 130 -29.93 -26.81 20.90
CA LEU A 130 -28.59 -27.38 20.94
C LEU A 130 -27.51 -26.33 20.77
N ILE A 131 -27.87 -25.13 20.31
CA ILE A 131 -26.89 -24.05 20.18
C ILE A 131 -26.34 -23.66 21.54
N HIS A 132 -27.17 -23.75 22.59
CA HIS A 132 -26.68 -23.48 23.93
C HIS A 132 -25.59 -24.45 24.32
N GLU A 133 -25.79 -25.74 24.06
CA GLU A 133 -24.79 -26.75 24.39
C GLU A 133 -23.53 -26.59 23.53
N LEU A 134 -23.71 -26.27 22.25
CA LEU A 134 -22.56 -26.05 21.38
C LEU A 134 -21.72 -24.88 21.87
N VAL A 135 -22.37 -23.78 22.27
CA VAL A 135 -21.64 -22.61 22.76
C VAL A 135 -20.98 -22.92 24.10
N ASP A 136 -21.66 -23.70 24.95
CA ASP A 136 -21.07 -24.09 26.22
C ASP A 136 -19.79 -24.89 26.01
N LYS A 137 -19.82 -25.87 25.10
CA LYS A 137 -18.63 -26.66 24.83
C LYS A 137 -17.54 -25.82 24.16
N TRP A 138 -17.94 -24.85 23.33
CA TRP A 138 -16.96 -23.97 22.70
C TRP A 138 -16.23 -23.12 23.73
N ARG A 139 -16.93 -22.68 24.77
CA ARG A 139 -16.32 -21.87 25.81
C ARG A 139 -15.28 -22.65 26.61
N GLU A 140 -15.38 -23.97 26.64
CA GLU A 140 -14.44 -24.81 27.36
C GLU A 140 -13.13 -25.02 26.61
N GLY A 141 -13.01 -24.55 25.38
CA GLY A 141 -11.76 -24.65 24.63
C GLY A 141 -11.81 -25.56 23.41
N TYR A 142 -12.95 -26.14 23.06
CA TYR A 142 -13.04 -26.98 21.88
C TYR A 142 -13.22 -26.14 20.63
N ASP A 143 -12.49 -26.49 19.57
CA ASP A 143 -12.54 -25.74 18.33
C ASP A 143 -13.65 -26.21 17.39
N ILE A 144 -13.98 -27.49 17.42
CA ILE A 144 -15.09 -28.04 16.65
C ILE A 144 -15.96 -28.86 17.59
N VAL A 145 -17.25 -28.52 17.64
CA VAL A 145 -18.23 -29.28 18.41
C VAL A 145 -19.26 -29.81 17.42
N TYR A 146 -19.57 -31.10 17.53
CA TYR A 146 -20.57 -31.73 16.68
C TYR A 146 -21.82 -32.04 17.48
N ALA A 147 -22.97 -31.96 16.82
CA ALA A 147 -24.24 -32.40 17.38
C ALA A 147 -24.58 -33.72 16.70
N THR A 148 -24.40 -34.82 17.42
CA THR A 148 -24.60 -36.16 16.89
C THR A 148 -25.85 -36.78 17.50
N ARG A 149 -26.66 -37.40 16.64
CA ARG A 149 -27.85 -38.09 17.11
C ARG A 149 -27.47 -39.23 18.04
N ARG A 150 -28.26 -39.41 19.10
CA ARG A 150 -27.96 -40.40 20.12
C ARG A 150 -28.41 -41.77 19.64
N SER A 151 -27.51 -42.47 18.94
CA SER A 151 -27.77 -43.82 18.41
C SER A 151 -28.99 -43.81 17.48
N ARG A 152 -28.86 -43.08 16.38
CA ARG A 152 -29.94 -42.98 15.40
C ARG A 152 -30.21 -44.34 14.77
N GLN A 153 -31.48 -44.59 14.46
CA GLN A 153 -31.89 -45.86 13.87
C GLN A 153 -31.31 -46.05 12.47
N THR A 162 -19.32 -54.39 15.23
CA THR A 162 -19.23 -54.02 13.84
C THR A 162 -17.78 -53.78 13.42
N ALA A 163 -17.30 -54.58 12.46
CA ALA A 163 -15.95 -54.39 11.94
C ALA A 163 -15.85 -53.19 11.01
N LYS A 164 -16.82 -52.67 10.46
CA LYS A 164 -16.71 -51.50 9.54
C LYS A 164 -16.24 -50.29 10.35
N MET A 165 -16.87 -50.11 11.60
CA MET A 165 -16.40 -48.97 12.39
C MET A 165 -14.90 -49.05 12.63
N PHE A 166 -14.39 -50.25 12.94
CA PHE A 166 -12.96 -50.42 13.14
C PHE A 166 -12.20 -50.17 11.85
N TYR A 167 -12.74 -50.61 10.71
CA TYR A 167 -12.09 -50.36 9.42
C TYR A 167 -12.01 -48.87 9.14
N LYS A 168 -13.10 -48.14 9.38
CA LYS A 168 -13.07 -46.69 9.19
C LYS A 168 -12.08 -46.02 10.13
N VAL A 169 -12.03 -46.47 11.38
CA VAL A 169 -11.11 -45.87 12.36
C VAL A 169 -9.66 -46.08 11.93
N ILE A 170 -9.33 -47.31 11.53
CA ILE A 170 -7.95 -47.57 11.13
C ILE A 170 -7.62 -46.90 9.79
N GLY A 171 -8.62 -46.64 8.96
CA GLY A 171 -8.39 -45.87 7.75
C GLY A 171 -8.26 -44.37 7.98
N ARG A 172 -8.77 -43.87 9.10
CA ARG A 172 -8.70 -42.44 9.38
C ARG A 172 -7.31 -42.02 9.85
N MET A 173 -6.48 -42.95 10.30
CA MET A 173 -5.08 -42.75 10.69
C MET A 173 -4.90 -41.53 11.61
N THR A 174 -5.96 -41.14 12.31
CA THR A 174 -5.93 -40.04 13.26
C THR A 174 -7.07 -40.26 14.25
N GLU A 175 -6.79 -40.11 15.54
CA GLU A 175 -7.73 -40.50 16.58
C GLU A 175 -8.97 -39.61 16.52
N ILE A 176 -10.08 -40.18 16.02
CA ILE A 176 -11.38 -39.52 16.00
C ILE A 176 -12.37 -40.45 16.70
N LYS A 177 -13.12 -39.90 17.65
CA LYS A 177 -14.03 -40.69 18.46
C LYS A 177 -15.50 -40.37 18.21
N ILE A 178 -15.79 -39.46 17.30
CA ILE A 178 -17.16 -39.02 17.05
C ILE A 178 -17.91 -40.13 16.32
N PRO A 179 -19.16 -40.42 16.68
CA PRO A 179 -19.92 -41.52 16.05
C PRO A 179 -20.01 -41.35 14.54
N PRO A 180 -20.33 -42.43 13.81
CA PRO A 180 -20.22 -42.38 12.34
C PRO A 180 -21.06 -41.31 11.66
N ASN A 181 -22.27 -41.02 12.17
CA ASN A 181 -23.10 -39.98 11.55
C ASN A 181 -22.43 -38.62 11.68
N THR A 182 -21.78 -38.38 12.82
CA THR A 182 -20.76 -37.36 13.09
C THR A 182 -21.20 -35.92 12.79
N GLY A 183 -22.44 -35.70 12.39
CA GLY A 183 -23.02 -34.37 12.50
C GLY A 183 -22.75 -33.38 11.39
N ASP A 184 -23.81 -32.86 10.76
CA ASP A 184 -23.68 -31.68 9.94
C ASP A 184 -24.07 -30.41 10.70
N PHE A 185 -24.78 -30.54 11.81
CA PHE A 185 -25.07 -29.44 12.71
C PHE A 185 -23.93 -29.32 13.70
N ARG A 186 -23.13 -28.27 13.58
CA ARG A 186 -21.88 -28.19 14.32
C ARG A 186 -21.49 -26.73 14.54
N LEU A 187 -20.51 -26.55 15.42
CA LEU A 187 -19.87 -25.26 15.64
C LEU A 187 -18.41 -25.37 15.19
N MET A 188 -17.94 -24.33 14.52
CA MET A 188 -16.52 -24.32 14.08
C MET A 188 -15.91 -22.98 14.47
N ASP A 189 -14.76 -23.01 15.13
CA ASP A 189 -14.04 -21.82 15.56
C ASP A 189 -13.50 -21.05 14.35
N ARG A 190 -13.29 -19.75 14.56
CA ARG A 190 -12.75 -18.89 13.50
C ARG A 190 -11.40 -19.43 13.00
N LYS A 191 -10.63 -20.05 13.88
CA LYS A 191 -9.36 -20.67 13.49
C LYS A 191 -9.57 -21.72 12.42
N VAL A 192 -10.55 -22.61 12.64
CA VAL A 192 -10.79 -23.70 11.70
C VAL A 192 -11.35 -23.17 10.38
N VAL A 193 -12.28 -22.22 10.44
CA VAL A 193 -12.85 -21.69 9.21
C VAL A 193 -11.84 -20.88 8.42
N ASN A 194 -10.87 -20.26 9.09
CA ASN A 194 -9.79 -19.60 8.36
C ASN A 194 -8.80 -20.61 7.78
N ALA A 195 -8.63 -21.76 8.45
CA ALA A 195 -7.71 -22.78 7.95
C ALA A 195 -8.18 -23.35 6.61
N ILE A 196 -9.49 -23.54 6.46
CA ILE A 196 -10.03 -24.29 5.33
C ILE A 196 -10.76 -23.39 4.33
N LYS A 197 -10.56 -22.07 4.40
CA LYS A 197 -11.38 -21.17 3.61
C LYS A 197 -10.98 -21.15 2.13
N GLN A 198 -9.80 -21.65 1.79
CA GLN A 198 -9.33 -21.69 0.41
C GLN A 198 -9.27 -23.11 -0.14
N LEU A 199 -9.88 -24.07 0.53
CA LEU A 199 -9.75 -25.47 0.17
C LEU A 199 -10.98 -25.95 -0.59
N PRO A 200 -10.81 -26.65 -1.70
CA PRO A 200 -12.00 -27.19 -2.40
C PRO A 200 -12.84 -28.12 -1.55
N GLU A 201 -12.24 -28.76 -0.55
CA GLU A 201 -12.97 -29.77 0.25
C GLU A 201 -13.74 -29.08 1.39
N ARG A 202 -13.76 -27.74 1.42
CA ARG A 202 -14.55 -27.02 2.45
C ARG A 202 -16.03 -27.38 2.26
N THR A 203 -16.49 -27.46 1.00
CA THR A 203 -17.91 -27.78 0.71
C THR A 203 -18.26 -29.13 1.28
N ARG A 204 -17.38 -30.12 1.14
CA ARG A 204 -17.60 -31.43 1.75
C ARG A 204 -16.62 -31.54 2.90
N PHE A 205 -16.96 -30.92 4.03
CA PHE A 205 -16.08 -30.90 5.19
C PHE A 205 -16.10 -32.24 5.92
N MET A 206 -17.20 -32.96 5.83
CA MET A 206 -17.44 -34.03 6.77
C MET A 206 -17.11 -35.40 6.18
N LYS A 207 -16.47 -35.43 5.01
CA LYS A 207 -16.06 -36.68 4.37
C LYS A 207 -14.58 -36.97 4.52
N GLY A 208 -13.88 -36.28 5.43
CA GLY A 208 -12.48 -36.56 5.66
C GLY A 208 -11.62 -35.36 5.97
N LEU A 209 -12.09 -34.15 5.62
CA LEU A 209 -11.35 -32.95 5.98
C LEU A 209 -11.38 -32.69 7.47
N PHE A 210 -12.48 -33.06 8.13
CA PHE A 210 -12.57 -32.95 9.58
C PHE A 210 -11.52 -33.81 10.25
N ALA A 211 -11.20 -34.97 9.67
CA ALA A 211 -10.18 -35.83 10.23
C ALA A 211 -8.77 -35.38 9.87
N TRP A 212 -8.64 -34.49 8.89
CA TRP A 212 -7.33 -33.98 8.50
C TRP A 212 -6.94 -32.73 9.27
N VAL A 213 -7.91 -31.87 9.58
CA VAL A 213 -7.59 -30.63 10.28
C VAL A 213 -7.06 -30.93 11.69
N GLY A 214 -7.68 -31.86 12.40
CA GLY A 214 -7.12 -32.40 13.63
C GLY A 214 -7.01 -31.44 14.80
N TYR A 215 -7.94 -30.49 14.92
CA TYR A 215 -7.91 -29.55 16.04
C TYR A 215 -8.47 -30.25 17.29
N ARG A 216 -8.80 -29.45 18.31
CA ARG A 216 -9.49 -29.97 19.49
C ARG A 216 -10.98 -30.06 19.20
N GLN A 217 -11.51 -31.29 19.23
CA GLN A 217 -12.86 -31.56 18.77
C GLN A 217 -13.62 -32.41 19.78
N THR A 218 -14.93 -32.18 19.86
CA THR A 218 -15.80 -32.92 20.75
C THR A 218 -17.16 -33.05 20.08
N PHE A 219 -18.12 -33.64 20.79
CA PHE A 219 -19.47 -33.80 20.28
C PHE A 219 -20.47 -33.62 21.41
N VAL A 220 -21.73 -33.41 21.02
CA VAL A 220 -22.85 -33.31 21.94
C VAL A 220 -23.94 -34.26 21.45
N LEU A 221 -24.48 -35.07 22.36
CA LEU A 221 -25.47 -36.08 22.01
C LEU A 221 -26.88 -35.53 22.19
N PHE A 222 -27.77 -35.88 21.26
CA PHE A 222 -29.16 -35.46 21.34
C PHE A 222 -30.03 -36.48 20.61
N ASP A 223 -31.33 -36.44 20.90
CA ASP A 223 -32.31 -37.31 20.29
C ASP A 223 -33.27 -36.50 19.43
N ARG A 224 -33.67 -37.09 18.30
CA ARG A 224 -34.64 -36.48 17.39
C ARG A 224 -35.93 -37.29 17.41
N GLU A 225 -37.06 -36.60 17.58
CA GLU A 225 -38.35 -37.29 17.63
C GLU A 225 -38.66 -38.03 16.32
N PRO A 226 -38.57 -37.43 15.14
CA PRO A 226 -38.75 -38.21 13.90
C PRO A 226 -37.46 -38.93 13.52
N ARG A 227 -37.55 -40.25 13.36
CA ARG A 227 -36.40 -41.06 13.02
C ARG A 227 -35.94 -40.77 11.59
N TRP A 234 -29.12 -45.21 7.28
CA TRP A 234 -28.39 -46.45 7.53
C TRP A 234 -27.88 -47.06 6.23
N ASN A 235 -27.62 -46.20 5.24
CA ASN A 235 -27.16 -46.66 3.94
C ASN A 235 -25.70 -47.09 4.02
N TYR A 236 -25.41 -48.30 3.52
CA TYR A 236 -24.04 -48.78 3.45
C TYR A 236 -23.28 -48.13 2.29
N TRP A 237 -23.98 -47.86 1.18
CA TRP A 237 -23.35 -47.20 0.04
C TRP A 237 -22.81 -45.83 0.43
N LYS A 238 -23.60 -45.06 1.18
CA LYS A 238 -23.10 -43.78 1.68
C LYS A 238 -21.93 -43.96 2.64
N LEU A 239 -21.99 -44.97 3.51
CA LEU A 239 -20.93 -45.19 4.48
C LEU A 239 -19.65 -45.69 3.84
N TRP A 240 -19.71 -46.17 2.61
CA TRP A 240 -18.51 -46.54 1.85
C TRP A 240 -18.04 -45.47 0.88
N ASN A 241 -18.95 -44.65 0.35
CA ASN A 241 -18.55 -43.61 -0.60
C ASN A 241 -17.67 -42.55 0.06
N PHE A 242 -17.96 -42.21 1.33
CA PHE A 242 -17.15 -41.21 2.00
C PHE A 242 -15.73 -41.74 2.25
N ALA A 243 -15.61 -43.02 2.58
CA ALA A 243 -14.28 -43.62 2.72
C ALA A 243 -13.55 -43.66 1.38
N LEU A 244 -14.27 -43.99 0.30
CA LEU A 244 -13.67 -44.02 -1.02
C LEU A 244 -13.18 -42.64 -1.43
N ASP A 245 -13.96 -41.60 -1.11
CA ASP A 245 -13.53 -40.24 -1.41
C ASP A 245 -12.34 -39.83 -0.55
N GLY A 246 -12.33 -40.23 0.72
CA GLY A 246 -11.25 -39.86 1.60
C GLY A 246 -9.92 -40.52 1.25
N ILE A 247 -9.96 -41.78 0.83
CA ILE A 247 -8.71 -42.47 0.54
C ILE A 247 -8.01 -41.90 -0.69
N PHE A 248 -8.73 -41.16 -1.54
CA PHE A 248 -8.13 -40.51 -2.70
C PHE A 248 -7.92 -39.02 -2.52
N SER A 249 -8.68 -38.38 -1.62
CA SER A 249 -8.58 -36.93 -1.43
C SER A 249 -7.39 -36.53 -0.57
N PHE A 250 -6.95 -37.40 0.34
CA PHE A 250 -5.92 -37.05 1.31
C PHE A 250 -4.74 -38.00 1.28
N SER A 251 -4.57 -38.76 0.20
CA SER A 251 -3.45 -39.68 0.10
C SER A 251 -3.17 -39.98 -1.37
N LEU A 252 -1.90 -39.94 -1.75
CA LEU A 252 -1.44 -40.42 -3.04
C LEU A 252 -1.02 -41.88 -2.99
N LEU A 253 -1.26 -42.55 -1.87
CA LEU A 253 -0.84 -43.95 -1.69
C LEU A 253 -1.43 -44.88 -2.73
N PRO A 254 -2.74 -44.84 -3.06
CA PRO A 254 -3.22 -45.74 -4.12
C PRO A 254 -2.50 -45.58 -5.44
N LEU A 255 -2.21 -44.34 -5.84
CA LEU A 255 -1.54 -44.10 -7.10
C LEU A 255 -0.13 -44.68 -7.10
N LYS A 256 0.64 -44.39 -6.05
CA LYS A 256 2.01 -44.88 -5.97
C LYS A 256 2.05 -46.41 -5.92
N VAL A 257 1.20 -47.00 -5.07
CA VAL A 257 1.20 -48.45 -4.93
C VAL A 257 0.81 -49.11 -6.24
N TRP A 258 -0.20 -48.58 -6.93
CA TRP A 258 -0.61 -49.21 -8.17
C TRP A 258 0.43 -49.01 -9.27
N THR A 259 1.10 -47.86 -9.30
CA THR A 259 2.16 -47.69 -10.29
C THR A 259 3.28 -48.69 -10.08
N TYR A 260 3.71 -48.89 -8.83
CA TYR A 260 4.78 -49.86 -8.58
C TYR A 260 4.32 -51.28 -8.86
N LEU A 261 3.07 -51.61 -8.52
CA LEU A 261 2.54 -52.94 -8.77
C LEU A 261 2.46 -53.23 -10.27
N GLY A 262 1.94 -52.26 -11.05
CA GLY A 262 1.93 -52.42 -12.48
C GLY A 262 3.33 -52.49 -13.08
N SER A 263 4.28 -51.77 -12.49
CA SER A 263 5.66 -51.84 -12.97
C SER A 263 6.25 -53.23 -12.77
N ILE A 264 6.04 -53.82 -11.59
CA ILE A 264 6.60 -55.16 -11.36
C ILE A 264 5.87 -56.20 -12.22
N ILE A 265 4.56 -56.03 -12.42
CA ILE A 265 3.81 -56.93 -13.30
C ILE A 265 4.34 -56.82 -14.74
N SER A 266 4.60 -55.59 -15.19
CA SER A 266 5.15 -55.39 -16.52
C SER A 266 6.53 -56.01 -16.66
N LEU A 267 7.37 -55.87 -15.62
CA LEU A 267 8.69 -56.48 -15.66
C LEU A 267 8.59 -58.00 -15.74
N LEU A 268 7.68 -58.60 -14.96
CA LEU A 268 7.52 -60.04 -15.02
C LEU A 268 7.01 -60.50 -16.38
N SER A 269 6.06 -59.76 -16.96
CA SER A 269 5.55 -60.11 -18.28
C SER A 269 6.64 -59.99 -19.35
N LEU A 270 7.46 -58.94 -19.28
CA LEU A 270 8.55 -58.78 -20.25
C LEU A 270 9.59 -59.88 -20.07
N ALA A 271 9.87 -60.27 -18.83
CA ALA A 271 10.78 -61.38 -18.60
C ALA A 271 10.23 -62.68 -19.20
N TYR A 272 8.94 -62.93 -19.00
CA TYR A 272 8.34 -64.12 -19.59
C TYR A 272 8.38 -64.06 -21.12
N ALA A 273 8.17 -62.88 -21.70
CA ALA A 273 8.23 -62.74 -23.16
C ALA A 273 9.64 -63.00 -23.67
N SER A 274 10.65 -62.50 -22.96
CA SER A 274 12.04 -62.78 -23.35
C SER A 274 12.35 -64.26 -23.23
N PHE A 275 11.84 -64.92 -22.18
CA PHE A 275 12.01 -66.35 -22.04
C PHE A 275 11.35 -67.11 -23.19
N LEU A 276 10.15 -66.67 -23.59
CA LEU A 276 9.43 -67.35 -24.67
C LEU A 276 10.10 -67.13 -26.01
N ILE A 277 10.68 -65.94 -26.24
CA ILE A 277 11.39 -65.71 -27.49
C ILE A 277 12.73 -66.45 -27.48
N LEU A 278 13.31 -66.67 -26.30
CA LEU A 278 14.42 -67.61 -26.20
C LEU A 278 13.95 -69.03 -26.49
N LYS A 279 12.76 -69.39 -26.00
CA LYS A 279 12.12 -70.63 -26.37
C LYS A 279 11.70 -70.58 -27.84
N THR A 280 11.33 -71.87 -28.34
CA THR A 280 10.84 -72.07 -29.75
C THR A 280 11.95 -71.86 -30.78
N ILE A 281 13.10 -71.29 -30.40
CA ILE A 281 14.26 -71.22 -31.28
C ILE A 281 15.26 -72.32 -30.94
N THR A 282 15.58 -72.48 -29.65
CA THR A 282 16.35 -73.63 -29.20
C THR A 282 15.48 -74.88 -29.13
N LEU A 283 14.21 -74.74 -28.77
CA LEU A 283 13.27 -75.85 -28.66
C LEU A 283 12.37 -75.88 -29.89
N GLY A 284 11.37 -76.76 -29.86
CA GLY A 284 10.49 -76.97 -30.99
C GLY A 284 9.51 -75.83 -31.21
N VAL A 285 8.84 -75.90 -32.36
CA VAL A 285 7.89 -74.89 -32.80
C VAL A 285 6.49 -75.52 -32.90
N ASP A 286 6.20 -76.46 -32.01
CA ASP A 286 4.95 -77.21 -32.04
C ASP A 286 3.73 -76.33 -32.30
N VAL A 287 3.64 -75.21 -31.60
CA VAL A 287 2.57 -74.24 -31.79
C VAL A 287 3.01 -73.26 -32.88
N PRO A 288 2.34 -73.22 -34.04
CA PRO A 288 2.79 -72.34 -35.12
C PRO A 288 2.61 -70.86 -34.80
N GLY A 289 1.40 -70.46 -34.43
CA GLY A 289 1.10 -69.06 -34.23
C GLY A 289 0.85 -68.67 -32.80
N TYR A 290 0.91 -69.62 -31.88
CA TYR A 290 0.67 -69.32 -30.47
C TYR A 290 1.84 -68.58 -29.85
N ALA A 291 3.07 -69.00 -30.13
CA ALA A 291 4.24 -68.42 -29.46
C ALA A 291 4.47 -66.97 -29.88
N SER A 292 4.41 -66.71 -31.19
CA SER A 292 4.62 -65.35 -31.66
C SER A 292 3.53 -64.40 -31.17
N LEU A 293 2.28 -64.88 -31.18
CA LEU A 293 1.18 -64.08 -30.66
C LEU A 293 1.35 -63.81 -29.17
N MET A 294 1.73 -64.73 -28.39
CA MET A 294 1.93 -64.51 -26.94
C MET A 294 3.06 -63.48 -26.73
N VAL A 295 4.22 -63.68 -27.48
CA VAL A 295 5.32 -62.76 -27.24
C VAL A 295 4.91 -61.34 -27.62
N ALA A 296 4.13 -61.19 -28.70
CA ALA A 296 3.65 -59.87 -29.10
C ALA A 296 2.73 -59.29 -28.04
N ILE A 297 1.79 -60.09 -27.55
CA ILE A 297 0.84 -59.62 -26.54
C ILE A 297 1.57 -59.22 -25.26
N LEU A 298 2.50 -60.06 -24.80
CA LEU A 298 3.22 -59.75 -23.57
C LEU A 298 4.09 -58.51 -23.73
N PHE A 299 4.79 -58.36 -24.86
CA PHE A 299 5.63 -57.20 -25.06
C PHE A 299 4.81 -55.92 -25.11
N LEU A 300 3.68 -55.95 -25.83
CA LEU A 300 2.82 -54.77 -25.88
C LEU A 300 2.24 -54.43 -24.51
N GLY A 301 1.78 -55.45 -23.78
CA GLY A 301 1.26 -55.20 -22.45
C GLY A 301 2.31 -54.59 -21.52
N GLY A 302 3.53 -55.10 -21.60
CA GLY A 302 4.60 -54.55 -20.78
C GLY A 302 4.94 -53.12 -21.11
N VAL A 303 5.06 -52.81 -22.41
CA VAL A 303 5.42 -51.44 -22.77
C VAL A 303 4.30 -50.46 -22.40
N GLN A 304 3.04 -50.85 -22.59
CA GLN A 304 1.95 -49.98 -22.19
C GLN A 304 1.86 -49.84 -20.67
N LEU A 305 2.16 -50.91 -19.92
CA LEU A 305 2.13 -50.79 -18.47
C LEU A 305 3.24 -49.88 -17.96
N ILE A 306 4.42 -49.93 -18.57
CA ILE A 306 5.48 -49.00 -18.19
C ILE A 306 5.08 -47.56 -18.52
N SER A 307 4.46 -47.35 -19.69
CA SER A 307 4.00 -46.01 -20.03
C SER A 307 2.97 -45.50 -19.03
N LEU A 308 2.01 -46.35 -18.66
CA LEU A 308 1.02 -45.96 -17.66
C LEU A 308 1.66 -45.66 -16.32
N GLY A 309 2.67 -46.45 -15.92
CA GLY A 309 3.34 -46.18 -14.66
C GLY A 309 4.08 -44.86 -14.63
N VAL A 310 4.81 -44.54 -15.70
CA VAL A 310 5.51 -43.26 -15.76
C VAL A 310 4.52 -42.10 -15.77
N ILE A 311 3.44 -42.24 -16.54
CA ILE A 311 2.41 -41.20 -16.57
C ILE A 311 1.80 -41.01 -15.20
N GLY A 312 1.55 -42.11 -14.48
CA GLY A 312 0.99 -42.00 -13.14
C GLY A 312 1.93 -41.31 -12.18
N GLU A 313 3.23 -41.63 -12.25
CA GLU A 313 4.19 -40.97 -11.38
C GLU A 313 4.21 -39.46 -11.62
N TYR A 314 4.27 -39.05 -12.89
CA TYR A 314 4.32 -37.62 -13.17
C TYR A 314 3.00 -36.92 -12.86
N LEU A 315 1.86 -37.62 -13.03
CA LEU A 315 0.59 -37.07 -12.62
C LEU A 315 0.52 -36.87 -11.12
N GLY A 316 1.07 -37.81 -10.36
CA GLY A 316 1.13 -37.64 -8.92
C GLY A 316 1.93 -36.42 -8.51
N ARG A 317 3.09 -36.23 -9.15
CA ARG A 317 3.89 -35.04 -8.87
C ARG A 317 3.15 -33.76 -9.25
N VAL A 318 2.43 -33.78 -10.37
CA VAL A 318 1.61 -32.63 -10.75
C VAL A 318 0.55 -32.35 -9.69
N TYR A 319 -0.06 -33.40 -9.15
CA TYR A 319 -1.05 -33.22 -8.10
C TYR A 319 -0.44 -32.58 -6.85
N GLU A 320 0.74 -33.04 -6.44
CA GLU A 320 1.41 -32.39 -5.31
C GLU A 320 1.73 -30.94 -5.61
N GLU A 321 1.96 -30.60 -6.88
CA GLU A 321 2.29 -29.22 -7.20
C GLU A 321 1.08 -28.29 -7.09
N VAL A 322 -0.08 -28.71 -7.59
CA VAL A 322 -1.25 -27.83 -7.68
C VAL A 322 -2.16 -27.94 -6.47
N LYS A 323 -1.82 -28.78 -5.49
CA LYS A 323 -2.65 -28.94 -4.30
C LYS A 323 -2.76 -27.63 -3.53
N ALA A 324 -3.99 -27.31 -3.11
CA ALA A 324 -4.23 -26.10 -2.34
C ALA A 324 -4.11 -26.33 -0.84
N ARG A 325 -4.37 -27.55 -0.37
CA ARG A 325 -4.30 -27.85 1.05
C ARG A 325 -2.86 -27.78 1.53
N PRO A 326 -2.62 -27.13 2.67
CA PRO A 326 -1.25 -26.85 3.11
C PRO A 326 -0.58 -28.08 3.69
N LEU A 327 0.68 -27.90 4.10
CA LEU A 327 1.48 -29.00 4.62
C LEU A 327 1.23 -29.23 6.11
N TYR A 328 0.93 -28.17 6.86
CA TYR A 328 0.67 -28.27 8.28
C TYR A 328 -0.32 -27.18 8.66
N LEU A 329 -0.84 -27.29 9.88
CA LEU A 329 -1.67 -26.24 10.47
C LEU A 329 -1.15 -25.94 11.86
N VAL A 330 -1.21 -24.67 12.24
CA VAL A 330 -0.68 -24.19 13.51
C VAL A 330 -1.85 -23.90 14.45
N SER A 331 -1.84 -24.45 15.63
CA SER A 331 -2.92 -24.19 16.62
C SER A 331 -2.61 -22.91 17.40
N ASP A 332 -1.43 -22.85 18.08
CA ASP A 332 -1.07 -21.68 18.87
C ASP A 332 0.40 -21.35 18.67
N LEU A 333 0.75 -20.12 19.04
CA LEU A 333 2.13 -19.64 19.01
C LEU A 333 2.47 -18.96 20.33
N TRP A 334 3.69 -19.19 20.81
CA TRP A 334 4.22 -18.51 21.99
C TRP A 334 5.50 -17.80 21.61
N GLY A 335 5.51 -16.47 21.72
CA GLY A 335 6.69 -15.71 21.37
C GLY A 335 6.82 -15.39 19.90
N LEU A 336 5.83 -15.75 19.08
CA LEU A 336 5.88 -15.58 17.65
C LEU A 336 4.56 -14.98 17.17
N GLU A 337 4.59 -14.39 15.99
CA GLU A 337 3.41 -13.86 15.33
C GLU A 337 3.09 -14.71 14.10
N TYR A 338 1.80 -14.85 13.81
CA TYR A 338 1.38 -15.72 12.72
C TYR A 338 1.89 -15.22 11.38
N LEU A 339 2.30 -16.16 10.53
CA LEU A 339 2.73 -15.81 9.19
C LEU A 339 1.51 -15.41 8.35
N PRO A 340 1.70 -14.50 7.38
CA PRO A 340 0.54 -14.01 6.61
C PRO A 340 -0.23 -15.10 5.88
N LEU A 341 0.46 -15.91 5.08
CA LEU A 341 -0.14 -17.04 4.36
C LEU A 341 -1.18 -16.57 3.35
N GLU A 342 -1.25 -15.27 3.09
CA GLU A 342 -2.20 -14.73 2.14
C GLU A 342 -1.65 -13.43 1.57
N LYS A 343 -2.19 -13.03 0.43
CA LYS A 343 -1.78 -11.80 -0.24
C LYS A 343 -2.93 -11.21 -1.04
N TYR B 23 26.88 1.14 26.89
CA TYR B 23 27.19 0.17 27.92
C TYR B 23 26.23 -1.00 27.87
N PHE B 24 24.95 -0.69 27.73
CA PHE B 24 23.89 -1.69 27.52
C PHE B 24 23.10 -1.28 26.29
N GLN B 25 23.23 -2.05 25.22
CA GLN B 25 22.54 -1.78 23.97
C GLN B 25 21.76 -3.01 23.53
N SER B 26 20.69 -2.78 22.80
CA SER B 26 19.76 -3.82 22.38
C SER B 26 19.87 -4.01 20.87
N ASN B 27 20.02 -5.27 20.44
CA ASN B 27 19.99 -5.62 19.03
C ASN B 27 18.81 -6.54 18.76
N ALA B 28 18.04 -6.22 17.73
CA ALA B 28 16.82 -6.94 17.40
C ALA B 28 17.02 -8.03 16.37
N THR B 29 18.25 -8.27 15.92
CA THR B 29 18.52 -9.28 14.92
C THR B 29 19.03 -10.56 15.57
N ILE B 30 18.49 -11.69 15.14
CA ILE B 30 18.94 -13.00 15.59
C ILE B 30 20.04 -13.47 14.65
N GLU B 31 21.12 -13.98 15.23
CA GLU B 31 22.23 -14.51 14.46
C GLU B 31 22.04 -15.98 14.09
N LEU B 32 21.29 -16.73 14.90
CA LEU B 32 21.21 -18.17 14.74
C LEU B 32 19.89 -18.67 15.26
N SER B 33 19.25 -19.56 14.50
CA SER B 33 18.00 -20.21 14.90
C SER B 33 18.24 -21.69 15.09
N ILE B 34 17.88 -22.20 16.26
CA ILE B 34 17.89 -23.62 16.55
C ILE B 34 16.45 -24.11 16.53
N VAL B 35 16.18 -25.14 15.74
CA VAL B 35 14.83 -25.68 15.55
C VAL B 35 14.80 -27.09 16.08
N ILE B 36 13.96 -27.34 17.08
CA ILE B 36 13.82 -28.63 17.71
C ILE B 36 12.35 -29.05 17.63
N PRO B 37 12.01 -29.98 16.74
CA PRO B 37 10.67 -30.58 16.79
C PRO B 37 10.56 -31.56 17.95
N MET B 38 9.51 -31.43 18.73
CA MET B 38 9.32 -32.23 19.94
C MET B 38 8.04 -33.04 19.85
N TYR B 39 8.11 -34.27 20.36
CA TYR B 39 6.96 -35.16 20.40
C TYR B 39 7.18 -36.12 21.55
N ASN B 40 6.41 -35.94 22.63
CA ASN B 40 6.53 -36.73 23.86
C ASN B 40 7.93 -36.61 24.45
N GLU B 41 8.48 -35.40 24.42
CA GLU B 41 9.77 -35.12 25.05
C GLU B 41 9.54 -34.51 26.42
N GLU B 42 8.93 -35.29 27.31
CA GLU B 42 8.40 -34.71 28.54
C GLU B 42 9.50 -34.37 29.54
N ASP B 43 10.16 -35.39 30.08
CA ASP B 43 11.10 -35.16 31.17
C ASP B 43 12.53 -34.95 30.68
N ASN B 44 12.67 -34.62 29.39
CA ASN B 44 14.02 -34.43 28.80
C ASN B 44 14.25 -32.96 28.47
N LEU B 45 13.25 -32.10 28.66
CA LEU B 45 13.38 -30.68 28.26
C LEU B 45 14.49 -29.99 29.06
N GLU B 46 14.59 -30.27 30.37
CA GLU B 46 15.60 -29.60 31.22
C GLU B 46 17.01 -29.91 30.71
N HIS B 47 17.36 -31.20 30.62
CA HIS B 47 18.69 -31.59 30.16
C HIS B 47 18.99 -31.05 28.77
N LEU B 48 18.01 -31.11 27.87
CA LEU B 48 18.21 -30.62 26.52
C LEU B 48 18.58 -29.15 26.51
N PHE B 49 17.82 -28.34 27.26
CA PHE B 49 18.10 -26.92 27.30
C PHE B 49 19.39 -26.63 28.06
N ALA B 50 19.70 -27.44 29.07
CA ALA B 50 20.97 -27.27 29.78
C ALA B 50 22.14 -27.43 28.83
N ARG B 51 22.16 -28.51 28.06
CA ARG B 51 23.25 -28.72 27.10
C ARG B 51 23.26 -27.64 26.03
N LEU B 52 22.08 -27.26 25.53
CA LEU B 52 22.02 -26.24 24.49
C LEU B 52 22.61 -24.92 24.96
N LEU B 53 22.26 -24.49 26.17
CA LEU B 53 22.82 -23.23 26.66
C LEU B 53 24.27 -23.37 27.07
N GLU B 54 24.69 -24.55 27.55
CA GLU B 54 26.10 -24.75 27.86
C GLU B 54 26.97 -24.68 26.61
N VAL B 55 26.41 -24.99 25.43
CA VAL B 55 27.16 -24.85 24.19
C VAL B 55 27.02 -23.46 23.59
N LEU B 56 25.82 -22.88 23.64
CA LEU B 56 25.52 -21.68 22.86
C LEU B 56 26.07 -20.41 23.49
N THR B 57 26.11 -20.32 24.81
CA THR B 57 26.53 -19.06 25.43
C THR B 57 28.01 -18.73 25.26
N PRO B 58 28.93 -19.70 25.18
CA PRO B 58 30.31 -19.34 24.81
C PRO B 58 30.44 -18.75 23.42
N LEU B 59 29.46 -18.96 22.54
CA LEU B 59 29.53 -18.41 21.18
C LEU B 59 29.39 -16.90 21.16
N LYS B 60 28.80 -16.31 22.19
CA LYS B 60 28.64 -14.85 22.29
C LYS B 60 27.90 -14.28 21.09
N ILE B 61 26.85 -14.98 20.64
CA ILE B 61 26.01 -14.51 19.54
C ILE B 61 24.56 -14.56 19.98
N THR B 62 23.73 -13.77 19.30
CA THR B 62 22.31 -13.77 19.57
C THR B 62 21.65 -14.97 18.90
N TYR B 63 20.75 -15.63 19.62
CA TYR B 63 20.14 -16.85 19.12
C TYR B 63 18.71 -16.97 19.63
N GLU B 64 17.94 -17.82 18.97
CA GLU B 64 16.62 -18.22 19.41
C GLU B 64 16.49 -19.72 19.27
N ILE B 65 15.62 -20.30 20.09
CA ILE B 65 15.32 -21.73 20.02
C ILE B 65 13.84 -21.86 19.68
N ILE B 66 13.55 -22.39 18.50
CA ILE B 66 12.18 -22.61 18.06
C ILE B 66 11.81 -24.06 18.38
N CYS B 67 10.79 -24.24 19.22
CA CYS B 67 10.35 -25.55 19.65
C CYS B 67 9.00 -25.83 19.00
N VAL B 68 8.92 -26.94 18.27
CA VAL B 68 7.71 -27.31 17.55
C VAL B 68 7.11 -28.53 18.21
N ASN B 69 5.89 -28.38 18.72
CA ASN B 69 5.12 -29.49 19.28
C ASN B 69 4.12 -29.94 18.22
N ASP B 70 4.21 -31.24 17.92
CA ASP B 70 3.32 -31.88 16.90
C ASP B 70 2.38 -32.86 17.61
N GLY B 71 1.38 -32.36 18.32
CA GLY B 71 0.40 -33.24 18.94
C GLY B 71 0.92 -34.24 19.93
N SER B 72 1.77 -33.82 20.85
CA SER B 72 2.26 -34.70 21.91
C SER B 72 1.10 -35.12 22.81
N LYS B 73 1.16 -36.35 23.31
CA LYS B 73 0.11 -36.87 24.17
C LYS B 73 0.43 -36.78 25.65
N ASP B 74 1.70 -36.67 26.02
CA ASP B 74 2.07 -36.42 27.40
C ASP B 74 2.01 -34.93 27.66
N LYS B 75 2.51 -34.48 28.82
CA LYS B 75 2.43 -33.06 29.16
C LYS B 75 3.73 -32.34 28.79
N THR B 76 4.07 -32.42 27.51
CA THR B 76 5.24 -31.71 26.99
C THR B 76 4.98 -30.21 26.87
N LEU B 77 3.76 -29.84 26.48
CA LEU B 77 3.48 -28.44 26.18
C LEU B 77 3.44 -27.58 27.43
N LYS B 78 2.97 -28.12 28.56
CA LYS B 78 2.91 -27.31 29.78
C LYS B 78 4.31 -26.97 30.27
N GLN B 79 5.25 -27.92 30.20
CA GLN B 79 6.61 -27.63 30.59
C GLN B 79 7.34 -26.81 29.54
N LEU B 80 6.95 -26.93 28.28
CA LEU B 80 7.45 -26.01 27.27
C LEU B 80 7.06 -24.58 27.60
N ILE B 81 5.81 -24.37 28.04
CA ILE B 81 5.36 -23.03 28.41
C ILE B 81 6.05 -22.55 29.67
N ASP B 82 6.29 -23.45 30.62
CA ASP B 82 7.05 -23.10 31.81
C ASP B 82 8.46 -22.64 31.46
N CYS B 83 9.11 -23.34 30.52
CA CYS B 83 10.43 -22.91 30.06
C CYS B 83 10.35 -21.58 29.30
N TYR B 84 9.29 -21.39 28.53
CA TYR B 84 9.11 -20.15 27.77
C TYR B 84 8.95 -18.94 28.69
N GLN B 85 8.36 -19.14 29.87
CA GLN B 85 8.16 -18.01 30.78
C GLN B 85 9.47 -17.48 31.35
N SER B 86 10.44 -18.35 31.59
CA SER B 86 11.69 -17.96 32.25
C SER B 86 12.86 -17.85 31.29
N ASN B 87 12.62 -17.85 29.99
CA ASN B 87 13.70 -17.79 29.00
C ASN B 87 13.20 -17.02 27.78
N ARG B 88 13.83 -15.88 27.49
CA ARG B 88 13.41 -15.06 26.36
C ARG B 88 13.80 -15.64 25.02
N GLN B 89 14.71 -16.60 24.98
CA GLN B 89 15.20 -17.15 23.73
C GLN B 89 14.41 -18.36 23.25
N ILE B 90 13.38 -18.77 24.00
CA ILE B 90 12.59 -19.95 23.69
C ILE B 90 11.27 -19.50 23.08
N LYS B 91 10.92 -20.08 21.93
CA LYS B 91 9.65 -19.85 21.27
C LYS B 91 9.01 -21.19 20.93
N ILE B 92 7.68 -21.23 20.91
CA ILE B 92 6.93 -22.47 20.74
C ILE B 92 6.02 -22.35 19.53
N VAL B 93 6.07 -23.37 18.68
CA VAL B 93 5.10 -23.55 17.59
C VAL B 93 4.28 -24.78 17.91
N ASN B 94 2.97 -24.60 18.08
CA ASN B 94 2.05 -25.69 18.36
C ASN B 94 1.28 -26.01 17.08
N LEU B 95 1.35 -27.26 16.66
CA LEU B 95 0.64 -27.70 15.46
C LEU B 95 -0.72 -28.26 15.84
N SER B 96 -1.64 -28.21 14.87
CA SER B 96 -3.03 -28.57 15.16
C SER B 96 -3.15 -30.05 15.54
N ARG B 97 -2.39 -30.91 14.89
CA ARG B 97 -2.36 -32.33 15.22
C ARG B 97 -0.93 -32.84 15.04
N ASN B 98 -0.79 -34.16 15.06
CA ASN B 98 0.49 -34.83 14.90
C ASN B 98 0.76 -35.04 13.42
N PHE B 99 1.45 -34.10 12.80
CA PHE B 99 2.00 -34.31 11.47
C PHE B 99 3.35 -35.00 11.61
N GLY B 100 4.07 -35.19 10.52
CA GLY B 100 5.36 -35.84 10.60
C GLY B 100 6.40 -34.99 11.29
N LYS B 101 7.52 -35.63 11.64
CA LYS B 101 8.65 -34.89 12.21
C LYS B 101 9.31 -34.01 11.17
N GLU B 102 9.32 -34.44 9.91
CA GLU B 102 9.84 -33.60 8.83
C GLU B 102 8.96 -32.39 8.60
N ILE B 103 7.65 -32.56 8.70
CA ILE B 103 6.75 -31.42 8.58
C ILE B 103 6.90 -30.48 9.77
N ALA B 104 7.16 -31.03 10.95
CA ALA B 104 7.44 -30.19 12.11
C ALA B 104 8.72 -29.39 11.93
N LEU B 105 9.75 -30.00 11.35
CA LEU B 105 10.97 -29.27 11.04
C LEU B 105 10.71 -28.17 10.01
N SER B 106 9.88 -28.47 9.01
CA SER B 106 9.54 -27.45 8.01
C SER B 106 8.80 -26.28 8.65
N ALA B 107 7.86 -26.56 9.55
CA ALA B 107 7.13 -25.50 10.24
C ALA B 107 8.07 -24.65 11.09
N GLY B 108 8.97 -25.30 11.82
CA GLY B 108 9.93 -24.55 12.62
C GLY B 108 10.83 -23.66 11.79
N ILE B 109 11.34 -24.18 10.67
CA ILE B 109 12.18 -23.38 9.79
C ILE B 109 11.37 -22.24 9.17
N ASP B 110 10.09 -22.48 8.88
CA ASP B 110 9.23 -21.42 8.38
C ASP B 110 9.06 -20.29 9.39
N TYR B 111 9.02 -20.64 10.67
CA TYR B 111 8.85 -19.62 11.71
C TYR B 111 10.16 -19.10 12.27
N ALA B 112 11.30 -19.57 11.77
CA ALA B 112 12.60 -19.17 12.29
C ALA B 112 13.11 -17.93 11.57
N GLN B 113 13.58 -16.97 12.35
CA GLN B 113 14.23 -15.76 11.85
C GLN B 113 15.65 -15.73 12.38
N GLY B 114 16.62 -15.70 11.49
CA GLY B 114 18.01 -15.76 11.87
C GLY B 114 18.89 -15.89 10.65
N ASN B 115 20.16 -15.51 10.78
CA ASN B 115 21.04 -15.55 9.62
C ASN B 115 21.39 -16.97 9.23
N ALA B 116 21.54 -17.85 10.22
CA ALA B 116 21.72 -19.27 9.99
C ALA B 116 20.64 -20.04 10.75
N VAL B 117 20.24 -21.18 10.20
CA VAL B 117 19.26 -22.06 10.82
C VAL B 117 19.91 -23.42 11.01
N ILE B 118 19.79 -23.97 12.22
CA ILE B 118 20.33 -25.29 12.53
C ILE B 118 19.24 -26.19 13.08
N PRO B 119 18.77 -27.18 12.32
CA PRO B 119 17.83 -28.16 12.89
C PRO B 119 18.55 -29.09 13.86
N ILE B 120 17.99 -29.23 15.06
CA ILE B 120 18.58 -30.01 16.14
C ILE B 120 17.60 -31.09 16.54
N ASP B 121 18.11 -32.31 16.72
CA ASP B 121 17.28 -33.41 17.17
C ASP B 121 17.16 -33.39 18.69
N ALA B 122 15.97 -33.72 19.19
CA ALA B 122 15.66 -33.49 20.60
C ALA B 122 16.39 -34.45 21.52
N ASP B 123 16.80 -35.62 21.03
CA ASP B 123 17.49 -36.58 21.89
C ASP B 123 19.00 -36.37 21.92
N LEU B 124 19.52 -35.44 21.12
CA LEU B 124 20.95 -35.09 21.13
C LEU B 124 21.83 -36.31 20.86
N GLN B 125 21.42 -37.12 19.89
CA GLN B 125 22.28 -38.21 19.44
C GLN B 125 23.55 -37.67 18.79
N ASP B 126 23.43 -36.58 18.04
CA ASP B 126 24.56 -35.81 17.52
C ASP B 126 24.96 -34.74 18.53
N PRO B 127 26.22 -34.71 18.96
CA PRO B 127 26.61 -33.80 20.04
C PRO B 127 26.35 -32.35 19.68
N PRO B 128 25.80 -31.57 20.61
CA PRO B 128 25.58 -30.13 20.34
C PRO B 128 26.86 -29.34 20.19
N GLU B 129 28.01 -29.89 20.58
CA GLU B 129 29.28 -29.20 20.41
C GLU B 129 29.68 -29.06 18.94
N LEU B 130 29.01 -29.76 18.03
CA LEU B 130 29.24 -29.57 16.61
C LEU B 130 28.71 -28.24 16.10
N ILE B 131 27.86 -27.57 16.87
CA ILE B 131 27.36 -26.27 16.46
C ILE B 131 28.49 -25.25 16.39
N HIS B 132 29.48 -25.39 17.26
CA HIS B 132 30.64 -24.51 17.19
C HIS B 132 31.37 -24.67 15.86
N GLU B 133 31.58 -25.92 15.43
CA GLU B 133 32.26 -26.16 14.15
C GLU B 133 31.41 -25.70 12.98
N LEU B 134 30.10 -25.92 13.04
CA LEU B 134 29.21 -25.45 11.98
C LEU B 134 29.25 -23.94 11.85
N VAL B 135 29.22 -23.22 12.97
CA VAL B 135 29.27 -21.77 12.94
C VAL B 135 30.64 -21.29 12.47
N ASP B 136 31.70 -21.98 12.87
CA ASP B 136 33.03 -21.63 12.39
C ASP B 136 33.13 -21.74 10.87
N LYS B 137 32.64 -22.84 10.32
CA LYS B 137 32.67 -23.00 8.86
C LYS B 137 31.74 -22.01 8.17
N TRP B 138 30.62 -21.66 8.80
CA TRP B 138 29.72 -20.67 8.21
C TRP B 138 30.38 -19.30 8.13
N ARG B 139 31.19 -18.94 9.14
CA ARG B 139 31.87 -17.65 9.13
C ARG B 139 32.91 -17.55 8.02
N GLU B 140 33.41 -18.68 7.52
CA GLU B 140 34.38 -18.69 6.44
C GLU B 140 33.76 -18.46 5.07
N GLY B 141 32.44 -18.41 4.96
CA GLY B 141 31.79 -18.14 3.69
C GLY B 141 30.98 -19.28 3.12
N TYR B 142 30.85 -20.42 3.80
CA TYR B 142 30.05 -21.52 3.28
C TYR B 142 28.59 -21.31 3.61
N ASP B 143 27.73 -21.58 2.63
CA ASP B 143 26.30 -21.37 2.79
C ASP B 143 25.59 -22.58 3.39
N ILE B 144 26.08 -23.78 3.12
CA ILE B 144 25.54 -25.00 3.71
C ILE B 144 26.71 -25.80 4.27
N VAL B 145 26.63 -26.12 5.56
CA VAL B 145 27.61 -26.97 6.22
C VAL B 145 26.88 -28.21 6.72
N TYR B 146 27.44 -29.38 6.45
CA TYR B 146 26.87 -30.64 6.89
C TYR B 146 27.73 -31.24 7.99
N ALA B 147 27.07 -31.93 8.92
CA ALA B 147 27.74 -32.73 9.93
C ALA B 147 27.58 -34.18 9.53
N THR B 148 28.66 -34.77 9.01
CA THR B 148 28.64 -36.14 8.50
C THR B 148 29.42 -37.05 9.43
N ARG B 149 28.84 -38.22 9.71
CA ARG B 149 29.52 -39.21 10.53
C ARG B 149 30.80 -39.67 9.84
N ARG B 150 31.85 -39.87 10.64
CA ARG B 150 33.17 -40.21 10.11
C ARG B 150 33.19 -41.70 9.82
N SER B 151 32.80 -42.07 8.60
CA SER B 151 32.78 -43.46 8.14
C SER B 151 31.91 -44.33 9.05
N ARG B 152 30.62 -44.02 9.07
CA ARG B 152 29.67 -44.76 9.89
C ARG B 152 29.57 -46.20 9.41
N GLN B 153 29.37 -47.10 10.36
CA GLN B 153 29.26 -48.53 10.05
C GLN B 153 28.03 -48.84 9.22
N THR B 162 33.66 -49.09 -4.54
CA THR B 162 32.22 -49.19 -4.71
C THR B 162 31.75 -48.43 -5.94
N ALA B 163 31.14 -49.16 -6.89
CA ALA B 163 30.60 -48.51 -8.08
C ALA B 163 29.31 -47.77 -7.80
N LYS B 164 28.59 -47.98 -6.81
CA LYS B 164 27.32 -47.26 -6.55
C LYS B 164 27.63 -45.79 -6.27
N MET B 165 28.74 -45.54 -5.42
CA MET B 165 29.08 -44.14 -5.19
C MET B 165 29.33 -43.42 -6.51
N PHE B 166 30.05 -44.06 -7.43
CA PHE B 166 30.30 -43.45 -8.73
C PHE B 166 29.01 -43.29 -9.51
N TYR B 167 28.11 -44.27 -9.43
CA TYR B 167 26.82 -44.15 -10.12
C TYR B 167 26.03 -42.97 -9.58
N LYS B 168 25.98 -42.82 -8.26
CA LYS B 168 25.27 -41.68 -7.66
C LYS B 168 25.92 -40.36 -8.08
N VAL B 169 27.26 -40.31 -8.10
CA VAL B 169 27.95 -39.08 -8.46
C VAL B 169 27.64 -38.69 -9.90
N ILE B 170 27.71 -39.66 -10.82
CA ILE B 170 27.42 -39.35 -12.22
C ILE B 170 25.95 -39.06 -12.45
N GLY B 171 25.06 -39.59 -11.59
CA GLY B 171 23.66 -39.22 -11.67
C GLY B 171 23.34 -37.86 -11.07
N ARG B 172 24.21 -37.34 -10.21
CA ARG B 172 23.96 -36.05 -9.59
C ARG B 172 24.24 -34.89 -10.52
N MET B 173 25.01 -35.12 -11.61
CA MET B 173 25.31 -34.16 -12.66
C MET B 173 25.73 -32.79 -12.13
N THR B 174 26.23 -32.75 -10.90
CA THR B 174 26.73 -31.54 -10.26
C THR B 174 27.71 -31.95 -9.18
N GLU B 175 28.87 -31.30 -9.16
CA GLU B 175 29.98 -31.74 -8.31
C GLU B 175 29.60 -31.62 -6.84
N ILE B 176 29.34 -32.76 -6.21
CA ILE B 176 29.07 -32.86 -4.78
C ILE B 176 30.05 -33.86 -4.19
N LYS B 177 30.74 -33.48 -3.12
CA LYS B 177 31.78 -34.31 -2.54
C LYS B 177 31.41 -34.83 -1.15
N ILE B 178 30.23 -34.50 -0.64
CA ILE B 178 29.86 -34.88 0.72
C ILE B 178 29.56 -36.38 0.76
N PRO B 179 30.00 -37.10 1.80
CA PRO B 179 29.80 -38.56 1.85
C PRO B 179 28.33 -38.94 1.74
N PRO B 180 28.03 -40.20 1.41
CA PRO B 180 26.64 -40.57 1.09
C PRO B 180 25.62 -40.31 2.18
N ASN B 181 25.98 -40.49 3.46
CA ASN B 181 25.03 -40.23 4.54
C ASN B 181 24.67 -38.75 4.58
N THR B 182 25.65 -37.89 4.31
CA THR B 182 25.54 -36.48 3.92
C THR B 182 24.74 -35.61 4.88
N GLY B 183 24.28 -36.14 6.01
CA GLY B 183 23.91 -35.29 7.13
C GLY B 183 22.51 -34.70 7.14
N ASP B 184 21.74 -34.98 8.20
CA ASP B 184 20.54 -34.20 8.46
C ASP B 184 20.79 -33.11 9.50
N PHE B 185 21.88 -33.20 10.25
CA PHE B 185 22.32 -32.16 11.17
C PHE B 185 23.21 -31.20 10.38
N ARG B 186 22.72 -30.00 10.14
CA ARG B 186 23.39 -29.10 9.20
C ARG B 186 23.08 -27.65 9.54
N LEU B 187 23.83 -26.76 8.93
CA LEU B 187 23.58 -25.32 8.96
C LEU B 187 23.20 -24.86 7.57
N MET B 188 22.21 -24.00 7.48
CA MET B 188 21.80 -23.44 6.17
C MET B 188 21.69 -21.92 6.30
N ASP B 189 22.33 -21.19 5.39
CA ASP B 189 22.30 -19.74 5.35
C ASP B 189 20.90 -19.23 5.01
N ARG B 190 20.63 -17.99 5.44
CA ARG B 190 19.34 -17.36 5.16
C ARG B 190 19.07 -17.32 3.66
N LYS B 191 20.11 -17.17 2.85
CA LYS B 191 19.97 -17.20 1.40
C LYS B 191 19.35 -18.51 0.93
N VAL B 192 19.87 -19.64 1.42
CA VAL B 192 19.39 -20.94 1.00
C VAL B 192 17.96 -21.18 1.48
N VAL B 193 17.67 -20.83 2.74
CA VAL B 193 16.33 -21.06 3.27
C VAL B 193 15.31 -20.16 2.59
N ASN B 194 15.71 -18.97 2.13
CA ASN B 194 14.79 -18.14 1.35
C ASN B 194 14.62 -18.68 -0.07
N ALA B 195 15.66 -19.32 -0.61
CA ALA B 195 15.57 -19.88 -1.96
C ALA B 195 14.52 -21.00 -2.04
N ILE B 196 14.44 -21.82 -1.00
CA ILE B 196 13.65 -23.05 -1.05
C ILE B 196 12.39 -22.98 -0.19
N LYS B 197 11.99 -21.78 0.24
CA LYS B 197 10.92 -21.68 1.22
C LYS B 197 9.54 -21.94 0.63
N GLN B 198 9.40 -21.88 -0.70
CA GLN B 198 8.14 -22.12 -1.38
C GLN B 198 8.13 -23.43 -2.15
N LEU B 199 9.10 -24.30 -1.92
CA LEU B 199 9.27 -25.51 -2.73
C LEU B 199 8.72 -26.72 -1.99
N PRO B 200 7.93 -27.57 -2.65
CA PRO B 200 7.46 -28.80 -1.96
C PRO B 200 8.60 -29.69 -1.49
N GLU B 201 9.75 -29.63 -2.13
CA GLU B 201 10.86 -30.55 -1.79
C GLU B 201 11.68 -29.98 -0.61
N ARG B 202 11.22 -28.90 0.00
CA ARG B 202 11.92 -28.36 1.19
C ARG B 202 11.87 -29.42 2.30
N THR B 203 10.73 -30.10 2.45
CA THR B 203 10.56 -31.13 3.51
C THR B 203 11.58 -32.23 3.31
N ARG B 204 11.81 -32.66 2.07
CA ARG B 204 12.84 -33.65 1.80
C ARG B 204 13.96 -32.91 1.09
N PHE B 205 14.78 -32.21 1.86
CA PHE B 205 15.87 -31.42 1.29
C PHE B 205 17.03 -32.29 0.85
N MET B 206 17.19 -33.45 1.48
CA MET B 206 18.45 -34.14 1.38
C MET B 206 18.40 -35.29 0.38
N LYS B 207 17.33 -35.37 -0.41
CA LYS B 207 17.17 -36.40 -1.43
C LYS B 207 17.43 -35.88 -2.84
N GLY B 208 18.02 -34.70 -2.98
CA GLY B 208 18.35 -34.19 -4.30
C GLY B 208 18.22 -32.70 -4.46
N LEU B 209 17.46 -32.04 -3.58
CA LEU B 209 17.35 -30.59 -3.63
C LEU B 209 18.66 -29.92 -3.23
N PHE B 210 19.40 -30.54 -2.31
CA PHE B 210 20.71 -30.04 -1.93
C PHE B 210 21.66 -30.04 -3.11
N ALA B 211 21.54 -31.01 -4.01
CA ALA B 211 22.37 -31.07 -5.20
C ALA B 211 21.87 -30.14 -6.30
N TRP B 212 20.64 -29.64 -6.19
CA TRP B 212 20.10 -28.73 -7.18
C TRP B 212 20.37 -27.26 -6.83
N VAL B 213 20.35 -26.93 -5.54
CA VAL B 213 20.56 -25.54 -5.15
C VAL B 213 21.98 -25.09 -5.51
N GLY B 214 22.98 -25.93 -5.25
CA GLY B 214 24.33 -25.72 -5.75
C GLY B 214 25.07 -24.51 -5.23
N TYR B 215 24.84 -24.14 -3.97
CA TYR B 215 25.55 -23.01 -3.38
C TYR B 215 26.96 -23.45 -2.98
N ARG B 216 27.62 -22.64 -2.16
CA ARG B 216 28.91 -23.01 -1.58
C ARG B 216 28.67 -23.90 -0.36
N GLN B 217 29.13 -25.15 -0.43
CA GLN B 217 28.79 -26.17 0.54
C GLN B 217 30.04 -26.90 1.02
N THR B 218 30.03 -27.31 2.28
CA THR B 218 31.12 -28.07 2.88
C THR B 218 30.53 -29.04 3.90
N PHE B 219 31.41 -29.75 4.60
CA PHE B 219 30.98 -30.69 5.63
C PHE B 219 31.97 -30.66 6.79
N VAL B 220 31.52 -31.22 7.92
CA VAL B 220 32.34 -31.39 9.11
C VAL B 220 32.22 -32.83 9.56
N LEU B 221 33.35 -33.47 9.83
CA LEU B 221 33.38 -34.88 10.20
C LEU B 221 33.35 -35.05 11.70
N PHE B 222 32.60 -36.06 12.16
CA PHE B 222 32.51 -36.36 13.58
C PHE B 222 32.19 -37.83 13.77
N ASP B 223 32.45 -38.32 14.98
CA ASP B 223 32.18 -39.71 15.34
C ASP B 223 31.08 -39.77 16.40
N ARG B 224 30.25 -40.79 16.30
CA ARG B 224 29.17 -41.05 17.26
C ARG B 224 29.48 -42.31 18.04
N GLU B 225 29.38 -42.23 19.36
CA GLU B 225 29.67 -43.41 20.19
C GLU B 225 28.71 -44.57 19.91
N PRO B 226 27.39 -44.40 19.89
CA PRO B 226 26.52 -45.52 19.49
C PRO B 226 26.43 -45.61 17.97
N ARG B 227 26.75 -46.78 17.44
CA ARG B 227 26.73 -47.01 15.99
C ARG B 227 25.30 -47.01 15.47
N TRP B 234 22.89 -48.73 6.75
CA TRP B 234 23.57 -49.32 5.60
C TRP B 234 22.58 -49.99 4.67
N ASN B 235 21.35 -49.47 4.64
CA ASN B 235 20.30 -50.03 3.80
C ASN B 235 20.55 -49.67 2.34
N TYR B 236 20.51 -50.68 1.47
CA TYR B 236 20.62 -50.43 0.03
C TYR B 236 19.31 -49.91 -0.54
N TRP B 237 18.17 -50.36 -0.01
CA TRP B 237 16.87 -49.87 -0.47
C TRP B 237 16.74 -48.37 -0.26
N LYS B 238 17.18 -47.88 0.89
CA LYS B 238 17.18 -46.44 1.13
C LYS B 238 18.15 -45.72 0.19
N LEU B 239 19.32 -46.31 -0.06
CA LEU B 239 20.31 -45.68 -0.91
C LEU B 239 19.91 -45.68 -2.38
N TRP B 240 18.92 -46.49 -2.76
CA TRP B 240 18.35 -46.46 -4.11
C TRP B 240 17.06 -45.65 -4.21
N ASN B 241 16.26 -45.58 -3.14
CA ASN B 241 15.02 -44.84 -3.20
C ASN B 241 15.26 -43.34 -3.39
N PHE B 242 16.31 -42.81 -2.76
CA PHE B 242 16.60 -41.39 -2.91
C PHE B 242 17.01 -41.06 -4.34
N ALA B 243 17.79 -41.95 -4.97
CA ALA B 243 18.14 -41.76 -6.37
C ALA B 243 16.91 -41.87 -7.26
N LEU B 244 16.02 -42.83 -6.97
CA LEU B 244 14.79 -42.97 -7.75
C LEU B 244 13.91 -41.73 -7.62
N ASP B 245 13.84 -41.15 -6.43
CA ASP B 245 13.06 -39.93 -6.25
C ASP B 245 13.72 -38.75 -6.96
N GLY B 246 15.05 -38.67 -6.92
CA GLY B 246 15.75 -37.58 -7.56
C GLY B 246 15.67 -37.59 -9.08
N ILE B 247 15.72 -38.78 -9.69
CA ILE B 247 15.71 -38.85 -11.14
C ILE B 247 14.35 -38.43 -11.71
N PHE B 248 13.30 -38.42 -10.90
CA PHE B 248 11.99 -37.97 -11.35
C PHE B 248 11.62 -36.59 -10.82
N SER B 249 12.23 -36.15 -9.72
CA SER B 249 11.89 -34.86 -9.14
C SER B 249 12.55 -33.69 -9.85
N PHE B 250 13.72 -33.90 -10.46
CA PHE B 250 14.49 -32.82 -11.04
C PHE B 250 14.82 -33.05 -12.51
N SER B 251 14.08 -33.93 -13.19
CA SER B 251 14.32 -34.17 -14.59
C SER B 251 13.07 -34.76 -15.23
N LEU B 252 12.70 -34.23 -16.39
CA LEU B 252 11.66 -34.81 -17.24
C LEU B 252 12.24 -35.80 -18.25
N LEU B 253 13.53 -36.10 -18.13
CA LEU B 253 14.19 -36.99 -19.09
C LEU B 253 13.56 -38.37 -19.17
N PRO B 254 13.22 -39.06 -18.07
CA PRO B 254 12.57 -40.37 -18.23
C PRO B 254 11.27 -40.29 -19.02
N LEU B 255 10.45 -39.27 -18.79
CA LEU B 255 9.18 -39.15 -19.50
C LEU B 255 9.41 -38.95 -21.00
N LYS B 256 10.29 -38.02 -21.36
CA LYS B 256 10.56 -37.74 -22.77
C LYS B 256 11.14 -38.95 -23.46
N VAL B 257 12.13 -39.57 -22.84
CA VAL B 257 12.80 -40.73 -23.46
C VAL B 257 11.81 -41.86 -23.64
N TRP B 258 10.97 -42.13 -22.64
CA TRP B 258 10.04 -43.24 -22.78
C TRP B 258 8.94 -42.92 -23.79
N THR B 259 8.50 -41.66 -23.89
CA THR B 259 7.52 -41.32 -24.91
C THR B 259 8.08 -41.54 -26.30
N TYR B 260 9.33 -41.12 -26.54
CA TYR B 260 9.90 -41.32 -27.87
C TYR B 260 10.17 -42.80 -28.14
N LEU B 261 10.58 -43.55 -27.13
CA LEU B 261 10.82 -44.98 -27.31
C LEU B 261 9.53 -45.71 -27.62
N GLY B 262 8.46 -45.41 -26.88
CA GLY B 262 7.17 -46.00 -27.20
C GLY B 262 6.65 -45.58 -28.55
N SER B 263 6.95 -44.34 -28.97
CA SER B 263 6.54 -43.90 -30.29
C SER B 263 7.23 -44.69 -31.39
N ILE B 264 8.53 -44.91 -31.27
CA ILE B 264 9.22 -45.68 -32.31
C ILE B 264 8.79 -47.14 -32.28
N ILE B 265 8.54 -47.68 -31.08
CA ILE B 265 8.03 -49.06 -30.99
C ILE B 265 6.66 -49.17 -31.66
N SER B 266 5.79 -48.18 -31.42
CA SER B 266 4.48 -48.16 -32.04
C SER B 266 4.59 -48.06 -33.56
N LEU B 267 5.50 -47.22 -34.05
CA LEU B 267 5.69 -47.10 -35.49
C LEU B 267 6.16 -48.42 -36.09
N LEU B 268 7.10 -49.09 -35.42
CA LEU B 268 7.58 -50.39 -35.93
C LEU B 268 6.46 -51.42 -35.92
N SER B 269 5.64 -51.45 -34.87
CA SER B 269 4.53 -52.39 -34.81
C SER B 269 3.50 -52.12 -35.89
N LEU B 270 3.19 -50.83 -36.13
CA LEU B 270 2.25 -50.49 -37.18
C LEU B 270 2.80 -50.83 -38.56
N ALA B 271 4.09 -50.64 -38.77
CA ALA B 271 4.72 -51.05 -40.03
C ALA B 271 4.63 -52.55 -40.22
N TYR B 272 4.89 -53.32 -39.16
CA TYR B 272 4.76 -54.77 -39.27
C TYR B 272 3.31 -55.18 -39.54
N ALA B 273 2.35 -54.50 -38.93
CA ALA B 273 0.95 -54.80 -39.18
C ALA B 273 0.56 -54.50 -40.62
N SER B 274 1.05 -53.39 -41.17
CA SER B 274 0.79 -53.07 -42.57
C SER B 274 1.44 -54.10 -43.49
N PHE B 275 2.65 -54.56 -43.15
CA PHE B 275 3.30 -55.60 -43.92
C PHE B 275 2.49 -56.91 -43.86
N LEU B 276 1.95 -57.24 -42.69
CA LEU B 276 1.20 -58.48 -42.55
C LEU B 276 -0.15 -58.40 -43.27
N ILE B 277 -0.78 -57.22 -43.29
CA ILE B 277 -2.02 -57.09 -44.04
C ILE B 277 -1.74 -57.05 -45.54
N LEU B 278 -0.56 -56.59 -45.93
CA LEU B 278 -0.12 -56.79 -47.31
C LEU B 278 0.11 -58.27 -47.58
N LYS B 279 0.69 -58.98 -46.62
CA LYS B 279 0.79 -60.43 -46.67
C LYS B 279 -0.60 -61.06 -46.53
N THR B 280 -0.61 -62.43 -46.87
CA THR B 280 -1.85 -63.27 -46.77
C THR B 280 -2.89 -62.90 -47.83
N ILE B 281 -2.73 -61.76 -48.52
CA ILE B 281 -3.57 -61.43 -49.67
C ILE B 281 -2.85 -61.74 -50.98
N THR B 282 -1.60 -61.31 -51.10
CA THR B 282 -0.76 -61.76 -52.21
C THR B 282 -0.25 -63.18 -52.00
N LEU B 283 0.04 -63.55 -50.75
CA LEU B 283 0.54 -64.87 -50.40
C LEU B 283 -0.61 -65.72 -49.84
N GLY B 284 -0.27 -66.90 -49.34
CA GLY B 284 -1.26 -67.85 -48.86
C GLY B 284 -1.88 -67.46 -47.53
N VAL B 285 -2.92 -68.20 -47.18
CA VAL B 285 -3.70 -67.96 -45.97
C VAL B 285 -3.58 -69.16 -45.05
N ASP B 286 -2.40 -69.80 -45.05
CA ASP B 286 -2.18 -71.03 -44.29
C ASP B 286 -2.73 -70.97 -42.87
N VAL B 287 -2.49 -69.87 -42.18
CA VAL B 287 -3.02 -69.65 -40.83
C VAL B 287 -4.38 -68.97 -40.97
N PRO B 288 -5.48 -69.63 -40.57
CA PRO B 288 -6.80 -69.03 -40.76
C PRO B 288 -7.04 -67.79 -39.90
N GLY B 289 -6.84 -67.94 -38.59
CA GLY B 289 -7.16 -66.87 -37.66
C GLY B 289 -5.96 -66.21 -37.01
N TYR B 290 -4.76 -66.68 -37.34
CA TYR B 290 -3.56 -66.11 -36.74
C TYR B 290 -3.24 -64.74 -37.33
N ALA B 291 -3.35 -64.60 -38.66
CA ALA B 291 -2.92 -63.36 -39.30
C ALA B 291 -3.82 -62.19 -38.94
N SER B 292 -5.15 -62.40 -38.98
CA SER B 292 -6.08 -61.33 -38.66
C SER B 292 -5.96 -60.92 -37.19
N LEU B 293 -5.81 -61.92 -36.31
CA LEU B 293 -5.61 -61.62 -34.90
C LEU B 293 -4.31 -60.85 -34.67
N MET B 294 -3.26 -61.18 -35.28
CA MET B 294 -1.98 -60.44 -35.10
C MET B 294 -2.16 -59.01 -35.60
N VAL B 295 -2.77 -58.84 -36.84
CA VAL B 295 -2.88 -57.49 -37.35
C VAL B 295 -3.75 -56.64 -36.42
N ALA B 296 -4.81 -57.24 -35.86
CA ALA B 296 -5.66 -56.49 -34.92
C ALA B 296 -4.88 -56.13 -33.66
N ILE B 297 -4.13 -57.09 -33.11
CA ILE B 297 -3.37 -56.83 -31.90
C ILE B 297 -2.32 -55.76 -32.14
N LEU B 298 -1.58 -55.85 -33.25
CA LEU B 298 -0.54 -54.88 -33.53
C LEU B 298 -1.13 -53.49 -33.76
N PHE B 299 -2.23 -53.39 -34.51
CA PHE B 299 -2.84 -52.09 -34.77
C PHE B 299 -3.34 -51.46 -33.48
N LEU B 300 -4.01 -52.24 -32.62
CA LEU B 300 -4.48 -51.70 -31.36
C LEU B 300 -3.33 -51.28 -30.47
N GLY B 301 -2.28 -52.11 -30.37
CA GLY B 301 -1.13 -51.73 -29.58
C GLY B 301 -0.49 -50.45 -30.07
N GLY B 302 -0.36 -50.30 -31.39
CA GLY B 302 0.22 -49.08 -31.94
C GLY B 302 -0.62 -47.84 -31.66
N VAL B 303 -1.93 -47.93 -31.84
CA VAL B 303 -2.77 -46.75 -31.61
C VAL B 303 -2.77 -46.36 -30.14
N GLN B 304 -2.82 -47.35 -29.24
CA GLN B 304 -2.75 -47.03 -27.82
C GLN B 304 -1.39 -46.49 -27.41
N LEU B 305 -0.32 -46.98 -28.02
CA LEU B 305 1.01 -46.45 -27.69
C LEU B 305 1.16 -45.01 -28.16
N ILE B 306 0.60 -44.67 -29.33
CA ILE B 306 0.63 -43.28 -29.78
C ILE B 306 -0.19 -42.41 -28.86
N SER B 307 -1.35 -42.89 -28.41
CA SER B 307 -2.16 -42.12 -27.47
C SER B 307 -1.41 -41.87 -26.17
N LEU B 308 -0.76 -42.91 -25.64
CA LEU B 308 0.02 -42.77 -24.42
C LEU B 308 1.17 -41.79 -24.62
N GLY B 309 1.82 -41.82 -25.78
CA GLY B 309 2.91 -40.89 -26.05
C GLY B 309 2.46 -39.44 -26.08
N VAL B 310 1.35 -39.17 -26.78
CA VAL B 310 0.85 -37.80 -26.84
C VAL B 310 0.42 -37.33 -25.46
N ILE B 311 -0.26 -38.19 -24.70
CA ILE B 311 -0.68 -37.85 -23.35
C ILE B 311 0.54 -37.56 -22.48
N GLY B 312 1.60 -38.34 -22.62
CA GLY B 312 2.81 -38.10 -21.84
C GLY B 312 3.48 -36.79 -22.19
N GLU B 313 3.53 -36.46 -23.49
CA GLU B 313 4.10 -35.17 -23.89
C GLU B 313 3.35 -34.01 -23.28
N TYR B 314 2.02 -34.04 -23.36
CA TYR B 314 1.24 -32.93 -22.82
C TYR B 314 1.27 -32.90 -21.30
N LEU B 315 1.36 -34.05 -20.65
CA LEU B 315 1.52 -34.08 -19.20
C LEU B 315 2.86 -33.49 -18.79
N GLY B 316 3.91 -33.76 -19.56
CA GLY B 316 5.20 -33.13 -19.28
C GLY B 316 5.14 -31.62 -19.38
N ARG B 317 4.48 -31.12 -20.42
CA ARG B 317 4.32 -29.67 -20.55
C ARG B 317 3.51 -29.09 -19.39
N VAL B 318 2.46 -29.80 -18.96
CA VAL B 318 1.69 -29.37 -17.80
C VAL B 318 2.57 -29.32 -16.57
N TYR B 319 3.46 -30.30 -16.40
CA TYR B 319 4.37 -30.30 -15.26
C TYR B 319 5.30 -29.10 -15.30
N GLU B 320 5.86 -28.78 -16.47
CA GLU B 320 6.68 -27.57 -16.57
C GLU B 320 5.88 -26.31 -16.25
N GLU B 321 4.57 -26.32 -16.52
CA GLU B 321 3.78 -25.13 -16.26
C GLU B 321 3.55 -24.91 -14.76
N VAL B 322 3.23 -25.97 -14.02
CA VAL B 322 2.82 -25.84 -12.62
C VAL B 322 3.99 -25.98 -11.65
N LYS B 323 5.20 -26.20 -12.15
CA LYS B 323 6.37 -26.36 -11.29
C LYS B 323 6.61 -25.10 -10.48
N ALA B 324 6.89 -25.29 -9.18
CA ALA B 324 7.18 -24.17 -8.29
C ALA B 324 8.66 -23.83 -8.24
N ARG B 325 9.53 -24.81 -8.48
CA ARG B 325 10.96 -24.58 -8.42
C ARG B 325 11.39 -23.67 -9.57
N PRO B 326 12.22 -22.67 -9.29
CA PRO B 326 12.54 -21.64 -10.29
C PRO B 326 13.53 -22.15 -11.33
N LEU B 327 13.84 -21.28 -12.28
CA LEU B 327 14.73 -21.63 -13.38
C LEU B 327 16.20 -21.48 -13.00
N TYR B 328 16.52 -20.53 -12.14
CA TYR B 328 17.89 -20.29 -11.70
C TYR B 328 17.84 -19.75 -10.28
N LEU B 329 19.02 -19.69 -9.67
CA LEU B 329 19.19 -19.05 -8.37
C LEU B 329 20.38 -18.12 -8.45
N VAL B 330 20.28 -16.99 -7.75
CA VAL B 330 21.30 -15.94 -7.78
C VAL B 330 22.06 -15.98 -6.46
N SER B 331 23.36 -16.05 -6.51
CA SER B 331 24.18 -16.04 -5.28
C SER B 331 24.46 -14.59 -4.84
N ASP B 332 25.08 -13.77 -5.74
CA ASP B 332 25.40 -12.39 -5.38
C ASP B 332 25.09 -11.48 -6.56
N LEU B 333 25.00 -10.18 -6.27
CA LEU B 333 24.80 -9.14 -7.28
C LEU B 333 25.81 -8.01 -7.03
N TRP B 334 26.33 -7.46 -8.13
CA TRP B 334 27.19 -6.29 -8.08
C TRP B 334 26.58 -5.20 -8.96
N GLY B 335 26.23 -4.08 -8.36
CA GLY B 335 25.62 -3.00 -9.11
C GLY B 335 24.14 -3.14 -9.34
N LEU B 336 23.51 -4.16 -8.78
CA LEU B 336 22.09 -4.44 -8.99
C LEU B 336 21.44 -4.74 -7.65
N GLU B 337 20.11 -4.60 -7.62
CA GLU B 337 19.30 -4.94 -6.47
C GLU B 337 18.46 -6.17 -6.79
N TYR B 338 18.24 -7.00 -5.77
CA TYR B 338 17.53 -8.26 -5.97
C TYR B 338 16.10 -8.02 -6.43
N LEU B 339 15.64 -8.85 -7.36
CA LEU B 339 14.27 -8.79 -7.81
C LEU B 339 13.33 -9.30 -6.72
N PRO B 340 12.11 -8.77 -6.65
CA PRO B 340 11.21 -9.16 -5.55
C PRO B 340 10.92 -10.64 -5.48
N LEU B 341 10.47 -11.25 -6.59
CA LEU B 341 10.20 -12.67 -6.69
C LEU B 341 9.08 -13.12 -5.75
N GLU B 342 8.38 -12.15 -5.15
CA GLU B 342 7.28 -12.46 -4.23
C GLU B 342 6.29 -11.31 -4.24
N LYS B 343 5.07 -11.61 -3.79
CA LYS B 343 4.01 -10.60 -3.73
C LYS B 343 3.05 -10.92 -2.60
N TYR C 23 24.81 22.21 -18.40
CA TYR C 23 26.13 21.89 -18.93
C TYR C 23 26.48 20.44 -18.61
N PHE C 24 26.24 20.04 -17.36
CA PHE C 24 26.40 18.65 -16.92
C PHE C 24 25.10 18.23 -16.25
N GLN C 25 24.38 17.32 -16.89
CA GLN C 25 23.11 16.82 -16.38
C GLN C 25 23.14 15.31 -16.33
N SER C 26 22.37 14.75 -15.41
CA SER C 26 22.34 13.32 -15.14
C SER C 26 21.01 12.75 -15.59
N ASN C 27 21.06 11.64 -16.34
CA ASN C 27 19.87 10.90 -16.73
C ASN C 27 19.94 9.50 -16.14
N ALA C 28 18.86 9.07 -15.50
CA ALA C 28 18.82 7.79 -14.81
C ALA C 28 18.24 6.67 -15.65
N THR C 29 17.92 6.92 -16.91
CA THR C 29 17.34 5.91 -17.78
C THR C 29 18.41 5.31 -18.69
N ILE C 30 18.41 3.99 -18.78
CA ILE C 30 19.30 3.26 -19.68
C ILE C 30 18.60 3.11 -21.03
N GLU C 31 19.33 3.40 -22.10
CA GLU C 31 18.80 3.24 -23.45
C GLU C 31 18.99 1.84 -24.00
N LEU C 32 20.01 1.12 -23.53
CA LEU C 32 20.38 -0.15 -24.13
C LEU C 32 21.04 -1.03 -23.10
N SER C 33 20.64 -2.31 -23.06
CA SER C 33 21.24 -3.31 -22.19
C SER C 33 21.95 -4.35 -23.03
N ILE C 34 23.23 -4.57 -22.73
CA ILE C 34 24.01 -5.65 -23.32
C ILE C 34 24.15 -6.75 -22.28
N VAL C 35 23.78 -7.97 -22.64
CA VAL C 35 23.79 -9.11 -21.73
C VAL C 35 24.80 -10.12 -22.23
N ILE C 36 25.82 -10.41 -21.43
CA ILE C 36 26.87 -11.35 -21.77
C ILE C 36 26.94 -12.41 -20.68
N PRO C 37 26.44 -13.62 -20.95
CA PRO C 37 26.69 -14.74 -20.04
C PRO C 37 28.13 -15.22 -20.18
N MET C 38 28.81 -15.37 -19.05
CA MET C 38 30.22 -15.75 -19.04
C MET C 38 30.42 -17.05 -18.29
N TYR C 39 31.33 -17.87 -18.81
CA TYR C 39 31.69 -19.13 -18.19
C TYR C 39 33.12 -19.46 -18.60
N ASN C 40 34.05 -19.34 -17.65
CA ASN C 40 35.48 -19.54 -17.90
C ASN C 40 36.00 -18.59 -18.97
N GLU C 41 35.54 -17.34 -18.93
CA GLU C 41 36.03 -16.30 -19.82
C GLU C 41 37.09 -15.47 -19.11
N GLU C 42 38.20 -16.14 -18.77
CA GLU C 42 39.13 -15.53 -17.82
C GLU C 42 39.95 -14.41 -18.47
N ASP C 43 40.83 -14.76 -19.41
CA ASP C 43 41.76 -13.78 -19.94
C ASP C 43 41.24 -13.08 -21.19
N ASN C 44 39.92 -13.14 -21.39
CA ASN C 44 39.30 -12.53 -22.60
C ASN C 44 38.47 -11.32 -22.20
N LEU C 45 38.33 -11.04 -20.90
CA LEU C 45 37.45 -9.93 -20.44
C LEU C 45 37.95 -8.58 -20.99
N GLU C 46 39.27 -8.35 -20.98
CA GLU C 46 39.84 -7.06 -21.42
C GLU C 46 39.47 -6.80 -22.88
N HIS C 47 39.85 -7.71 -23.77
CA HIS C 47 39.57 -7.54 -25.20
C HIS C 47 38.08 -7.39 -25.46
N LEU C 48 37.26 -8.19 -24.79
CA LEU C 48 35.82 -8.12 -24.99
C LEU C 48 35.29 -6.73 -24.63
N PHE C 49 35.70 -6.20 -23.48
CA PHE C 49 35.22 -4.88 -23.09
C PHE C 49 35.83 -3.79 -23.97
N ALA C 50 37.07 -3.99 -24.43
CA ALA C 50 37.67 -3.02 -25.34
C ALA C 50 36.85 -2.89 -26.61
N ARG C 51 36.52 -4.01 -27.24
CA ARG C 51 35.70 -3.96 -28.46
C ARG C 51 34.31 -3.41 -28.17
N LEU C 52 33.71 -3.81 -27.05
CA LEU C 52 32.37 -3.34 -26.74
C LEU C 52 32.33 -1.82 -26.57
N LEU C 53 33.31 -1.25 -25.87
CA LEU C 53 33.32 0.20 -25.71
C LEU C 53 33.76 0.91 -26.98
N GLU C 54 34.63 0.29 -27.78
CA GLU C 54 35.00 0.90 -29.06
C GLU C 54 33.80 0.98 -30.00
N VAL C 55 32.82 0.09 -29.85
CA VAL C 55 31.62 0.17 -30.68
C VAL C 55 30.55 1.05 -30.04
N LEU C 56 30.39 0.98 -28.72
CA LEU C 56 29.23 1.57 -28.06
C LEU C 56 29.35 3.07 -27.86
N THR C 57 30.56 3.58 -27.63
CA THR C 57 30.70 5.01 -27.32
C THR C 57 30.42 5.93 -28.51
N PRO C 58 30.69 5.55 -29.76
CA PRO C 58 30.23 6.39 -30.88
C PRO C 58 28.72 6.50 -30.97
N LEU C 59 27.97 5.58 -30.36
CA LEU C 59 26.51 5.64 -30.42
C LEU C 59 25.94 6.81 -29.63
N LYS C 60 26.69 7.33 -28.66
CA LYS C 60 26.26 8.48 -27.86
C LYS C 60 24.93 8.22 -27.16
N ILE C 61 24.76 7.01 -26.63
CA ILE C 61 23.56 6.65 -25.88
C ILE C 61 23.99 6.05 -24.55
N THR C 62 23.06 6.09 -23.59
CA THR C 62 23.30 5.50 -22.29
C THR C 62 23.11 3.99 -22.37
N TYR C 63 24.01 3.24 -21.75
CA TYR C 63 23.98 1.79 -21.83
C TYR C 63 24.50 1.17 -20.54
N GLU C 64 24.18 -0.10 -20.36
CA GLU C 64 24.73 -0.92 -19.30
C GLU C 64 25.14 -2.26 -19.88
N ILE C 65 26.11 -2.89 -19.24
CA ILE C 65 26.55 -4.23 -19.61
C ILE C 65 26.27 -5.16 -18.43
N ILE C 66 25.37 -6.11 -18.62
CA ILE C 66 25.03 -7.08 -17.60
C ILE C 66 25.85 -8.34 -17.86
N CYS C 67 26.69 -8.71 -16.90
CA CYS C 67 27.56 -9.87 -17.02
C CYS C 67 27.05 -10.94 -16.07
N VAL C 68 26.76 -12.12 -16.62
CA VAL C 68 26.22 -13.22 -15.84
C VAL C 68 27.28 -14.31 -15.74
N ASN C 69 27.69 -14.62 -14.52
CA ASN C 69 28.60 -15.72 -14.24
C ASN C 69 27.78 -16.90 -13.74
N ASP C 70 27.96 -18.02 -14.46
CA ASP C 70 27.25 -19.28 -14.14
C ASP C 70 28.24 -20.31 -13.62
N GLY C 71 28.74 -20.16 -12.39
CA GLY C 71 29.61 -21.15 -11.81
C GLY C 71 30.91 -21.42 -12.55
N SER C 72 31.61 -20.36 -12.95
CA SER C 72 32.91 -20.54 -13.58
C SER C 72 33.90 -21.15 -12.59
N LYS C 73 34.81 -21.96 -13.11
CA LYS C 73 35.80 -22.63 -12.27
C LYS C 73 37.16 -21.95 -12.25
N ASP C 74 37.46 -21.12 -13.26
CA ASP C 74 38.67 -20.31 -13.23
C ASP C 74 38.38 -19.02 -12.46
N LYS C 75 39.29 -18.07 -12.50
CA LYS C 75 39.10 -16.83 -11.75
C LYS C 75 38.50 -15.73 -12.63
N THR C 76 37.33 -16.03 -13.18
CA THR C 76 36.59 -15.06 -13.99
C THR C 76 35.95 -14.00 -13.12
N LEU C 77 35.44 -14.39 -11.95
CA LEU C 77 34.67 -13.47 -11.12
C LEU C 77 35.53 -12.38 -10.50
N LYS C 78 36.77 -12.72 -10.12
CA LYS C 78 37.61 -11.69 -9.50
C LYS C 78 37.95 -10.59 -10.49
N GLN C 79 38.25 -10.94 -11.74
CA GLN C 79 38.51 -9.92 -12.74
C GLN C 79 37.23 -9.24 -13.20
N LEU C 80 36.09 -9.93 -13.13
CA LEU C 80 34.82 -9.24 -13.34
C LEU C 80 34.62 -8.15 -12.30
N ILE C 81 34.95 -8.44 -11.04
CA ILE C 81 34.80 -7.44 -9.98
C ILE C 81 35.81 -6.31 -10.16
N ASP C 82 37.03 -6.65 -10.60
CA ASP C 82 38.02 -5.62 -10.90
C ASP C 82 37.54 -4.68 -12.00
N CYS C 83 36.91 -5.23 -13.03
CA CYS C 83 36.32 -4.39 -14.08
C CYS C 83 35.14 -3.59 -13.56
N TYR C 84 34.35 -4.17 -12.67
CA TYR C 84 33.20 -3.48 -12.11
C TYR C 84 33.62 -2.29 -11.26
N GLN C 85 34.79 -2.36 -10.63
CA GLN C 85 35.24 -1.24 -9.79
C GLN C 85 35.59 0.00 -10.61
N SER C 86 36.12 -0.17 -11.81
CA SER C 86 36.60 0.95 -12.61
C SER C 86 35.67 1.30 -13.77
N ASN C 87 34.45 0.78 -13.77
CA ASN C 87 33.52 1.03 -14.87
C ASN C 87 32.11 1.05 -14.30
N ARG C 88 31.42 2.20 -14.41
CA ARG C 88 30.07 2.32 -13.86
C ARG C 88 29.03 1.60 -14.70
N GLN C 89 29.35 1.23 -15.93
CA GLN C 89 28.37 0.62 -16.82
C GLN C 89 28.37 -0.89 -16.75
N ILE C 90 29.20 -1.48 -15.90
CA ILE C 90 29.32 -2.93 -15.79
C ILE C 90 28.60 -3.39 -14.54
N LYS C 91 27.72 -4.39 -14.68
CA LYS C 91 27.02 -5.01 -13.58
C LYS C 91 27.19 -6.53 -13.68
N ILE C 92 27.17 -7.20 -12.53
CA ILE C 92 27.47 -8.63 -12.44
C ILE C 92 26.29 -9.34 -11.81
N VAL C 93 25.85 -10.43 -12.45
CA VAL C 93 24.89 -11.37 -11.88
C VAL C 93 25.64 -12.68 -11.64
N ASN C 94 25.72 -13.10 -10.38
CA ASN C 94 26.37 -14.34 -10.00
C ASN C 94 25.30 -15.38 -9.70
N LEU C 95 25.35 -16.51 -10.39
CA LEU C 95 24.39 -17.58 -10.18
C LEU C 95 24.93 -18.58 -9.17
N SER C 96 24.00 -19.27 -8.49
CA SER C 96 24.40 -20.14 -7.39
C SER C 96 25.28 -21.29 -7.87
N ARG C 97 24.99 -21.84 -9.04
CA ARG C 97 25.81 -22.88 -9.64
C ARG C 97 25.83 -22.68 -11.15
N ASN C 98 26.33 -23.70 -11.86
CA ASN C 98 26.41 -23.68 -13.32
C ASN C 98 25.11 -24.19 -13.90
N PHE C 99 24.19 -23.27 -14.21
CA PHE C 99 23.03 -23.60 -15.01
C PHE C 99 23.42 -23.48 -16.48
N GLY C 100 22.47 -23.64 -17.39
CA GLY C 100 22.78 -23.53 -18.80
C GLY C 100 23.13 -22.11 -19.21
N LYS C 101 23.69 -21.99 -20.41
CA LYS C 101 23.96 -20.68 -20.98
C LYS C 101 22.66 -19.95 -21.35
N GLU C 102 21.64 -20.70 -21.77
CA GLU C 102 20.35 -20.10 -22.04
C GLU C 102 19.70 -19.60 -20.77
N ILE C 103 19.83 -20.33 -19.67
CA ILE C 103 19.31 -19.87 -18.39
C ILE C 103 20.09 -18.65 -17.90
N ALA C 104 21.39 -18.61 -18.18
CA ALA C 104 22.18 -17.42 -17.84
C ALA C 104 21.72 -16.21 -18.64
N LEU C 105 21.41 -16.41 -19.92
CA LEU C 105 20.86 -15.32 -20.73
C LEU C 105 19.51 -14.86 -20.18
N SER C 106 18.67 -15.81 -19.77
CA SER C 106 17.38 -15.45 -19.18
C SER C 106 17.55 -14.65 -17.90
N ALA C 107 18.49 -15.05 -17.04
CA ALA C 107 18.75 -14.31 -15.81
C ALA C 107 19.24 -12.90 -16.11
N GLY C 108 20.16 -12.77 -17.06
CA GLY C 108 20.64 -11.45 -17.43
C GLY C 108 19.55 -10.55 -17.97
N ILE C 109 18.69 -11.08 -18.84
CA ILE C 109 17.59 -10.29 -19.38
C ILE C 109 16.60 -9.94 -18.27
N ASP C 110 16.41 -10.84 -17.30
CA ASP C 110 15.55 -10.54 -16.16
C ASP C 110 16.09 -9.38 -15.34
N TYR C 111 17.41 -9.28 -15.23
CA TYR C 111 18.01 -8.20 -14.45
C TYR C 111 18.36 -6.97 -15.27
N ALA C 112 18.06 -6.97 -16.57
CA ALA C 112 18.41 -5.86 -17.44
C ALA C 112 17.30 -4.83 -17.45
N GLN C 113 17.68 -3.55 -17.30
CA GLN C 113 16.78 -2.42 -17.43
C GLN C 113 17.27 -1.55 -18.57
N GLY C 114 16.43 -1.33 -19.56
CA GLY C 114 16.82 -0.60 -20.74
C GLY C 114 15.73 -0.68 -21.79
N ASN C 115 15.71 0.28 -22.71
CA ASN C 115 14.64 0.30 -23.70
C ASN C 115 14.80 -0.82 -24.72
N ALA C 116 16.04 -1.15 -25.07
CA ALA C 116 16.34 -2.30 -25.90
C ALA C 116 17.32 -3.20 -25.16
N VAL C 117 17.21 -4.50 -25.41
CA VAL C 117 18.10 -5.51 -24.83
C VAL C 117 18.77 -6.24 -25.97
N ILE C 118 20.09 -6.38 -25.90
CA ILE C 118 20.85 -7.10 -26.91
C ILE C 118 21.68 -8.19 -26.24
N PRO C 119 21.34 -9.47 -26.41
CA PRO C 119 22.22 -10.55 -25.94
C PRO C 119 23.46 -10.66 -26.81
N ILE C 120 24.62 -10.67 -26.16
CA ILE C 120 25.91 -10.68 -26.85
C ILE C 120 26.68 -11.92 -26.40
N ASP C 121 27.28 -12.61 -27.35
CA ASP C 121 28.09 -13.78 -27.03
C ASP C 121 29.51 -13.34 -26.65
N ALA C 122 30.09 -14.03 -25.67
CA ALA C 122 31.32 -13.55 -25.05
C ALA C 122 32.53 -13.69 -25.96
N ASP C 123 32.49 -14.61 -26.92
CA ASP C 123 33.64 -14.80 -27.80
C ASP C 123 33.60 -13.89 -29.03
N LEU C 124 32.52 -13.13 -29.22
CA LEU C 124 32.40 -12.17 -30.30
C LEU C 124 32.59 -12.82 -31.67
N GLN C 125 31.98 -13.99 -31.85
CA GLN C 125 31.95 -14.61 -33.17
C GLN C 125 31.16 -13.77 -34.16
N ASP C 126 30.06 -13.16 -33.69
CA ASP C 126 29.32 -12.16 -34.43
C ASP C 126 29.86 -10.77 -34.13
N PRO C 127 30.26 -10.01 -35.15
CA PRO C 127 30.95 -8.74 -34.90
C PRO C 127 30.09 -7.78 -34.09
N PRO C 128 30.68 -7.11 -33.10
CA PRO C 128 29.91 -6.13 -32.32
C PRO C 128 29.49 -4.91 -33.11
N GLU C 129 30.06 -4.69 -34.30
CA GLU C 129 29.65 -3.57 -35.13
C GLU C 129 28.24 -3.73 -35.68
N LEU C 130 27.63 -4.91 -35.55
CA LEU C 130 26.24 -5.08 -35.93
C LEU C 130 25.29 -4.40 -34.97
N ILE C 131 25.75 -4.03 -33.77
CA ILE C 131 24.91 -3.32 -32.82
C ILE C 131 24.48 -1.97 -33.38
N HIS C 132 25.35 -1.33 -34.17
CA HIS C 132 24.98 -0.08 -34.81
C HIS C 132 23.79 -0.28 -35.75
N GLU C 133 23.83 -1.34 -36.57
CA GLU C 133 22.74 -1.61 -37.49
C GLU C 133 21.47 -2.00 -36.74
N LEU C 134 21.61 -2.79 -35.68
CA LEU C 134 20.44 -3.17 -34.88
C LEU C 134 19.78 -1.95 -34.27
N VAL C 135 20.57 -1.02 -33.73
CA VAL C 135 20.02 0.18 -33.12
C VAL C 135 19.40 1.09 -34.19
N ASP C 136 20.02 1.15 -35.37
CA ASP C 136 19.46 1.93 -36.46
C ASP C 136 18.09 1.41 -36.86
N LYS C 137 17.96 0.09 -37.01
CA LYS C 137 16.66 -0.48 -37.36
C LYS C 137 15.65 -0.33 -36.23
N TRP C 138 16.11 -0.37 -34.98
CA TRP C 138 15.21 -0.18 -33.85
C TRP C 138 14.64 1.23 -33.84
N ARG C 139 15.45 2.22 -34.22
CA ARG C 139 15.00 3.61 -34.25
C ARG C 139 13.92 3.85 -35.30
N GLU C 140 13.86 2.99 -36.33
CA GLU C 140 12.87 3.12 -37.38
C GLU C 140 11.49 2.58 -36.97
N GLY C 141 11.37 1.95 -35.81
CA GLY C 141 10.09 1.47 -35.33
C GLY C 141 9.96 -0.03 -35.24
N TYR C 142 11.00 -0.82 -35.51
CA TYR C 142 10.92 -2.26 -35.39
C TYR C 142 11.14 -2.69 -33.95
N ASP C 143 10.32 -3.63 -33.48
CA ASP C 143 10.38 -4.09 -32.11
C ASP C 143 11.37 -5.23 -31.92
N ILE C 144 11.56 -6.08 -32.93
CA ILE C 144 12.54 -7.15 -32.90
C ILE C 144 13.35 -7.07 -34.18
N VAL C 145 14.68 -6.97 -34.03
CA VAL C 145 15.60 -6.99 -35.16
C VAL C 145 16.51 -8.20 -34.98
N TYR C 146 16.68 -8.98 -36.04
CA TYR C 146 17.53 -10.14 -36.02
C TYR C 146 18.79 -9.89 -36.84
N ALA C 147 19.89 -10.47 -36.42
CA ALA C 147 21.14 -10.48 -37.19
C ALA C 147 21.27 -11.88 -37.76
N THR C 148 21.01 -12.02 -39.06
CA THR C 148 21.02 -13.30 -39.74
C THR C 148 22.22 -13.39 -40.67
N ARG C 149 22.90 -14.54 -40.63
CA ARG C 149 24.02 -14.77 -41.53
C ARG C 149 23.55 -14.74 -42.97
N ARG C 150 24.37 -14.15 -43.84
CA ARG C 150 24.01 -13.97 -45.24
C ARG C 150 24.27 -15.28 -45.99
N SER C 151 23.25 -16.15 -46.02
CA SER C 151 23.32 -17.44 -46.70
C SER C 151 24.49 -18.28 -46.16
N ARG C 152 24.38 -18.64 -44.88
CA ARG C 152 25.41 -19.44 -44.25
C ARG C 152 25.49 -20.83 -44.87
N GLN C 153 26.70 -21.37 -44.93
CA GLN C 153 26.92 -22.69 -45.54
C GLN C 153 26.25 -23.79 -44.74
N THR C 162 13.52 -25.61 -52.19
CA THR C 162 13.39 -26.44 -51.00
C THR C 162 11.96 -26.43 -50.46
N ALA C 163 11.33 -27.61 -50.41
CA ALA C 163 9.99 -27.72 -49.87
C ALA C 163 9.98 -27.64 -48.34
N LYS C 164 10.98 -27.84 -47.64
CA LYS C 164 10.96 -27.78 -46.16
C LYS C 164 10.68 -26.32 -45.73
N MET C 165 11.39 -25.34 -46.45
CA MET C 165 11.12 -23.95 -46.08
C MET C 165 9.62 -23.66 -46.20
N PHE C 166 9.00 -24.11 -47.29
CA PHE C 166 7.56 -23.91 -47.47
C PHE C 166 6.77 -24.63 -46.39
N TYR C 167 7.20 -25.85 -46.02
CA TYR C 167 6.52 -26.58 -44.96
C TYR C 167 6.59 -25.82 -43.64
N LYS C 168 7.77 -25.30 -43.30
CA LYS C 168 7.91 -24.52 -42.08
C LYS C 168 7.06 -23.26 -42.12
N VAL C 169 7.02 -22.59 -43.27
CA VAL C 169 6.24 -21.36 -43.40
C VAL C 169 4.75 -21.65 -43.21
N ILE C 170 4.24 -22.69 -43.86
CA ILE C 170 2.82 -23.01 -43.71
C ILE C 170 2.51 -23.55 -42.33
N GLY C 171 3.49 -24.14 -41.64
CA GLY C 171 3.28 -24.53 -40.25
C GLY C 171 3.34 -23.39 -39.27
N ARG C 172 3.98 -22.28 -39.65
CA ARG C 172 4.08 -21.14 -38.75
C ARG C 172 2.79 -20.34 -38.64
N MET C 173 1.87 -20.50 -39.61
CA MET C 173 0.54 -19.90 -39.63
C MET C 173 0.56 -18.41 -39.29
N THR C 174 1.69 -17.75 -39.51
CA THR C 174 1.84 -16.32 -39.29
C THR C 174 3.00 -15.85 -40.16
N GLU C 175 2.81 -14.75 -40.88
CA GLU C 175 3.76 -14.31 -41.89
C GLU C 175 5.09 -13.94 -41.25
N ILE C 176 6.09 -14.80 -41.42
CA ILE C 176 7.46 -14.57 -40.97
C ILE C 176 8.36 -14.73 -42.19
N LYS C 177 9.23 -13.75 -42.44
CA LYS C 177 10.08 -13.76 -43.61
C LYS C 177 11.56 -13.93 -43.29
N ILE C 178 11.90 -14.06 -42.01
CA ILE C 178 13.31 -14.13 -41.61
C ILE C 178 13.88 -15.48 -42.01
N PRO C 179 15.11 -15.54 -42.53
CA PRO C 179 15.69 -16.82 -42.99
C PRO C 179 15.72 -17.86 -41.89
N PRO C 180 15.86 -19.16 -42.25
CA PRO C 180 15.68 -20.22 -41.25
C PRO C 180 16.61 -20.14 -40.05
N ASN C 181 17.87 -19.73 -40.23
CA ASN C 181 18.77 -19.62 -39.09
C ASN C 181 18.28 -18.58 -38.09
N THR C 182 17.73 -17.48 -38.62
CA THR C 182 16.86 -16.50 -37.97
C THR C 182 17.44 -15.86 -36.70
N GLY C 183 18.68 -16.17 -36.35
CA GLY C 183 19.42 -15.30 -35.44
C GLY C 183 19.21 -15.48 -33.95
N ASP C 184 20.30 -15.75 -33.21
CA ASP C 184 20.26 -15.58 -31.77
C ASP C 184 20.83 -14.25 -31.32
N PHE C 185 21.58 -13.57 -32.19
CA PHE C 185 22.06 -12.22 -31.96
C PHE C 185 20.98 -11.26 -32.45
N ARG C 186 20.32 -10.58 -31.53
CA ARG C 186 19.13 -9.81 -31.88
C ARG C 186 18.93 -8.67 -30.89
N LEU C 187 18.03 -7.76 -31.27
CA LEU C 187 17.56 -6.70 -30.41
C LEU C 187 16.08 -6.94 -30.10
N MET C 188 15.69 -6.73 -28.86
CA MET C 188 14.27 -6.87 -28.49
C MET C 188 13.83 -5.64 -27.69
N ASP C 189 12.73 -5.03 -28.08
CA ASP C 189 12.18 -3.86 -27.42
C ASP C 189 11.67 -4.22 -26.03
N ARG C 190 11.64 -3.21 -25.16
CA ARG C 190 11.14 -3.39 -23.80
C ARG C 190 9.71 -3.95 -23.79
N LYS C 191 8.92 -3.58 -24.80
CA LYS C 191 7.57 -4.13 -24.95
C LYS C 191 7.59 -5.65 -25.07
N VAL C 192 8.47 -6.17 -25.93
CA VAL C 192 8.53 -7.61 -26.17
C VAL C 192 9.07 -8.33 -24.94
N VAL C 193 10.11 -7.79 -24.30
CA VAL C 193 10.67 -8.45 -23.13
C VAL C 193 9.72 -8.42 -21.95
N ASN C 194 8.87 -7.39 -21.85
CA ASN C 194 7.83 -7.39 -20.82
C ASN C 194 6.71 -8.35 -21.16
N ALA C 195 6.44 -8.57 -22.44
CA ALA C 195 5.38 -9.49 -22.85
C ALA C 195 5.70 -10.92 -22.45
N ILE C 196 6.97 -11.32 -22.56
CA ILE C 196 7.36 -12.72 -22.41
C ILE C 196 8.12 -12.98 -21.13
N LYS C 197 8.09 -12.06 -20.17
CA LYS C 197 8.97 -12.19 -19.00
C LYS C 197 8.50 -13.25 -18.03
N GLN C 198 7.24 -13.68 -18.11
CA GLN C 198 6.70 -14.70 -17.22
C GLN C 198 6.44 -16.02 -17.93
N LEU C 199 6.97 -16.20 -19.13
CA LEU C 199 6.65 -17.36 -19.96
C LEU C 199 7.78 -18.38 -19.89
N PRO C 200 7.46 -19.66 -19.69
CA PRO C 200 8.53 -20.67 -19.70
C PRO C 200 9.31 -20.72 -21.01
N GLU C 201 8.68 -20.32 -22.11
CA GLU C 201 9.34 -20.43 -23.44
C GLU C 201 10.23 -19.21 -23.70
N ARG C 202 10.42 -18.35 -22.70
CA ARG C 202 11.34 -17.19 -22.87
C ARG C 202 12.76 -17.74 -23.10
N THR C 203 13.14 -18.80 -22.37
CA THR C 203 14.50 -19.40 -22.50
C THR C 203 14.71 -19.88 -23.92
N ARG C 204 13.70 -20.51 -24.53
CA ARG C 204 13.80 -20.91 -25.93
C ARG C 204 12.88 -19.99 -26.70
N PHE C 205 13.36 -18.77 -26.98
CA PHE C 205 12.55 -17.80 -27.68
C PHE C 205 12.45 -18.10 -29.17
N MET C 206 13.45 -18.76 -29.72
CA MET C 206 13.62 -18.77 -31.15
C MET C 206 13.09 -20.05 -31.79
N LYS C 207 12.38 -20.88 -31.02
CA LYS C 207 11.80 -22.11 -31.52
C LYS C 207 10.30 -22.01 -31.76
N GLY C 208 9.75 -20.80 -31.78
CA GLY C 208 8.33 -20.63 -32.08
C GLY C 208 7.65 -19.52 -31.32
N LEU C 209 8.23 -19.08 -30.21
CA LEU C 209 7.66 -17.95 -29.48
C LEU C 209 7.81 -16.65 -30.26
N PHE C 210 8.89 -16.51 -31.03
CA PHE C 210 9.07 -15.36 -31.88
C PHE C 210 7.96 -15.26 -32.92
N ALA C 211 7.48 -16.41 -33.40
CA ALA C 211 6.39 -16.43 -34.36
C ALA C 211 5.03 -16.25 -33.70
N TRP C 212 4.95 -16.41 -32.39
CA TRP C 212 3.69 -16.21 -31.68
C TRP C 212 3.50 -14.78 -31.20
N VAL C 213 4.58 -14.11 -30.81
CA VAL C 213 4.45 -12.74 -30.32
C VAL C 213 3.96 -11.80 -31.42
N GLY C 214 4.50 -11.94 -32.63
CA GLY C 214 3.96 -11.29 -33.81
C GLY C 214 4.02 -9.77 -33.82
N TYR C 215 5.06 -9.18 -33.24
CA TYR C 215 5.22 -7.73 -33.26
C TYR C 215 5.75 -7.29 -34.62
N ARG C 216 6.23 -6.05 -34.70
CA ARG C 216 6.91 -5.56 -35.90
C ARG C 216 8.36 -6.03 -35.87
N GLN C 217 8.74 -6.85 -36.85
CA GLN C 217 10.02 -7.54 -36.83
C GLN C 217 10.73 -7.39 -38.16
N THR C 218 12.06 -7.34 -38.12
CA THR C 218 12.89 -7.25 -39.30
C THR C 218 14.18 -8.01 -39.05
N PHE C 219 15.10 -7.96 -40.01
CA PHE C 219 16.39 -8.60 -39.87
C PHE C 219 17.47 -7.76 -40.53
N VAL C 220 18.73 -8.07 -40.18
CA VAL C 220 19.91 -7.44 -40.76
C VAL C 220 20.83 -8.55 -41.23
N LEU C 221 21.32 -8.45 -42.46
CA LEU C 221 22.17 -9.47 -43.05
C LEU C 221 23.64 -9.16 -42.83
N PHE C 222 24.43 -10.20 -42.55
CA PHE C 222 25.87 -10.04 -42.36
C PHE C 222 26.56 -11.35 -42.69
N ASP C 223 27.87 -11.24 -42.93
CA ASP C 223 28.71 -12.39 -43.25
C ASP C 223 29.71 -12.64 -42.12
N ARG C 224 29.98 -13.91 -41.86
CA ARG C 224 30.96 -14.33 -40.86
C ARG C 224 32.14 -14.99 -41.56
N GLU C 225 33.35 -14.55 -41.20
CA GLU C 225 34.55 -15.12 -41.83
C GLU C 225 34.69 -16.61 -41.56
N PRO C 226 34.61 -17.12 -40.33
CA PRO C 226 34.64 -18.57 -40.13
C PRO C 226 33.25 -19.17 -40.36
N ARG C 227 33.17 -20.14 -41.26
CA ARG C 227 31.91 -20.79 -41.58
C ARG C 227 31.41 -21.63 -40.42
N TRP C 234 23.88 -26.93 -40.60
CA TRP C 234 23.02 -27.45 -41.66
C TRP C 234 22.38 -28.77 -41.25
N ASN C 235 22.17 -28.93 -39.94
CA ASN C 235 21.58 -30.16 -39.42
C ASN C 235 20.09 -30.20 -39.72
N TYR C 236 19.64 -31.33 -40.30
CA TYR C 236 18.21 -31.51 -40.53
C TYR C 236 17.48 -31.90 -39.25
N TRP C 237 18.14 -32.64 -38.36
CA TRP C 237 17.53 -33.01 -37.08
C TRP C 237 17.18 -31.77 -36.26
N LYS C 238 18.09 -30.79 -36.21
CA LYS C 238 17.79 -29.54 -35.54
C LYS C 238 16.66 -28.79 -36.24
N LEU C 239 16.64 -28.79 -37.58
CA LEU C 239 15.62 -28.06 -38.32
C LEU C 239 14.25 -28.72 -38.21
N TRP C 240 14.19 -29.98 -37.77
CA TRP C 240 12.92 -30.63 -37.50
C TRP C 240 12.52 -30.62 -36.03
N ASN C 241 13.49 -30.61 -35.11
CA ASN C 241 13.17 -30.62 -33.69
C ASN C 241 12.46 -29.33 -33.27
N PHE C 242 12.86 -28.19 -33.85
CA PHE C 242 12.21 -26.94 -33.48
C PHE C 242 10.75 -26.92 -33.96
N ALA C 243 10.49 -27.48 -35.14
CA ALA C 243 9.11 -27.60 -35.62
C ALA C 243 8.32 -28.56 -34.74
N LEU C 244 8.93 -29.66 -34.33
CA LEU C 244 8.25 -30.62 -33.45
C LEU C 244 7.92 -29.99 -32.11
N ASP C 245 8.83 -29.17 -31.58
CA ASP C 245 8.55 -28.48 -30.32
C ASP C 245 7.46 -27.42 -30.50
N GLY C 246 7.48 -26.71 -31.63
CA GLY C 246 6.50 -25.67 -31.86
C GLY C 246 5.09 -26.20 -32.07
N ILE C 247 4.94 -27.33 -32.75
CA ILE C 247 3.61 -27.86 -33.01
C ILE C 247 2.92 -28.34 -31.74
N PHE C 248 3.67 -28.59 -30.67
CA PHE C 248 3.09 -28.98 -29.40
C PHE C 248 3.08 -27.87 -28.37
N SER C 249 3.96 -26.87 -28.52
CA SER C 249 4.03 -25.79 -27.54
C SER C 249 2.95 -24.73 -27.72
N PHE C 250 2.46 -24.54 -28.95
CA PHE C 250 1.54 -23.46 -29.25
C PHE C 250 0.24 -23.95 -29.89
N SER C 251 -0.07 -25.24 -29.76
CA SER C 251 -1.30 -25.76 -30.32
C SER C 251 -1.68 -27.04 -29.59
N LEU C 252 -2.97 -27.15 -29.24
CA LEU C 252 -3.55 -28.39 -28.73
C LEU C 252 -4.13 -29.24 -29.86
N LEU C 253 -3.91 -28.83 -31.10
CA LEU C 253 -4.48 -29.54 -32.25
C LEU C 253 -4.07 -31.01 -32.32
N PRO C 254 -2.79 -31.40 -32.14
CA PRO C 254 -2.47 -32.83 -32.17
C PRO C 254 -3.25 -33.64 -31.15
N LEU C 255 -3.41 -33.11 -29.92
CA LEU C 255 -4.11 -33.84 -28.88
C LEU C 255 -5.58 -34.04 -29.25
N LYS C 256 -6.25 -32.97 -29.68
CA LYS C 256 -7.66 -33.05 -30.03
C LYS C 256 -7.88 -33.99 -31.21
N VAL C 257 -7.07 -33.83 -32.25
CA VAL C 257 -7.22 -34.65 -33.45
C VAL C 257 -7.00 -36.11 -33.12
N TRP C 258 -5.96 -36.42 -32.32
CA TRP C 258 -5.70 -37.82 -32.02
C TRP C 258 -6.76 -38.40 -31.10
N THR C 259 -7.31 -37.61 -30.17
CA THR C 259 -8.39 -38.12 -29.33
C THR C 259 -9.60 -38.47 -30.17
N TYR C 260 -9.97 -37.60 -31.11
CA TYR C 260 -11.14 -37.90 -31.94
C TYR C 260 -10.87 -39.08 -32.88
N LEU C 261 -9.64 -39.18 -33.40
CA LEU C 261 -9.30 -40.29 -34.28
C LEU C 261 -9.34 -41.61 -33.52
N GLY C 262 -8.76 -41.65 -32.33
CA GLY C 262 -8.84 -42.84 -31.50
C GLY C 262 -10.27 -43.17 -31.10
N SER C 263 -11.09 -42.14 -30.88
CA SER C 263 -12.50 -42.39 -30.55
C SER C 263 -13.23 -43.05 -31.69
N ILE C 264 -13.03 -42.57 -32.93
CA ILE C 264 -13.72 -43.20 -34.06
C ILE C 264 -13.18 -44.59 -34.32
N ILE C 265 -11.87 -44.79 -34.14
CA ILE C 265 -11.30 -46.13 -34.28
C ILE C 265 -11.87 -47.07 -33.25
N SER C 266 -12.01 -46.61 -32.00
CA SER C 266 -12.60 -47.42 -30.95
C SER C 266 -14.06 -47.75 -31.27
N LEU C 267 -14.81 -46.79 -31.78
CA LEU C 267 -16.19 -47.05 -32.15
C LEU C 267 -16.29 -48.10 -33.25
N LEU C 268 -15.41 -47.99 -34.26
CA LEU C 268 -15.43 -48.98 -35.34
C LEU C 268 -15.05 -50.37 -34.82
N SER C 269 -14.06 -50.44 -33.92
CA SER C 269 -13.67 -51.73 -33.36
C SER C 269 -14.79 -52.33 -32.52
N LEU C 270 -15.47 -51.51 -31.73
CA LEU C 270 -16.58 -52.01 -30.92
C LEU C 270 -17.74 -52.46 -31.80
N ALA C 271 -17.99 -51.74 -32.89
CA ALA C 271 -19.03 -52.17 -33.84
C ALA C 271 -18.67 -53.51 -34.46
N TYR C 272 -17.40 -53.69 -34.85
CA TYR C 272 -16.97 -54.97 -35.40
C TYR C 272 -17.09 -56.08 -34.36
N ALA C 273 -16.77 -55.79 -33.10
CA ALA C 273 -16.90 -56.79 -32.05
C ALA C 273 -18.36 -57.18 -31.83
N SER C 274 -19.27 -56.21 -31.85
CA SER C 274 -20.68 -56.51 -31.74
C SER C 274 -21.18 -57.33 -32.93
N PHE C 275 -20.69 -57.02 -34.12
CA PHE C 275 -21.03 -57.81 -35.30
C PHE C 275 -20.51 -59.25 -35.16
N LEU C 276 -19.30 -59.42 -34.63
CA LEU C 276 -18.73 -60.75 -34.49
C LEU C 276 -19.44 -61.55 -33.40
N ILE C 277 -19.88 -60.89 -32.33
CA ILE C 277 -20.63 -61.62 -31.31
C ILE C 277 -22.04 -61.92 -31.80
N LEU C 278 -22.57 -61.10 -32.70
CA LEU C 278 -23.78 -61.49 -33.42
C LEU C 278 -23.50 -62.67 -34.33
N LYS C 279 -22.34 -62.68 -34.98
CA LYS C 279 -21.87 -63.83 -35.72
C LYS C 279 -21.54 -64.96 -34.76
N THR C 280 -21.35 -66.21 -35.43
CA THR C 280 -20.97 -67.46 -34.69
C THR C 280 -22.09 -67.98 -33.79
N ILE C 281 -23.14 -67.19 -33.55
CA ILE C 281 -24.33 -67.67 -32.86
C ILE C 281 -25.44 -68.00 -33.86
N THR C 282 -25.70 -67.09 -34.80
CA THR C 282 -26.58 -67.40 -35.92
C THR C 282 -25.86 -68.25 -36.96
N LEU C 283 -24.57 -68.03 -37.17
CA LEU C 283 -23.78 -68.77 -38.13
C LEU C 283 -22.94 -69.83 -37.40
N GLY C 284 -22.05 -70.49 -38.14
CA GLY C 284 -21.27 -71.59 -37.61
C GLY C 284 -20.17 -71.15 -36.66
N VAL C 285 -19.58 -72.14 -36.00
CA VAL C 285 -18.53 -71.94 -35.01
C VAL C 285 -17.25 -72.58 -35.48
N ASP C 286 -17.01 -72.54 -36.80
CA ASP C 286 -15.86 -73.20 -37.42
C ASP C 286 -14.56 -72.98 -36.66
N VAL C 287 -14.30 -71.73 -36.26
CA VAL C 287 -13.13 -71.39 -35.46
C VAL C 287 -13.50 -71.53 -33.99
N PRO C 288 -12.91 -72.46 -33.25
CA PRO C 288 -13.31 -72.66 -31.84
C PRO C 288 -12.94 -71.49 -30.95
N GLY C 289 -11.67 -71.11 -30.95
CA GLY C 289 -11.19 -70.10 -30.03
C GLY C 289 -10.81 -68.78 -30.67
N TYR C 290 -10.95 -68.70 -32.00
CA TYR C 290 -10.59 -67.46 -32.70
C TYR C 290 -11.63 -66.37 -32.47
N ALA C 291 -12.92 -66.72 -32.54
CA ALA C 291 -13.96 -65.70 -32.48
C ALA C 291 -14.04 -65.06 -31.10
N SER C 292 -14.02 -65.88 -30.05
CA SER C 292 -14.10 -65.34 -28.69
C SER C 292 -12.88 -64.50 -28.36
N LEU C 293 -11.70 -64.96 -28.77
CA LEU C 293 -10.48 -64.18 -28.57
C LEU C 293 -10.54 -62.85 -29.33
N MET C 294 -10.99 -62.82 -30.51
CA MET C 294 -11.08 -61.54 -31.27
C MET C 294 -12.06 -60.61 -30.56
N VAL C 295 -13.27 -61.15 -30.17
CA VAL C 295 -14.24 -60.25 -29.56
C VAL C 295 -13.68 -59.68 -28.26
N ALA C 296 -12.96 -60.50 -27.49
CA ALA C 296 -12.35 -60.00 -26.26
C ALA C 296 -11.30 -58.94 -26.55
N ILE C 297 -10.44 -59.19 -27.55
CA ILE C 297 -9.39 -58.24 -27.89
C ILE C 297 -9.99 -56.93 -28.38
N LEU C 298 -10.99 -57.00 -29.25
CA LEU C 298 -11.61 -55.80 -29.78
C LEU C 298 -12.32 -55.01 -28.69
N PHE C 299 -13.06 -55.69 -27.81
CA PHE C 299 -13.76 -54.99 -26.75
C PHE C 299 -12.80 -54.31 -25.79
N LEU C 300 -11.72 -55.01 -25.41
CA LEU C 300 -10.74 -54.39 -24.53
C LEU C 300 -10.05 -53.21 -25.21
N GLY C 301 -9.67 -53.36 -26.47
CA GLY C 301 -9.05 -52.25 -27.18
C GLY C 301 -9.97 -51.05 -27.26
N GLY C 302 -11.25 -51.28 -27.53
CA GLY C 302 -12.20 -50.18 -27.60
C GLY C 302 -12.38 -49.47 -26.26
N VAL C 303 -12.52 -50.23 -25.18
CA VAL C 303 -12.75 -49.59 -23.88
C VAL C 303 -11.51 -48.81 -23.45
N GLN C 304 -10.31 -49.36 -23.68
CA GLN C 304 -9.10 -48.62 -23.35
C GLN C 304 -8.90 -47.40 -24.24
N LEU C 305 -9.29 -47.48 -25.51
CA LEU C 305 -9.17 -46.31 -26.38
C LEU C 305 -10.13 -45.20 -25.96
N ILE C 306 -11.34 -45.56 -25.52
CA ILE C 306 -12.26 -44.55 -25.01
C ILE C 306 -11.71 -43.93 -23.72
N SER C 307 -11.13 -44.75 -22.84
CA SER C 307 -10.53 -44.20 -21.62
C SER C 307 -9.41 -43.24 -21.95
N LEU C 308 -8.53 -43.61 -22.89
CA LEU C 308 -7.44 -42.74 -23.30
C LEU C 308 -7.98 -41.44 -23.91
N GLY C 309 -9.04 -41.52 -24.70
CA GLY C 309 -9.62 -40.32 -25.28
C GLY C 309 -10.19 -39.36 -24.25
N VAL C 310 -10.93 -39.89 -23.28
CA VAL C 310 -11.48 -39.03 -22.24
C VAL C 310 -10.36 -38.41 -21.41
N ILE C 311 -9.35 -39.20 -21.07
CA ILE C 311 -8.21 -38.69 -20.31
C ILE C 311 -7.50 -37.60 -21.10
N GLY C 312 -7.34 -37.79 -22.41
CA GLY C 312 -6.70 -36.76 -23.22
C GLY C 312 -7.50 -35.47 -23.29
N GLU C 313 -8.82 -35.59 -23.41
CA GLU C 313 -9.66 -34.38 -23.42
C GLU C 313 -9.50 -33.60 -22.12
N TYR C 314 -9.58 -34.29 -20.98
CA TYR C 314 -9.48 -33.58 -19.72
C TYR C 314 -8.07 -33.06 -19.47
N LEU C 315 -7.05 -33.76 -19.94
CA LEU C 315 -5.68 -33.26 -19.85
C LEU C 315 -5.51 -32.00 -20.68
N GLY C 316 -6.12 -31.96 -21.87
CA GLY C 316 -6.08 -30.74 -22.66
C GLY C 316 -6.72 -29.56 -21.96
N ARG C 317 -7.87 -29.79 -21.33
CA ARG C 317 -8.51 -28.72 -20.57
C ARG C 317 -7.64 -28.27 -19.40
N VAL C 318 -7.00 -29.22 -18.72
CA VAL C 318 -6.07 -28.87 -17.65
C VAL C 318 -4.93 -28.01 -18.19
N TYR C 319 -4.42 -28.35 -19.37
CA TYR C 319 -3.35 -27.56 -19.98
C TYR C 319 -3.81 -26.13 -20.26
N GLU C 320 -5.02 -25.98 -20.82
CA GLU C 320 -5.53 -24.62 -21.02
C GLU C 320 -5.70 -23.88 -19.70
N GLU C 321 -5.96 -24.59 -18.61
CA GLU C 321 -6.14 -23.91 -17.32
C GLU C 321 -4.82 -23.37 -16.77
N VAL C 322 -3.75 -24.16 -16.82
CA VAL C 322 -2.50 -23.80 -16.17
C VAL C 322 -1.54 -23.06 -17.09
N LYS C 323 -1.92 -22.83 -18.34
CA LYS C 323 -1.05 -22.12 -19.29
C LYS C 323 -0.73 -20.72 -18.80
N ALA C 324 0.54 -20.33 -18.89
CA ALA C 324 0.97 -19.00 -18.50
C ALA C 324 0.89 -18.00 -19.64
N ARG C 325 1.04 -18.46 -20.88
CA ARG C 325 1.02 -17.57 -22.02
C ARG C 325 -0.39 -16.99 -22.20
N PRO C 326 -0.48 -15.68 -22.43
CA PRO C 326 -1.77 -14.99 -22.42
C PRO C 326 -2.56 -15.27 -23.71
N LEU C 327 -3.77 -14.70 -23.76
CA LEU C 327 -4.65 -14.90 -24.90
C LEU C 327 -4.36 -13.96 -26.05
N TYR C 328 -3.90 -12.75 -25.76
CA TYR C 328 -3.57 -11.76 -26.77
C TYR C 328 -2.44 -10.89 -26.25
N LEU C 329 -1.88 -10.09 -27.14
CA LEU C 329 -0.89 -9.08 -26.78
C LEU C 329 -1.30 -7.76 -27.42
N VAL C 330 -1.05 -6.67 -26.71
CA VAL C 330 -1.45 -5.34 -27.15
C VAL C 330 -0.21 -4.59 -27.61
N SER C 331 -0.22 -4.04 -28.78
CA SER C 331 0.93 -3.25 -29.29
C SER C 331 0.82 -1.80 -28.81
N ASP C 332 -0.30 -1.11 -29.14
CA ASP C 332 -0.48 0.29 -28.75
C ASP C 332 -1.90 0.52 -28.28
N LEU C 333 -2.09 1.63 -27.56
CA LEU C 333 -3.40 2.08 -27.12
C LEU C 333 -3.58 3.55 -27.45
N TRP C 334 -4.79 3.92 -27.86
CA TRP C 334 -5.17 5.31 -28.08
C TRP C 334 -6.38 5.63 -27.22
N GLY C 335 -6.23 6.57 -26.30
CA GLY C 335 -7.32 6.94 -25.41
C GLY C 335 -7.49 6.03 -24.22
N LEU C 336 -6.60 5.07 -24.02
CA LEU C 336 -6.70 4.09 -22.94
C LEU C 336 -5.35 3.96 -22.26
N GLU C 337 -5.38 3.45 -21.03
CA GLU C 337 -4.18 3.14 -20.27
C GLU C 337 -4.04 1.63 -20.14
N TYR C 338 -2.79 1.17 -20.13
CA TYR C 338 -2.53 -0.27 -20.11
C TYR C 338 -3.05 -0.90 -18.82
N LEU C 339 -3.62 -2.09 -18.95
CA LEU C 339 -4.08 -2.83 -17.80
C LEU C 339 -2.87 -3.36 -17.01
N PRO C 340 -3.00 -3.49 -15.68
CA PRO C 340 -1.84 -3.89 -14.88
C PRO C 340 -1.24 -5.24 -15.28
N LEU C 341 -2.07 -6.29 -15.34
CA LEU C 341 -1.64 -7.62 -15.75
C LEU C 341 -0.61 -8.22 -14.80
N GLU C 342 -0.40 -7.59 -13.65
CA GLU C 342 0.56 -8.07 -12.68
C GLU C 342 0.13 -7.61 -11.29
N LYS C 343 0.66 -8.29 -10.27
CA LYS C 343 0.35 -7.95 -8.88
C LYS C 343 1.52 -8.32 -7.97
N TYR D 23 -25.03 24.31 -15.13
CA TYR D 23 -25.42 24.51 -16.52
C TYR D 23 -24.60 23.58 -17.42
N PHE D 24 -23.29 23.54 -17.17
CA PHE D 24 -22.38 22.62 -17.85
C PHE D 24 -21.61 21.85 -16.79
N GLN D 25 -21.88 20.55 -16.67
CA GLN D 25 -21.23 19.71 -15.68
C GLN D 25 -20.64 18.50 -16.38
N SER D 26 -19.58 17.95 -15.78
CA SER D 26 -18.82 16.86 -16.34
C SER D 26 -19.03 15.60 -15.52
N ASN D 27 -19.35 14.49 -16.18
CA ASN D 27 -19.45 13.20 -15.53
C ASN D 27 -18.40 12.26 -16.12
N ALA D 28 -17.65 11.59 -15.24
CA ALA D 28 -16.54 10.74 -15.65
C ALA D 28 -16.92 9.28 -15.80
N THR D 29 -18.20 8.94 -15.61
CA THR D 29 -18.64 7.56 -15.72
C THR D 29 -19.28 7.29 -17.07
N ILE D 30 -18.88 6.18 -17.68
CA ILE D 30 -19.46 5.73 -18.95
C ILE D 30 -20.66 4.85 -18.64
N GLU D 31 -21.76 5.10 -19.34
CA GLU D 31 -22.97 4.29 -19.18
C GLU D 31 -22.98 3.06 -20.06
N LEU D 32 -22.29 3.09 -21.20
CA LEU D 32 -22.39 2.05 -22.19
C LEU D 32 -21.09 1.95 -22.99
N SER D 33 -20.61 0.73 -23.19
CA SER D 33 -19.43 0.48 -24.01
C SER D 33 -19.84 -0.30 -25.25
N ILE D 34 -19.47 0.22 -26.42
CA ILE D 34 -19.63 -0.48 -27.69
C ILE D 34 -18.26 -0.98 -28.12
N VAL D 35 -18.17 -2.27 -28.40
CA VAL D 35 -16.90 -2.92 -28.75
C VAL D 35 -17.01 -3.42 -30.18
N ILE D 36 -16.15 -2.92 -31.06
CA ILE D 36 -16.13 -3.29 -32.46
C ILE D 36 -14.73 -3.80 -32.80
N PRO D 37 -14.55 -5.11 -32.95
CA PRO D 37 -13.29 -5.63 -33.51
C PRO D 37 -13.25 -5.38 -35.01
N MET D 38 -12.13 -4.82 -35.48
CA MET D 38 -11.99 -4.44 -36.88
C MET D 38 -10.81 -5.18 -37.51
N TYR D 39 -11.00 -5.58 -38.76
CA TYR D 39 -9.96 -6.25 -39.53
C TYR D 39 -10.22 -5.97 -41.00
N ASN D 40 -9.38 -5.13 -41.60
CA ASN D 40 -9.53 -4.69 -42.99
C ASN D 40 -10.87 -3.99 -43.21
N GLU D 41 -11.28 -3.18 -42.24
CA GLU D 41 -12.49 -2.37 -42.36
C GLU D 41 -12.11 -0.97 -42.81
N GLU D 42 -11.55 -0.87 -44.02
CA GLU D 42 -10.88 0.37 -44.40
C GLU D 42 -11.88 1.49 -44.73
N ASP D 43 -12.63 1.32 -45.82
CA ASP D 43 -13.48 2.40 -46.30
C ASP D 43 -14.89 2.34 -45.75
N ASN D 44 -15.07 1.59 -44.65
CA ASN D 44 -16.42 1.42 -44.05
C ASN D 44 -16.49 2.14 -42.71
N LEU D 45 -15.38 2.72 -42.24
CA LEU D 45 -15.35 3.34 -40.89
C LEU D 45 -16.34 4.52 -40.82
N GLU D 46 -16.41 5.34 -41.88
CA GLU D 46 -17.28 6.54 -41.87
C GLU D 46 -18.74 6.11 -41.70
N HIS D 47 -19.25 5.27 -42.59
CA HIS D 47 -20.64 4.83 -42.52
C HIS D 47 -20.95 4.16 -41.19
N LEU D 48 -20.02 3.32 -40.71
CA LEU D 48 -20.24 2.63 -39.45
C LEU D 48 -20.42 3.62 -38.31
N PHE D 49 -19.54 4.61 -38.23
CA PHE D 49 -19.65 5.59 -37.15
C PHE D 49 -20.84 6.50 -37.36
N ALA D 50 -21.20 6.79 -38.61
CA ALA D 50 -22.39 7.58 -38.88
C ALA D 50 -23.63 6.90 -38.31
N ARG D 51 -23.82 5.61 -38.63
CA ARG D 51 -24.97 4.89 -38.11
C ARG D 51 -24.92 4.77 -36.59
N LEU D 52 -23.73 4.50 -36.04
CA LEU D 52 -23.60 4.35 -34.60
C LEU D 52 -24.00 5.62 -33.86
N LEU D 53 -23.55 6.78 -34.35
CA LEU D 53 -23.92 8.03 -33.68
C LEU D 53 -25.36 8.42 -33.97
N GLU D 54 -25.88 8.07 -35.15
CA GLU D 54 -27.29 8.35 -35.42
C GLU D 54 -28.21 7.55 -34.51
N VAL D 55 -27.75 6.40 -34.02
CA VAL D 55 -28.55 5.63 -33.07
C VAL D 55 -28.28 6.05 -31.63
N LEU D 56 -27.02 6.32 -31.29
CA LEU D 56 -26.63 6.46 -29.89
C LEU D 56 -26.98 7.81 -29.29
N THR D 57 -26.94 8.88 -30.09
CA THR D 57 -27.16 10.21 -29.52
C THR D 57 -28.60 10.47 -29.08
N PRO D 58 -29.64 9.89 -29.70
CA PRO D 58 -30.98 10.01 -29.12
C PRO D 58 -31.11 9.35 -27.76
N LEU D 59 -30.22 8.42 -27.41
CA LEU D 59 -30.31 7.76 -26.10
C LEU D 59 -29.99 8.68 -24.94
N LYS D 60 -29.27 9.79 -25.20
CA LYS D 60 -28.93 10.78 -24.18
C LYS D 60 -28.19 10.14 -22.99
N ILE D 61 -27.27 9.23 -23.29
CA ILE D 61 -26.44 8.59 -22.27
C ILE D 61 -24.99 8.73 -22.68
N THR D 62 -24.11 8.61 -21.68
CA THR D 62 -22.67 8.65 -21.92
C THR D 62 -22.21 7.29 -22.45
N TYR D 63 -21.35 7.31 -23.45
CA TYR D 63 -20.91 6.08 -24.09
C TYR D 63 -19.48 6.22 -24.59
N GLU D 64 -18.86 5.08 -24.85
CA GLU D 64 -17.57 5.00 -25.50
C GLU D 64 -17.63 3.92 -26.57
N ILE D 65 -16.80 4.07 -27.59
CA ILE D 65 -16.67 3.06 -28.64
C ILE D 65 -15.24 2.55 -28.60
N ILE D 66 -15.08 1.27 -28.26
CA ILE D 66 -13.77 0.63 -28.21
C ILE D 66 -13.56 -0.09 -29.54
N CYS D 67 -12.53 0.31 -30.27
CA CYS D 67 -12.22 -0.25 -31.57
C CYS D 67 -10.95 -1.09 -31.44
N VAL D 68 -11.04 -2.37 -31.81
CA VAL D 68 -9.92 -3.29 -31.68
C VAL D 68 -9.43 -3.64 -33.08
N ASN D 69 -8.18 -3.30 -33.36
CA ASN D 69 -7.52 -3.70 -34.61
C ASN D 69 -6.64 -4.90 -34.32
N ASP D 70 -6.91 -5.95 -35.10
CA ASP D 70 -6.16 -7.23 -34.98
C ASP D 70 -5.30 -7.43 -36.23
N GLY D 71 -4.21 -6.69 -36.38
CA GLY D 71 -3.30 -6.91 -37.49
C GLY D 71 -3.89 -6.73 -38.87
N SER D 72 -4.63 -5.66 -39.09
CA SER D 72 -5.15 -5.38 -40.42
C SER D 72 -4.01 -5.10 -41.39
N LYS D 73 -4.20 -5.50 -42.64
CA LYS D 73 -3.17 -5.31 -43.65
C LYS D 73 -3.39 -4.09 -44.53
N ASP D 74 -4.62 -3.59 -44.62
CA ASP D 74 -4.87 -2.33 -45.32
C ASP D 74 -4.62 -1.18 -44.35
N LYS D 75 -5.01 0.04 -44.73
CA LYS D 75 -4.75 1.19 -43.88
C LYS D 75 -5.96 1.54 -43.02
N THR D 76 -6.38 0.55 -42.23
CA THR D 76 -7.48 0.75 -41.29
C THR D 76 -7.06 1.59 -40.09
N LEU D 77 -5.82 1.39 -39.62
CA LEU D 77 -5.39 2.02 -38.38
C LEU D 77 -5.20 3.52 -38.55
N LYS D 78 -4.72 3.97 -39.72
CA LYS D 78 -4.50 5.41 -39.89
C LYS D 78 -5.82 6.17 -39.88
N GLN D 79 -6.86 5.62 -40.51
CA GLN D 79 -8.16 6.27 -40.46
C GLN D 79 -8.84 6.08 -39.12
N LEU D 80 -8.53 4.99 -38.41
CA LEU D 80 -8.98 4.88 -37.03
C LEU D 80 -8.40 6.01 -36.18
N ILE D 81 -7.12 6.32 -36.37
CA ILE D 81 -6.49 7.41 -35.62
C ILE D 81 -7.06 8.76 -36.04
N ASP D 82 -7.34 8.92 -37.33
CA ASP D 82 -7.98 10.14 -37.80
C ASP D 82 -9.36 10.34 -37.14
N CYS D 83 -10.13 9.26 -37.03
CA CYS D 83 -11.41 9.34 -36.33
C CYS D 83 -11.22 9.60 -34.83
N TYR D 84 -10.18 9.01 -34.24
CA TYR D 84 -9.91 9.21 -32.82
C TYR D 84 -9.54 10.66 -32.52
N GLN D 85 -8.93 11.37 -33.46
CA GLN D 85 -8.54 12.74 -33.21
C GLN D 85 -9.74 13.68 -33.11
N SER D 86 -10.80 13.42 -33.86
CA SER D 86 -11.95 14.32 -33.93
C SER D 86 -13.16 13.81 -33.16
N ASN D 87 -12.99 12.79 -32.32
CA ASN D 87 -14.10 12.20 -31.57
C ASN D 87 -13.58 11.71 -30.23
N ARG D 88 -14.10 12.30 -29.14
CA ARG D 88 -13.64 11.92 -27.81
C ARG D 88 -14.17 10.57 -27.36
N GLN D 89 -15.19 10.03 -28.01
CA GLN D 89 -15.80 8.80 -27.59
C GLN D 89 -15.19 7.57 -28.24
N ILE D 90 -14.18 7.75 -29.08
CA ILE D 90 -13.55 6.66 -29.82
C ILE D 90 -12.22 6.33 -29.16
N LYS D 91 -12.01 5.04 -28.87
CA LYS D 91 -10.75 4.54 -28.34
C LYS D 91 -10.31 3.35 -29.17
N ILE D 92 -8.99 3.15 -29.26
CA ILE D 92 -8.40 2.14 -30.14
C ILE D 92 -7.55 1.19 -29.31
N VAL D 93 -7.77 -0.11 -29.52
CA VAL D 93 -6.90 -1.16 -29.00
C VAL D 93 -6.20 -1.81 -30.20
N ASN D 94 -4.88 -1.71 -30.24
CA ASN D 94 -4.07 -2.31 -31.29
C ASN D 94 -3.42 -3.57 -30.76
N LEU D 95 -3.66 -4.70 -31.42
CA LEU D 95 -3.08 -5.96 -31.02
C LEU D 95 -1.77 -6.20 -31.76
N SER D 96 -0.90 -7.01 -31.14
CA SER D 96 0.44 -7.19 -31.68
C SER D 96 0.41 -7.86 -33.05
N ARG D 97 -0.49 -8.82 -33.24
CA ARG D 97 -0.67 -9.47 -34.54
C ARG D 97 -2.15 -9.77 -34.73
N ASN D 98 -2.44 -10.57 -35.73
CA ASN D 98 -3.81 -10.98 -36.06
C ASN D 98 -4.17 -12.21 -35.24
N PHE D 99 -4.80 -11.99 -34.09
CA PHE D 99 -5.43 -13.07 -33.35
C PHE D 99 -6.84 -13.24 -33.90
N GLY D 100 -7.64 -14.12 -33.30
CA GLY D 100 -8.99 -14.31 -33.76
C GLY D 100 -9.88 -13.12 -33.51
N LYS D 101 -11.05 -13.13 -34.16
CA LYS D 101 -12.05 -12.10 -33.92
C LYS D 101 -12.66 -12.23 -32.53
N GLU D 102 -12.79 -13.46 -32.04
CA GLU D 102 -13.27 -13.68 -30.68
C GLU D 102 -12.26 -13.18 -29.65
N ILE D 103 -10.97 -13.37 -29.92
CA ILE D 103 -9.95 -12.84 -29.02
C ILE D 103 -9.92 -11.32 -29.07
N ALA D 104 -10.18 -10.75 -30.25
CA ALA D 104 -10.29 -9.29 -30.35
C ALA D 104 -11.48 -8.77 -29.55
N LEU D 105 -12.61 -9.48 -29.59
CA LEU D 105 -13.74 -9.10 -28.76
C LEU D 105 -13.41 -9.20 -27.28
N SER D 106 -12.70 -10.25 -26.89
CA SER D 106 -12.28 -10.40 -25.50
C SER D 106 -11.37 -9.25 -25.07
N ALA D 107 -10.42 -8.86 -25.92
CA ALA D 107 -9.54 -7.74 -25.60
C ALA D 107 -10.32 -6.44 -25.45
N GLY D 108 -11.25 -6.19 -26.37
CA GLY D 108 -12.07 -5.00 -26.27
C GLY D 108 -12.89 -4.95 -25.01
N ILE D 109 -13.53 -6.07 -24.65
CA ILE D 109 -14.31 -6.12 -23.42
C ILE D 109 -13.41 -5.95 -22.20
N ASP D 110 -12.19 -6.49 -22.26
CA ASP D 110 -11.23 -6.29 -21.18
C ASP D 110 -10.88 -4.82 -20.99
N TYR D 111 -10.81 -4.07 -22.09
CA TYR D 111 -10.46 -2.66 -22.00
C TYR D 111 -11.67 -1.74 -21.90
N ALA D 112 -12.88 -2.28 -21.86
CA ALA D 112 -14.09 -1.48 -21.83
C ALA D 112 -14.49 -1.17 -20.40
N GLN D 113 -14.81 0.10 -20.14
CA GLN D 113 -15.33 0.56 -18.86
C GLN D 113 -16.70 1.15 -19.12
N GLY D 114 -17.71 0.62 -18.44
CA GLY D 114 -19.07 1.03 -18.68
C GLY D 114 -20.03 0.13 -17.93
N ASN D 115 -21.23 0.61 -17.65
CA ASN D 115 -22.17 -0.18 -16.87
C ASN D 115 -22.71 -1.35 -17.70
N ALA D 116 -22.91 -1.15 -18.99
CA ALA D 116 -23.27 -2.21 -19.92
C ALA D 116 -22.27 -2.25 -21.05
N VAL D 117 -22.03 -3.44 -21.57
CA VAL D 117 -21.13 -3.65 -22.69
C VAL D 117 -21.92 -4.30 -23.82
N ILE D 118 -21.79 -3.76 -25.02
CA ILE D 118 -22.48 -4.31 -26.18
C ILE D 118 -21.46 -4.59 -27.30
N PRO D 119 -21.16 -5.86 -27.59
CA PRO D 119 -20.33 -6.17 -28.75
C PRO D 119 -21.08 -5.95 -30.04
N ILE D 120 -20.48 -5.19 -30.96
CA ILE D 120 -21.11 -4.80 -32.21
C ILE D 120 -20.24 -5.31 -33.35
N ASP D 121 -20.88 -5.89 -34.36
CA ASP D 121 -20.15 -6.36 -35.54
C ASP D 121 -19.96 -5.20 -36.52
N ALA D 122 -18.79 -5.19 -37.16
CA ALA D 122 -18.38 -4.00 -37.91
C ALA D 122 -19.16 -3.83 -39.21
N ASP D 123 -19.74 -4.91 -39.75
CA ASP D 123 -20.49 -4.78 -40.99
C ASP D 123 -21.96 -4.45 -40.78
N LEU D 124 -22.41 -4.40 -39.52
CA LEU D 124 -23.77 -4.00 -39.17
C LEU D 124 -24.81 -4.88 -39.88
N GLN D 125 -24.56 -6.18 -39.89
CA GLN D 125 -25.56 -7.12 -40.38
C GLN D 125 -26.79 -7.11 -39.48
N ASP D 126 -26.59 -6.99 -38.17
CA ASP D 126 -27.65 -6.76 -37.19
C ASP D 126 -27.86 -5.26 -37.01
N PRO D 127 -29.07 -4.77 -37.19
CA PRO D 127 -29.30 -3.32 -37.19
C PRO D 127 -28.88 -2.69 -35.87
N PRO D 128 -28.20 -1.55 -35.91
CA PRO D 128 -27.82 -0.87 -34.66
C PRO D 128 -29.01 -0.32 -33.89
N GLU D 129 -30.19 -0.24 -34.50
CA GLU D 129 -31.37 0.23 -33.79
C GLU D 129 -31.84 -0.75 -32.71
N LEU D 130 -31.30 -1.97 -32.69
CA LEU D 130 -31.60 -2.90 -31.61
C LEU D 130 -30.95 -2.50 -30.30
N ILE D 131 -29.97 -1.58 -30.34
CA ILE D 131 -29.33 -1.12 -29.10
C ILE D 131 -30.34 -0.38 -28.23
N HIS D 132 -31.30 0.31 -28.84
CA HIS D 132 -32.36 0.96 -28.07
C HIS D 132 -33.17 -0.07 -27.29
N GLU D 133 -33.55 -1.17 -27.94
CA GLU D 133 -34.31 -2.21 -27.26
C GLU D 133 -33.48 -2.91 -26.18
N LEU D 134 -32.20 -3.16 -26.47
CA LEU D 134 -31.33 -3.77 -25.48
C LEU D 134 -31.19 -2.89 -24.24
N VAL D 135 -31.02 -1.59 -24.44
CA VAL D 135 -30.89 -0.68 -23.31
C VAL D 135 -32.22 -0.56 -22.56
N ASP D 136 -33.34 -0.58 -23.28
CA ASP D 136 -34.64 -0.55 -22.62
C ASP D 136 -34.83 -1.76 -21.72
N LYS D 137 -34.50 -2.95 -22.22
CA LYS D 137 -34.63 -4.15 -21.40
C LYS D 137 -33.63 -4.16 -20.24
N TRP D 138 -32.45 -3.58 -20.45
CA TRP D 138 -31.47 -3.50 -19.38
C TRP D 138 -31.96 -2.60 -18.25
N ARG D 139 -32.67 -1.53 -18.58
CA ARG D 139 -33.19 -0.61 -17.57
C ARG D 139 -34.27 -1.26 -16.71
N GLU D 140 -34.92 -2.31 -17.21
CA GLU D 140 -35.95 -3.02 -16.46
C GLU D 140 -35.40 -3.99 -15.43
N GLY D 141 -34.08 -4.20 -15.40
CA GLY D 141 -33.47 -5.05 -14.41
C GLY D 141 -32.83 -6.32 -14.94
N TYR D 142 -32.80 -6.56 -16.25
CA TYR D 142 -32.18 -7.74 -16.80
C TYR D 142 -30.67 -7.54 -16.93
N ASP D 143 -29.91 -8.55 -16.55
CA ASP D 143 -28.46 -8.47 -16.57
C ASP D 143 -27.86 -8.88 -17.91
N ILE D 144 -28.50 -9.79 -18.62
CA ILE D 144 -28.08 -10.19 -19.96
C ILE D 144 -29.31 -10.13 -20.87
N VAL D 145 -29.20 -9.38 -21.95
CA VAL D 145 -30.23 -9.30 -22.98
C VAL D 145 -29.63 -9.82 -24.27
N TYR D 146 -30.33 -10.70 -24.95
CA TYR D 146 -29.90 -11.24 -26.23
C TYR D 146 -30.76 -10.68 -27.35
N ALA D 147 -30.14 -10.50 -28.52
CA ALA D 147 -30.85 -10.16 -29.74
C ALA D 147 -30.89 -11.42 -30.59
N THR D 148 -32.05 -12.06 -30.64
CA THR D 148 -32.22 -13.33 -31.34
C THR D 148 -33.05 -13.13 -32.61
N ARG D 149 -32.60 -13.72 -33.70
CA ARG D 149 -33.34 -13.66 -34.94
C ARG D 149 -34.71 -14.32 -34.78
N ARG D 150 -35.72 -13.71 -35.39
CA ARG D 150 -37.10 -14.18 -35.24
C ARG D 150 -37.32 -15.35 -36.18
N SER D 151 -37.05 -16.56 -35.67
CA SER D 151 -37.22 -17.80 -36.44
C SER D 151 -36.41 -17.78 -37.74
N ARG D 152 -35.09 -17.72 -37.57
CA ARG D 152 -34.20 -17.68 -38.73
C ARG D 152 -34.28 -18.97 -39.52
N GLN D 153 -34.14 -18.87 -40.84
CA GLN D 153 -34.23 -20.02 -41.72
C GLN D 153 -33.09 -21.00 -41.48
N THR D 162 -39.44 -30.92 -32.42
CA THR D 162 -38.04 -31.29 -32.46
C THR D 162 -37.55 -31.80 -31.11
N ALA D 163 -37.09 -33.04 -31.08
CA ALA D 163 -36.54 -33.61 -29.85
C ALA D 163 -35.15 -33.07 -29.53
N LYS D 164 -34.42 -32.53 -30.39
CA LYS D 164 -33.05 -32.03 -30.08
C LYS D 164 -33.18 -30.83 -29.12
N MET D 165 -34.20 -29.90 -29.43
CA MET D 165 -34.36 -28.79 -28.50
C MET D 165 -34.59 -29.30 -27.08
N PHE D 166 -35.43 -30.31 -26.93
CA PHE D 166 -35.68 -30.88 -25.61
C PHE D 166 -34.42 -31.53 -25.03
N TYR D 167 -33.64 -32.20 -25.88
CA TYR D 167 -32.39 -32.79 -25.43
C TYR D 167 -31.43 -31.73 -24.93
N LYS D 168 -31.30 -30.63 -25.67
CA LYS D 168 -30.43 -29.54 -25.23
C LYS D 168 -30.94 -28.93 -23.93
N VAL D 169 -32.25 -28.75 -23.80
CA VAL D 169 -32.82 -28.16 -22.59
C VAL D 169 -32.53 -29.04 -21.38
N ILE D 170 -32.77 -30.35 -21.51
CA ILE D 170 -32.53 -31.24 -20.39
C ILE D 170 -31.04 -31.40 -20.10
N GLY D 171 -30.18 -31.20 -21.11
CA GLY D 171 -28.75 -31.18 -20.85
C GLY D 171 -28.24 -29.91 -20.22
N ARG D 172 -29.00 -28.81 -20.35
CA ARG D 172 -28.56 -27.54 -19.79
C ARG D 172 -28.75 -27.47 -18.27
N MET D 173 -29.60 -28.35 -17.71
CA MET D 173 -29.83 -28.50 -16.27
C MET D 173 -30.06 -27.16 -15.57
N THR D 174 -30.50 -26.15 -16.31
CA THR D 174 -30.81 -24.83 -15.77
C THR D 174 -31.77 -24.16 -16.73
N GLU D 175 -32.84 -23.58 -16.19
CA GLU D 175 -33.95 -23.10 -17.02
C GLU D 175 -33.48 -21.95 -17.91
N ILE D 176 -33.32 -22.23 -19.20
CA ILE D 176 -32.98 -21.24 -20.22
C ILE D 176 -34.04 -21.33 -21.31
N LYS D 177 -34.62 -20.18 -21.67
CA LYS D 177 -35.72 -20.15 -22.62
C LYS D 177 -35.34 -19.47 -23.94
N ILE D 178 -34.11 -19.02 -24.08
CA ILE D 178 -33.70 -18.28 -25.27
C ILE D 178 -33.59 -19.24 -26.44
N PRO D 179 -34.04 -18.87 -27.64
CA PRO D 179 -34.02 -19.78 -28.80
C PRO D 179 -32.61 -20.29 -29.09
N PRO D 180 -32.49 -21.38 -29.86
CA PRO D 180 -31.17 -22.04 -30.00
C PRO D 180 -30.07 -21.15 -30.57
N ASN D 181 -30.38 -20.26 -31.52
CA ASN D 181 -29.35 -19.39 -32.08
C ASN D 181 -28.81 -18.45 -31.00
N THR D 182 -29.69 -17.98 -30.12
CA THR D 182 -29.43 -17.38 -28.80
C THR D 182 -28.49 -16.19 -28.81
N GLY D 183 -28.03 -15.73 -29.97
CA GLY D 183 -27.50 -14.39 -30.07
C GLY D 183 -26.04 -14.16 -29.71
N ASP D 184 -25.26 -13.63 -30.65
CA ASP D 184 -23.96 -13.07 -30.30
C ASP D 184 -24.02 -11.55 -30.13
N PHE D 185 -25.08 -10.93 -30.64
CA PHE D 185 -25.33 -9.51 -30.41
C PHE D 185 -26.15 -9.38 -29.13
N ARG D 186 -25.54 -8.85 -28.07
CA ARG D 186 -26.15 -8.91 -26.75
C ARG D 186 -25.64 -7.76 -25.90
N LEU D 187 -26.32 -7.56 -24.78
CA LEU D 187 -25.90 -6.64 -23.72
C LEU D 187 -25.54 -7.45 -22.48
N MET D 188 -24.46 -7.08 -21.84
CA MET D 188 -24.06 -7.76 -20.58
C MET D 188 -23.76 -6.71 -19.52
N ASP D 189 -24.35 -6.85 -18.34
CA ASP D 189 -24.16 -5.95 -17.22
C ASP D 189 -22.73 -6.05 -16.68
N ARG D 190 -22.29 -4.97 -16.05
CA ARG D 190 -20.95 -4.92 -15.45
C ARG D 190 -20.76 -6.07 -14.47
N LYS D 191 -21.82 -6.46 -13.77
CA LYS D 191 -21.77 -7.60 -12.86
C LYS D 191 -21.33 -8.87 -13.57
N VAL D 192 -21.95 -9.15 -14.72
CA VAL D 192 -21.65 -10.37 -15.46
C VAL D 192 -20.24 -10.32 -16.04
N VAL D 193 -19.84 -9.18 -16.60
CA VAL D 193 -18.51 -9.09 -17.19
C VAL D 193 -17.43 -9.14 -16.13
N ASN D 194 -17.71 -8.68 -14.90
CA ASN D 194 -16.75 -8.85 -13.82
C ASN D 194 -16.72 -10.29 -13.31
N ALA D 195 -17.85 -11.00 -13.40
CA ALA D 195 -17.90 -12.38 -12.95
C ALA D 195 -17.00 -13.28 -13.80
N ILE D 196 -16.96 -13.03 -15.11
CA ILE D 196 -16.33 -13.96 -16.04
C ILE D 196 -15.02 -13.40 -16.62
N LYS D 197 -14.46 -12.36 -16.01
CA LYS D 197 -13.33 -11.68 -16.63
C LYS D 197 -12.03 -12.47 -16.51
N GLN D 198 -11.96 -13.45 -15.62
CA GLN D 198 -10.77 -14.27 -15.44
C GLN D 198 -10.96 -15.70 -15.92
N LEU D 199 -12.01 -15.96 -16.67
CA LEU D 199 -12.36 -17.32 -17.05
C LEU D 199 -11.93 -17.60 -18.49
N PRO D 200 -11.28 -18.74 -18.75
CA PRO D 200 -10.92 -19.07 -20.15
C PRO D 200 -12.13 -19.14 -21.07
N GLU D 201 -13.30 -19.45 -20.54
CA GLU D 201 -14.50 -19.66 -21.40
C GLU D 201 -15.18 -18.31 -21.69
N ARG D 202 -14.55 -17.20 -21.29
CA ARG D 202 -15.12 -15.86 -21.62
C ARG D 202 -15.14 -15.71 -23.15
N THR D 203 -14.08 -16.17 -23.83
CA THR D 203 -13.97 -16.05 -25.30
C THR D 203 -15.12 -16.78 -25.95
N ARG D 204 -15.47 -17.97 -25.46
CA ARG D 204 -16.62 -18.69 -25.98
C ARG D 204 -17.69 -18.63 -24.89
N PHE D 205 -18.38 -17.49 -24.82
CA PHE D 205 -19.39 -17.28 -23.79
C PHE D 205 -20.67 -18.04 -24.10
N MET D 206 -20.93 -18.29 -25.37
CA MET D 206 -22.27 -18.65 -25.77
C MET D 206 -22.41 -20.15 -25.99
N LYS D 207 -21.40 -20.94 -25.60
CA LYS D 207 -21.43 -22.39 -25.73
C LYS D 207 -21.70 -23.09 -24.40
N GLY D 208 -22.15 -22.37 -23.38
CA GLY D 208 -22.49 -23.00 -22.12
C GLY D 208 -22.19 -22.19 -20.88
N LEU D 209 -21.31 -21.19 -21.01
CA LEU D 209 -21.03 -20.30 -19.88
C LEU D 209 -22.23 -19.43 -19.56
N PHE D 210 -22.99 -19.04 -20.59
CA PHE D 210 -24.20 -18.27 -20.39
C PHE D 210 -25.21 -19.05 -19.55
N ALA D 211 -25.25 -20.37 -19.72
CA ALA D 211 -26.15 -21.20 -18.95
C ALA D 211 -25.60 -21.50 -17.56
N TRP D 212 -24.32 -21.26 -17.33
CA TRP D 212 -23.73 -21.48 -16.01
C TRP D 212 -23.81 -20.25 -15.12
N VAL D 213 -23.68 -19.05 -15.70
CA VAL D 213 -23.70 -17.84 -14.89
C VAL D 213 -25.08 -17.65 -14.24
N GLY D 214 -26.15 -17.88 -14.99
CA GLY D 214 -27.49 -17.97 -14.42
C GLY D 214 -28.04 -16.70 -13.81
N TYR D 215 -27.71 -15.54 -14.36
CA TYR D 215 -28.25 -14.29 -13.85
C TYR D 215 -29.68 -14.09 -14.36
N ARG D 216 -30.19 -12.87 -14.24
CA ARG D 216 -31.48 -12.52 -14.84
C ARG D 216 -31.28 -12.20 -16.31
N GLN D 217 -31.90 -13.00 -17.19
CA GLN D 217 -31.62 -12.95 -18.61
C GLN D 217 -32.92 -12.91 -19.41
N THR D 218 -32.89 -12.22 -20.54
CA THR D 218 -34.02 -12.12 -21.44
C THR D 218 -33.50 -12.04 -22.87
N PHE D 219 -34.42 -11.86 -23.82
CA PHE D 219 -34.05 -11.73 -25.21
C PHE D 219 -34.96 -10.72 -25.90
N VAL D 220 -34.52 -10.27 -27.08
CA VAL D 220 -35.29 -9.38 -27.94
C VAL D 220 -35.32 -9.99 -29.34
N LEU D 221 -36.51 -10.05 -29.93
CA LEU D 221 -36.68 -10.68 -31.23
C LEU D 221 -36.58 -9.64 -32.35
N PHE D 222 -35.94 -10.03 -33.45
CA PHE D 222 -35.80 -9.16 -34.60
C PHE D 222 -35.65 -10.00 -35.86
N ASP D 223 -35.90 -9.36 -37.01
CA ASP D 223 -35.79 -10.01 -38.31
C ASP D 223 -34.65 -9.38 -39.10
N ARG D 224 -33.93 -10.21 -39.85
CA ARG D 224 -32.86 -9.77 -40.73
C ARG D 224 -33.27 -9.97 -42.18
N GLU D 225 -33.09 -8.91 -42.98
CA GLU D 225 -33.46 -9.00 -44.41
C GLU D 225 -32.68 -10.08 -45.15
N PRO D 226 -31.34 -10.14 -45.08
CA PRO D 226 -30.64 -11.26 -45.71
C PRO D 226 -30.63 -12.49 -44.81
N ARG D 227 -31.13 -13.60 -45.33
CA ARG D 227 -31.20 -14.84 -44.57
C ARG D 227 -29.81 -15.41 -44.30
N TRP D 234 -28.12 -23.41 -40.07
CA TRP D 234 -28.92 -24.58 -39.74
C TRP D 234 -28.07 -25.84 -39.69
N ASN D 235 -26.79 -25.66 -39.35
CA ASN D 235 -25.86 -26.79 -39.28
C ASN D 235 -26.14 -27.64 -38.05
N TYR D 236 -26.27 -28.95 -38.25
CA TYR D 236 -26.43 -29.87 -37.12
C TYR D 236 -25.10 -30.12 -36.42
N TRP D 237 -24.00 -30.14 -37.18
CA TRP D 237 -22.68 -30.33 -36.58
C TRP D 237 -22.36 -29.22 -35.59
N LYS D 238 -22.67 -27.98 -35.93
CA LYS D 238 -22.48 -26.88 -35.00
C LYS D 238 -23.41 -27.02 -33.79
N LEU D 239 -24.66 -27.45 -34.01
CA LEU D 239 -25.62 -27.57 -32.92
C LEU D 239 -25.29 -28.74 -31.99
N TRP D 240 -24.43 -29.67 -32.42
CA TRP D 240 -23.94 -30.72 -31.55
C TRP D 240 -22.57 -30.44 -30.94
N ASN D 241 -21.71 -29.68 -31.62
CA ASN D 241 -20.39 -29.39 -31.09
C ASN D 241 -20.47 -28.55 -29.82
N PHE D 242 -21.41 -27.60 -29.77
CA PHE D 242 -21.52 -26.78 -28.57
C PHE D 242 -21.97 -27.60 -27.38
N ALA D 243 -22.89 -28.56 -27.60
CA ALA D 243 -23.29 -29.46 -26.53
C ALA D 243 -22.14 -30.36 -26.10
N LEU D 244 -21.35 -30.84 -27.06
CA LEU D 244 -20.19 -31.67 -26.73
C LEU D 244 -19.16 -30.89 -25.93
N ASP D 245 -18.96 -29.62 -26.26
CA ASP D 245 -18.04 -28.79 -25.49
C ASP D 245 -18.59 -28.50 -24.10
N GLY D 246 -19.90 -28.27 -24.00
CA GLY D 246 -20.49 -27.95 -22.71
C GLY D 246 -20.50 -29.13 -21.74
N ILE D 247 -20.73 -30.34 -22.24
CA ILE D 247 -20.79 -31.49 -21.34
C ILE D 247 -19.44 -31.81 -20.73
N PHE D 248 -18.35 -31.33 -21.32
CA PHE D 248 -17.01 -31.53 -20.76
C PHE D 248 -16.46 -30.29 -20.07
N SER D 249 -16.95 -29.10 -20.42
CA SER D 249 -16.42 -27.87 -19.84
C SER D 249 -16.99 -27.58 -18.45
N PHE D 250 -18.20 -28.04 -18.15
CA PHE D 250 -18.87 -27.69 -16.91
C PHE D 250 -19.30 -28.92 -16.11
N SER D 251 -18.71 -30.08 -16.38
CA SER D 251 -19.06 -31.28 -15.64
C SER D 251 -17.92 -32.28 -15.74
N LEU D 252 -17.56 -32.87 -14.60
CA LEU D 252 -16.64 -34.00 -14.55
C LEU D 252 -17.39 -35.33 -14.61
N LEU D 253 -18.70 -35.29 -14.85
CA LEU D 253 -19.51 -36.51 -14.86
C LEU D 253 -19.04 -37.53 -15.89
N PRO D 254 -18.73 -37.18 -17.14
CA PRO D 254 -18.24 -38.21 -18.07
C PRO D 254 -17.01 -38.93 -17.57
N LEU D 255 -16.06 -38.18 -16.99
CA LEU D 255 -14.82 -38.80 -16.50
C LEU D 255 -15.10 -39.77 -15.37
N LYS D 256 -15.89 -39.35 -14.38
CA LYS D 256 -16.19 -40.20 -13.24
C LYS D 256 -16.96 -41.45 -13.67
N VAL D 257 -17.98 -41.26 -14.50
CA VAL D 257 -18.81 -42.38 -14.93
C VAL D 257 -17.97 -43.37 -15.74
N TRP D 258 -17.12 -42.88 -16.63
CA TRP D 258 -16.33 -43.80 -17.43
C TRP D 258 -15.27 -44.49 -16.59
N THR D 259 -14.68 -43.81 -15.60
CA THR D 259 -13.72 -44.49 -14.73
C THR D 259 -14.39 -45.62 -13.96
N TYR D 260 -15.58 -45.38 -13.41
CA TYR D 260 -16.25 -46.45 -12.67
C TYR D 260 -16.70 -47.57 -13.60
N LEU D 261 -17.15 -47.24 -14.81
CA LEU D 261 -17.57 -48.26 -15.76
C LEU D 261 -16.38 -49.13 -16.19
N GLY D 262 -15.25 -48.50 -16.50
CA GLY D 262 -14.06 -49.26 -16.82
C GLY D 262 -13.57 -50.08 -15.64
N SER D 263 -13.74 -49.57 -14.42
CA SER D 263 -13.35 -50.33 -13.24
C SER D 263 -14.18 -51.60 -13.09
N ILE D 264 -15.50 -51.49 -13.27
CA ILE D 264 -16.34 -52.69 -13.13
C ILE D 264 -16.09 -53.65 -14.28
N ILE D 265 -15.83 -53.13 -15.49
CA ILE D 265 -15.49 -54.01 -16.61
C ILE D 265 -14.17 -54.74 -16.34
N SER D 266 -13.19 -54.02 -15.80
CA SER D 266 -11.92 -54.65 -15.45
C SER D 266 -12.09 -55.71 -14.38
N LEU D 267 -12.93 -55.43 -13.38
CA LEU D 267 -13.18 -56.44 -12.34
C LEU D 267 -13.84 -57.68 -12.92
N LEU D 268 -14.81 -57.50 -13.82
CA LEU D 268 -15.46 -58.65 -14.44
C LEU D 268 -14.48 -59.45 -15.29
N SER D 269 -13.62 -58.76 -16.04
CA SER D 269 -12.63 -59.45 -16.86
C SER D 269 -11.63 -60.21 -16.00
N LEU D 270 -11.19 -59.61 -14.90
CA LEU D 270 -10.26 -60.31 -14.00
C LEU D 270 -10.92 -61.50 -13.33
N ALA D 271 -12.20 -61.37 -12.98
CA ALA D 271 -12.93 -62.51 -12.43
C ALA D 271 -13.03 -63.65 -13.45
N TYR D 272 -13.33 -63.30 -14.71
CA TYR D 272 -13.37 -64.32 -15.76
C TYR D 272 -12.01 -64.97 -15.96
N ALA D 273 -10.93 -64.17 -15.90
CA ALA D 273 -9.59 -64.73 -16.04
C ALA D 273 -9.26 -65.68 -14.89
N SER D 274 -9.64 -65.32 -13.67
CA SER D 274 -9.42 -66.21 -12.54
C SER D 274 -10.23 -67.50 -12.68
N PHE D 275 -11.46 -67.38 -13.18
CA PHE D 275 -12.28 -68.56 -13.44
C PHE D 275 -11.63 -69.45 -14.51
N LEU D 276 -11.07 -68.84 -15.55
CA LEU D 276 -10.46 -69.61 -16.62
C LEU D 276 -9.16 -70.28 -16.17
N ILE D 277 -8.40 -69.61 -15.30
CA ILE D 277 -7.19 -70.24 -14.78
C ILE D 277 -7.54 -71.32 -13.77
N LEU D 278 -8.68 -71.19 -13.09
CA LEU D 278 -9.22 -72.30 -12.33
C LEU D 278 -9.63 -73.43 -13.26
N LYS D 279 -10.24 -73.08 -14.39
CA LYS D 279 -10.51 -74.04 -15.45
C LYS D 279 -9.21 -74.50 -16.09
N THR D 280 -9.38 -75.65 -16.91
CA THR D 280 -8.24 -76.26 -17.68
C THR D 280 -7.22 -76.94 -16.77
N ILE D 281 -7.29 -76.72 -15.44
CA ILE D 281 -6.48 -77.46 -14.49
C ILE D 281 -7.29 -78.58 -13.84
N THR D 282 -8.50 -78.25 -13.38
CA THR D 282 -9.44 -79.28 -12.95
C THR D 282 -10.10 -79.96 -14.13
N LEU D 283 -10.37 -79.22 -15.20
CA LEU D 283 -10.99 -79.75 -16.40
C LEU D 283 -9.93 -80.00 -17.48
N GLY D 284 -10.38 -80.33 -18.68
CA GLY D 284 -9.49 -80.70 -19.76
C GLY D 284 -8.75 -79.52 -20.36
N VAL D 285 -7.78 -79.85 -21.21
CA VAL D 285 -6.92 -78.86 -21.86
C VAL D 285 -7.13 -78.93 -23.37
N ASP D 286 -8.37 -79.20 -23.79
CA ASP D 286 -8.70 -79.39 -25.20
C ASP D 286 -8.06 -78.33 -26.10
N VAL D 287 -8.14 -77.07 -25.71
CA VAL D 287 -7.52 -75.98 -26.45
C VAL D 287 -6.09 -75.81 -25.92
N PRO D 288 -5.06 -76.05 -26.72
CA PRO D 288 -3.68 -75.97 -26.22
C PRO D 288 -3.26 -74.55 -25.86
N GLY D 289 -3.40 -73.63 -26.81
CA GLY D 289 -2.91 -72.29 -26.62
C GLY D 289 -3.98 -71.22 -26.48
N TYR D 290 -5.25 -71.64 -26.55
CA TYR D 290 -6.33 -70.67 -26.44
C TYR D 290 -6.52 -70.20 -25.01
N ALA D 291 -6.46 -71.12 -24.04
CA ALA D 291 -6.78 -70.76 -22.66
C ALA D 291 -5.72 -69.85 -22.06
N SER D 292 -4.45 -70.18 -22.26
CA SER D 292 -3.38 -69.35 -21.71
C SER D 292 -3.37 -67.97 -22.35
N LEU D 293 -3.58 -67.91 -23.67
CA LEU D 293 -3.66 -66.63 -24.35
C LEU D 293 -4.84 -65.81 -23.84
N MET D 294 -5.97 -66.36 -23.64
CA MET D 294 -7.13 -65.60 -23.13
C MET D 294 -6.81 -65.08 -21.72
N VAL D 295 -6.27 -65.99 -20.84
CA VAL D 295 -6.02 -65.51 -19.48
C VAL D 295 -5.00 -64.38 -19.48
N ALA D 296 -3.99 -64.46 -20.35
CA ALA D 296 -3.02 -63.37 -20.45
C ALA D 296 -3.67 -62.09 -20.95
N ILE D 297 -4.50 -62.20 -21.99
CA ILE D 297 -5.16 -61.02 -22.55
C ILE D 297 -6.09 -60.39 -21.53
N LEU D 298 -6.88 -61.21 -20.84
CA LEU D 298 -7.82 -60.67 -19.85
C LEU D 298 -7.09 -60.03 -18.68
N PHE D 299 -6.02 -60.67 -18.18
CA PHE D 299 -5.28 -60.09 -17.05
C PHE D 299 -4.63 -58.77 -17.44
N LEU D 300 -4.02 -58.71 -18.63
CA LEU D 300 -3.41 -57.46 -19.06
C LEU D 300 -4.46 -56.37 -19.26
N GLY D 301 -5.58 -56.71 -19.89
CA GLY D 301 -6.64 -55.73 -20.06
C GLY D 301 -7.16 -55.20 -18.73
N GLY D 302 -7.33 -56.09 -17.75
CA GLY D 302 -7.79 -55.66 -16.45
C GLY D 302 -6.81 -54.74 -15.74
N VAL D 303 -5.52 -55.10 -15.76
CA VAL D 303 -4.54 -54.28 -15.06
C VAL D 303 -4.41 -52.92 -15.72
N GLN D 304 -4.43 -52.87 -17.06
CA GLN D 304 -4.37 -51.57 -17.73
C GLN D 304 -5.64 -50.75 -17.51
N LEU D 305 -6.80 -51.40 -17.42
CA LEU D 305 -8.03 -50.66 -17.17
C LEU D 305 -8.04 -50.07 -15.76
N ILE D 306 -7.51 -50.81 -14.78
CA ILE D 306 -7.40 -50.26 -13.44
C ILE D 306 -6.43 -49.08 -13.42
N SER D 307 -5.30 -49.21 -14.13
CA SER D 307 -4.36 -48.10 -14.20
C SER D 307 -5.01 -46.86 -14.82
N LEU D 308 -5.74 -47.05 -15.92
CA LEU D 308 -6.44 -45.93 -16.56
C LEU D 308 -7.46 -45.32 -15.62
N GLY D 309 -8.19 -46.15 -14.86
CA GLY D 309 -9.17 -45.61 -13.93
C GLY D 309 -8.55 -44.77 -12.82
N VAL D 310 -7.46 -45.26 -12.23
CA VAL D 310 -6.79 -44.49 -11.17
C VAL D 310 -6.23 -43.19 -11.74
N ILE D 311 -5.63 -43.25 -12.93
CA ILE D 311 -5.10 -42.05 -13.56
C ILE D 311 -6.23 -41.06 -13.83
N GLY D 312 -7.38 -41.55 -14.29
CA GLY D 312 -8.51 -40.66 -14.54
C GLY D 312 -9.04 -40.01 -13.28
N GLU D 313 -9.11 -40.76 -12.19
CA GLU D 313 -9.56 -40.18 -10.92
C GLU D 313 -8.62 -39.06 -10.48
N TYR D 314 -7.31 -39.30 -10.52
CA TYR D 314 -6.39 -38.27 -10.07
C TYR D 314 -6.34 -37.09 -11.03
N LEU D 315 -6.52 -37.34 -12.33
CA LEU D 315 -6.61 -36.24 -13.29
C LEU D 315 -7.84 -35.38 -13.02
N GLY D 316 -8.96 -36.01 -12.67
CA GLY D 316 -10.14 -35.25 -12.31
C GLY D 316 -9.92 -34.36 -11.10
N ARG D 317 -9.25 -34.90 -10.08
CA ARG D 317 -8.93 -34.09 -8.91
C ARG D 317 -7.99 -32.94 -9.26
N VAL D 318 -7.02 -33.19 -10.14
CA VAL D 318 -6.13 -32.13 -10.61
C VAL D 318 -6.94 -31.05 -11.32
N TYR D 319 -7.92 -31.46 -12.13
CA TYR D 319 -8.77 -30.48 -12.81
C TYR D 319 -9.55 -29.62 -11.83
N GLU D 320 -10.13 -30.25 -10.80
CA GLU D 320 -10.80 -29.45 -9.77
C GLU D 320 -9.84 -28.50 -9.07
N GLU D 321 -8.57 -28.86 -8.97
CA GLU D 321 -7.62 -27.99 -8.28
C GLU D 321 -7.28 -26.74 -9.10
N VAL D 322 -7.06 -26.90 -10.40
CA VAL D 322 -6.56 -25.80 -11.23
C VAL D 322 -7.68 -25.02 -11.91
N LYS D 323 -8.94 -25.41 -11.69
CA LYS D 323 -10.06 -24.71 -12.30
C LYS D 323 -10.11 -23.25 -11.86
N ALA D 324 -10.33 -22.36 -12.83
CA ALA D 324 -10.44 -20.94 -12.54
C ALA D 324 -11.87 -20.50 -12.24
N ARG D 325 -12.86 -21.21 -12.78
CA ARG D 325 -14.24 -20.84 -12.56
C ARG D 325 -14.63 -21.09 -11.11
N PRO D 326 -15.32 -20.13 -10.49
CA PRO D 326 -15.56 -20.20 -9.04
C PRO D 326 -16.67 -21.19 -8.69
N LEU D 327 -16.93 -21.31 -7.40
CA LEU D 327 -17.91 -22.27 -6.91
C LEU D 327 -19.33 -21.72 -6.95
N TYR D 328 -19.48 -20.41 -6.77
CA TYR D 328 -20.78 -19.76 -6.78
C TYR D 328 -20.60 -18.34 -7.30
N LEU D 329 -21.72 -17.70 -7.61
CA LEU D 329 -21.74 -16.29 -7.96
C LEU D 329 -22.82 -15.60 -7.13
N VAL D 330 -22.54 -14.36 -6.72
CA VAL D 330 -23.43 -13.59 -5.86
C VAL D 330 -24.12 -12.53 -6.69
N SER D 331 -25.43 -12.45 -6.66
CA SER D 331 -26.17 -11.42 -7.41
C SER D 331 -26.24 -10.13 -6.58
N ASP D 332 -26.81 -10.20 -5.34
CA ASP D 332 -26.94 -9.02 -4.50
C ASP D 332 -26.60 -9.36 -3.06
N LEU D 333 -26.33 -8.31 -2.28
CA LEU D 333 -26.07 -8.43 -0.84
C LEU D 333 -26.92 -7.41 -0.09
N TRP D 334 -27.44 -7.82 1.07
CA TRP D 334 -28.14 -6.93 1.98
C TRP D 334 -27.46 -6.98 3.33
N GLY D 335 -26.94 -5.85 3.78
CA GLY D 335 -26.25 -5.79 5.06
C GLY D 335 -24.81 -6.23 5.02
N LEU D 336 -24.27 -6.53 3.85
CA LEU D 336 -22.92 -7.05 3.68
C LEU D 336 -22.23 -6.30 2.56
N GLU D 337 -20.90 -6.35 2.58
CA GLU D 337 -20.08 -5.79 1.51
C GLU D 337 -19.40 -6.91 0.75
N TYR D 338 -19.23 -6.70 -0.56
CA TYR D 338 -18.68 -7.74 -1.43
C TYR D 338 -17.26 -8.11 -1.02
N LEU D 339 -16.96 -9.40 -1.07
CA LEU D 339 -15.61 -9.87 -0.80
C LEU D 339 -14.69 -9.47 -1.95
N PRO D 340 -13.41 -9.22 -1.66
CA PRO D 340 -12.50 -8.74 -2.72
C PRO D 340 -12.39 -9.69 -3.91
N LEU D 341 -12.07 -10.97 -3.67
CA LEU D 341 -11.98 -11.99 -4.71
C LEU D 341 -10.86 -11.69 -5.71
N GLU D 342 -10.03 -10.71 -5.41
CA GLU D 342 -8.93 -10.34 -6.31
C GLU D 342 -7.81 -9.73 -5.48
N LYS D 343 -6.61 -9.72 -6.06
CA LYS D 343 -5.44 -9.15 -5.40
C LYS D 343 -4.45 -8.61 -6.43
N TYR E 23 33.85 -17.29 -1.45
CA TYR E 23 35.15 -16.75 -1.81
C TYR E 23 35.03 -15.27 -2.20
N PHE E 24 34.02 -14.98 -3.03
CA PHE E 24 33.68 -13.61 -3.41
C PHE E 24 32.20 -13.41 -3.14
N GLN E 25 31.88 -12.59 -2.13
CA GLN E 25 30.51 -12.33 -1.75
C GLN E 25 30.27 -10.83 -1.74
N SER E 26 29.02 -10.44 -1.98
CA SER E 26 28.63 -9.05 -2.11
C SER E 26 27.76 -8.65 -0.91
N ASN E 27 28.10 -7.52 -0.29
CA ASN E 27 27.29 -6.95 0.77
C ASN E 27 26.78 -5.58 0.34
N ALA E 28 25.48 -5.35 0.50
CA ALA E 28 24.83 -4.13 0.03
C ALA E 28 24.73 -3.07 1.11
N THR E 29 25.27 -3.30 2.31
CA THR E 29 25.19 -2.34 3.39
C THR E 29 26.49 -1.55 3.50
N ILE E 30 26.35 -0.23 3.64
CA ILE E 30 27.48 0.66 3.85
C ILE E 30 27.72 0.78 5.35
N GLU E 31 28.98 0.65 5.75
CA GLU E 31 29.36 0.80 7.15
C GLU E 31 29.63 2.24 7.55
N LEU E 32 30.04 3.09 6.60
CA LEU E 32 30.50 4.42 6.93
C LEU E 32 30.26 5.35 5.74
N SER E 33 29.73 6.54 6.02
CA SER E 33 29.53 7.57 5.01
C SER E 33 30.44 8.75 5.30
N ILE E 34 31.22 9.14 4.31
CA ILE E 34 32.03 10.36 4.36
C ILE E 34 31.35 11.40 3.49
N VAL E 35 31.10 12.57 4.07
CA VAL E 35 30.38 13.65 3.40
C VAL E 35 31.33 14.84 3.24
N ILE E 36 31.59 15.22 2.00
CA ILE E 36 32.49 16.33 1.69
C ILE E 36 31.72 17.33 0.83
N PRO E 37 31.31 18.46 1.41
CA PRO E 37 30.79 19.57 0.58
C PRO E 37 31.93 20.27 -0.14
N MET E 38 31.76 20.46 -1.44
CA MET E 38 32.80 21.03 -2.28
C MET E 38 32.31 22.31 -2.94
N TYR E 39 33.22 23.28 -3.03
CA TYR E 39 32.93 24.56 -3.69
C TYR E 39 34.25 25.11 -4.20
N ASN E 40 34.43 25.09 -5.53
CA ASN E 40 35.66 25.51 -6.18
C ASN E 40 36.86 24.71 -5.68
N GLU E 41 36.66 23.40 -5.50
CA GLU E 41 37.74 22.48 -5.14
C GLU E 41 38.26 21.80 -6.39
N GLU E 42 38.83 22.60 -7.30
CA GLU E 42 39.08 22.09 -8.64
C GLU E 42 40.27 21.14 -8.69
N ASP E 43 41.48 21.66 -8.44
CA ASP E 43 42.68 20.87 -8.63
C ASP E 43 43.12 20.16 -7.37
N ASN E 44 42.21 20.04 -6.40
CA ASN E 44 42.55 19.40 -5.10
C ASN E 44 41.83 18.05 -4.97
N LEU E 45 40.99 17.69 -5.94
CA LEU E 45 40.19 16.44 -5.83
C LEU E 45 41.10 15.21 -5.77
N GLU E 46 42.17 15.19 -6.58
CA GLU E 46 43.07 14.01 -6.64
C GLU E 46 43.70 13.77 -5.27
N HIS E 47 44.40 14.78 -4.73
CA HIS E 47 45.07 14.64 -3.44
C HIS E 47 44.09 14.28 -2.34
N LEU E 48 42.91 14.92 -2.34
CA LEU E 48 41.91 14.64 -1.33
C LEU E 48 41.50 13.17 -1.35
N PHE E 49 41.20 12.65 -2.54
CA PHE E 49 40.79 11.25 -2.63
C PHE E 49 41.96 10.32 -2.37
N ALA E 50 43.17 10.72 -2.74
CA ALA E 50 44.34 9.91 -2.42
C ALA E 50 44.49 9.71 -0.92
N ARG E 51 44.44 10.81 -0.15
CA ARG E 51 44.54 10.69 1.30
C ARG E 51 43.36 9.92 1.88
N LEU E 52 42.16 10.18 1.38
CA LEU E 52 40.98 9.50 1.91
C LEU E 52 41.08 7.98 1.73
N LEU E 53 41.51 7.52 0.55
CA LEU E 53 41.64 6.09 0.34
C LEU E 53 42.86 5.52 1.06
N GLU E 54 43.93 6.30 1.20
CA GLU E 54 45.08 5.82 1.96
C GLU E 54 44.72 5.61 3.43
N VAL E 55 43.74 6.34 3.95
CA VAL E 55 43.30 6.12 5.32
C VAL E 55 42.21 5.05 5.42
N LEU E 56 41.28 5.04 4.47
CA LEU E 56 40.06 4.25 4.60
C LEU E 56 40.26 2.77 4.31
N THR E 57 41.15 2.43 3.36
CA THR E 57 41.28 1.03 2.97
C THR E 57 41.91 0.14 4.03
N PRO E 58 42.83 0.62 4.88
CA PRO E 58 43.27 -0.22 6.01
C PRO E 58 42.16 -0.55 6.99
N LEU E 59 41.06 0.22 7.00
CA LEU E 59 39.97 -0.06 7.93
C LEU E 59 39.21 -1.34 7.58
N LYS E 60 39.30 -1.80 6.33
CA LYS E 60 38.65 -3.04 5.89
C LYS E 60 37.15 -3.02 6.15
N ILE E 61 36.51 -1.87 5.90
CA ILE E 61 35.06 -1.72 6.05
C ILE E 61 34.50 -1.14 4.76
N THR E 62 33.20 -1.37 4.55
CA THR E 62 32.51 -0.81 3.40
C THR E 62 32.19 0.66 3.66
N TYR E 63 32.41 1.49 2.66
CA TYR E 63 32.22 2.92 2.81
C TYR E 63 31.75 3.55 1.51
N GLU E 64 31.21 4.75 1.62
CA GLU E 64 30.87 5.59 0.49
C GLU E 64 31.35 7.00 0.77
N ILE E 65 31.63 7.74 -0.30
CA ILE E 65 32.00 9.14 -0.20
C ILE E 65 30.93 9.96 -0.92
N ILE E 66 30.19 10.77 -0.18
CA ILE E 66 29.16 11.63 -0.74
C ILE E 66 29.77 13.00 -0.96
N CYS E 67 29.80 13.45 -2.21
CA CYS E 67 30.38 14.73 -2.59
C CYS E 67 29.25 15.67 -2.98
N VAL E 68 29.18 16.82 -2.31
CA VAL E 68 28.12 17.78 -2.54
C VAL E 68 28.72 19.01 -3.21
N ASN E 69 28.27 19.31 -4.42
CA ASN E 69 28.64 20.52 -5.13
C ASN E 69 27.52 21.54 -4.97
N ASP E 70 27.93 22.71 -4.45
CA ASP E 70 26.99 23.83 -4.22
C ASP E 70 27.30 24.97 -5.17
N GLY E 71 26.97 24.83 -6.46
CA GLY E 71 27.16 25.91 -7.40
C GLY E 71 28.58 26.41 -7.58
N SER E 72 29.52 25.49 -7.74
CA SER E 72 30.90 25.89 -8.02
C SER E 72 30.99 26.59 -9.37
N LYS E 73 31.89 27.56 -9.46
CA LYS E 73 32.06 28.33 -10.69
C LYS E 73 33.20 27.85 -11.56
N ASP E 74 34.17 27.13 -10.99
CA ASP E 74 35.23 26.52 -11.79
C ASP E 74 34.72 25.16 -12.27
N LYS E 75 35.61 24.35 -12.84
CA LYS E 75 35.20 23.06 -13.40
C LYS E 75 35.42 21.94 -12.39
N THR E 76 34.79 22.08 -11.23
CA THR E 76 34.85 21.06 -10.20
C THR E 76 33.98 19.86 -10.55
N LEU E 77 32.81 20.12 -11.15
CA LEU E 77 31.84 19.05 -11.38
C LEU E 77 32.31 18.08 -12.46
N LYS E 78 33.00 18.57 -13.49
CA LYS E 78 33.44 17.65 -14.54
C LYS E 78 34.47 16.66 -14.02
N GLN E 79 35.41 17.12 -13.19
CA GLN E 79 36.37 16.20 -12.60
C GLN E 79 35.74 15.36 -11.49
N LEU E 80 34.71 15.87 -10.83
CA LEU E 80 33.94 15.01 -9.93
C LEU E 80 33.32 13.84 -10.69
N ILE E 81 32.77 14.12 -11.88
CA ILE E 81 32.17 13.06 -12.68
C ILE E 81 33.24 12.10 -13.20
N ASP E 82 34.40 12.64 -13.57
CA ASP E 82 35.52 11.79 -13.99
C ASP E 82 35.93 10.85 -12.87
N CYS E 83 35.99 11.34 -11.63
CA CYS E 83 36.29 10.48 -10.49
C CYS E 83 35.17 9.49 -10.23
N TYR E 84 33.93 9.90 -10.43
CA TYR E 84 32.79 9.01 -10.22
C TYR E 84 32.79 7.86 -11.21
N GLN E 85 33.31 8.07 -12.42
CA GLN E 85 33.31 6.99 -13.40
C GLN E 85 34.26 5.86 -13.03
N SER E 86 35.40 6.17 -12.39
CA SER E 86 36.42 5.17 -12.10
C SER E 86 36.44 4.74 -10.64
N ASN E 87 35.41 5.08 -9.87
CA ASN E 87 35.38 4.75 -8.44
C ASN E 87 33.94 4.49 -8.04
N ARG E 88 33.63 3.26 -7.60
CA ARG E 88 32.27 2.91 -7.23
C ARG E 88 31.84 3.51 -5.90
N GLN E 89 32.79 3.99 -5.09
CA GLN E 89 32.46 4.49 -3.76
C GLN E 89 32.19 5.98 -3.74
N ILE E 90 32.24 6.64 -4.89
CA ILE E 90 32.05 8.08 -4.98
C ILE E 90 30.66 8.37 -5.52
N LYS E 91 29.92 9.22 -4.82
CA LYS E 91 28.60 9.68 -5.25
C LYS E 91 28.57 11.20 -5.19
N ILE E 92 27.77 11.81 -6.06
CA ILE E 92 27.73 13.26 -6.23
C ILE E 92 26.32 13.77 -5.99
N VAL E 93 26.20 14.79 -5.16
CA VAL E 93 24.97 15.55 -4.99
C VAL E 93 25.21 16.95 -5.56
N ASN E 94 24.45 17.31 -6.60
CA ASN E 94 24.55 18.62 -7.23
C ASN E 94 23.37 19.46 -6.77
N LEU E 95 23.65 20.62 -6.19
CA LEU E 95 22.62 21.52 -5.73
C LEU E 95 22.28 22.54 -6.81
N SER E 96 21.04 23.05 -6.75
CA SER E 96 20.55 23.92 -7.82
C SER E 96 21.37 25.20 -7.91
N ARG E 97 21.76 25.76 -6.78
CA ARG E 97 22.61 26.94 -6.74
C ARG E 97 23.57 26.83 -5.57
N ASN E 98 24.23 27.94 -5.25
CA ASN E 98 25.18 28.01 -4.14
C ASN E 98 24.43 28.35 -2.87
N PHE E 99 24.04 27.32 -2.12
CA PHE E 99 23.56 27.51 -0.76
C PHE E 99 24.78 27.52 0.17
N GLY E 100 24.55 27.59 1.47
CA GLY E 100 25.66 27.60 2.40
C GLY E 100 26.39 26.27 2.45
N LYS E 101 27.58 26.30 3.06
CA LYS E 101 28.33 25.07 3.28
C LYS E 101 27.66 24.19 4.32
N GLU E 102 27.00 24.78 5.31
CA GLU E 102 26.23 24.01 6.28
C GLU E 102 25.03 23.35 5.64
N ILE E 103 24.36 24.04 4.72
CA ILE E 103 23.25 23.44 3.99
C ILE E 103 23.75 22.33 3.07
N ALA E 104 24.94 22.50 2.50
CA ALA E 104 25.53 21.42 1.69
C ALA E 104 25.83 20.20 2.54
N LEU E 105 26.33 20.42 3.76
CA LEU E 105 26.55 19.31 4.68
C LEU E 105 25.23 18.62 5.04
N SER E 106 24.19 19.40 5.27
CA SER E 106 22.87 18.84 5.56
C SER E 106 22.36 18.00 4.40
N ALA E 107 22.51 18.49 3.16
CA ALA E 107 22.08 17.74 1.99
C ALA E 107 22.86 16.43 1.86
N GLY E 108 24.17 16.48 2.06
CA GLY E 108 24.97 15.27 2.00
C GLY E 108 24.57 14.25 3.04
N ILE E 109 24.35 14.70 4.28
CA ILE E 109 23.93 13.78 5.33
C ILE E 109 22.53 13.22 5.03
N ASP E 110 21.67 14.04 4.42
CA ASP E 110 20.35 13.55 4.01
C ASP E 110 20.46 12.44 2.97
N TYR E 111 21.44 12.54 2.08
CA TYR E 111 21.60 11.53 1.05
C TYR E 111 22.55 10.40 1.43
N ALA E 112 23.10 10.42 2.64
CA ALA E 112 24.07 9.43 3.07
C ALA E 112 23.36 8.23 3.70
N GLN E 113 23.76 7.04 3.29
CA GLN E 113 23.29 5.79 3.87
C GLN E 113 24.50 5.05 4.43
N GLY E 114 24.47 4.77 5.73
CA GLY E 114 25.60 4.17 6.39
C GLY E 114 25.37 4.13 7.88
N ASN E 115 26.05 3.22 8.58
CA ASN E 115 25.82 3.09 10.02
C ASN E 115 26.39 4.27 10.78
N ALA E 116 27.51 4.80 10.33
CA ALA E 116 28.08 6.03 10.87
C ALA E 116 28.27 7.03 9.74
N VAL E 117 28.14 8.31 10.07
CA VAL E 117 28.34 9.40 9.12
C VAL E 117 29.44 10.29 9.66
N ILE E 118 30.41 10.62 8.81
CA ILE E 118 31.50 11.50 9.20
C ILE E 118 31.59 12.67 8.22
N PRO E 119 31.24 13.89 8.62
CA PRO E 119 31.48 15.05 7.77
C PRO E 119 32.95 15.40 7.72
N ILE E 120 33.47 15.55 6.50
CA ILE E 120 34.90 15.78 6.27
C ILE E 120 35.04 17.09 5.51
N ASP E 121 35.98 17.93 5.94
CA ASP E 121 36.25 19.18 5.25
C ASP E 121 37.20 18.94 4.08
N ALA E 122 36.96 19.66 2.98
CA ALA E 122 37.62 19.33 1.73
C ALA E 122 39.09 19.70 1.72
N ASP E 123 39.50 20.65 2.56
CA ASP E 123 40.91 21.05 2.58
C ASP E 123 41.75 20.22 3.53
N LEU E 124 41.13 19.32 4.29
CA LEU E 124 41.84 18.40 5.18
C LEU E 124 42.72 19.14 6.19
N GLN E 125 42.17 20.21 6.76
CA GLN E 125 42.85 20.89 7.85
C GLN E 125 42.96 19.99 9.07
N ASP E 126 41.92 19.20 9.34
CA ASP E 126 41.92 18.14 10.33
C ASP E 126 42.37 16.84 9.69
N PRO E 127 43.41 16.19 10.21
CA PRO E 127 44.00 15.03 9.54
C PRO E 127 42.97 13.92 9.36
N PRO E 128 42.94 13.29 8.18
CA PRO E 128 42.01 12.17 7.98
C PRO E 128 42.34 10.94 8.80
N GLU E 129 43.54 10.87 9.39
CA GLU E 129 43.89 9.74 10.24
C GLU E 129 43.09 9.71 11.54
N LEU E 130 42.37 10.78 11.87
CA LEU E 130 41.48 10.77 13.02
C LEU E 130 40.25 9.91 12.80
N ILE E 131 39.95 9.54 11.54
CA ILE E 131 38.82 8.67 11.26
C ILE E 131 39.03 7.30 11.89
N HIS E 132 40.28 6.84 11.96
CA HIS E 132 40.56 5.58 12.64
C HIS E 132 40.17 5.65 14.10
N GLU E 133 40.53 6.74 14.79
CA GLU E 133 40.19 6.89 16.20
C GLU E 133 38.69 7.06 16.39
N LEU E 134 38.03 7.80 15.50
CA LEU E 134 36.59 7.96 15.58
C LEU E 134 35.88 6.62 15.43
N VAL E 135 36.31 5.80 14.48
CA VAL E 135 35.69 4.50 14.28
C VAL E 135 35.99 3.57 15.45
N ASP E 136 37.20 3.66 16.01
CA ASP E 136 37.53 2.86 17.18
C ASP E 136 36.62 3.18 18.35
N LYS E 137 36.41 4.47 18.61
CA LYS E 137 35.52 4.86 19.71
C LYS E 137 34.07 4.50 19.41
N TRP E 138 33.67 4.56 18.14
CA TRP E 138 32.32 4.18 17.77
C TRP E 138 32.08 2.69 18.03
N ARG E 139 33.08 1.85 17.79
CA ARG E 139 32.95 0.42 18.02
C ARG E 139 32.79 0.08 19.50
N GLU E 140 33.22 0.96 20.40
CA GLU E 140 33.10 0.74 21.83
C GLU E 140 31.71 1.05 22.36
N GLY E 141 30.81 1.59 21.54
CA GLY E 141 29.44 1.85 21.96
C GLY E 141 29.06 3.32 22.04
N TYR E 142 29.92 4.25 21.66
CA TYR E 142 29.57 5.67 21.69
C TYR E 142 28.81 6.04 20.43
N ASP E 143 27.74 6.83 20.61
CA ASP E 143 26.90 7.23 19.50
C ASP E 143 27.38 8.49 18.81
N ILE E 144 28.01 9.40 19.54
CA ILE E 144 28.61 10.60 18.97
C ILE E 144 30.03 10.71 19.50
N VAL E 145 30.99 10.80 18.58
CA VAL E 145 32.39 11.02 18.91
C VAL E 145 32.81 12.34 18.29
N TYR E 146 33.47 13.18 19.08
CA TYR E 146 33.96 14.47 18.59
C TYR E 146 35.47 14.44 18.48
N ALA E 147 35.99 15.16 17.51
CA ALA E 147 37.42 15.40 17.37
C ALA E 147 37.68 16.83 17.82
N THR E 148 38.23 16.99 19.01
CA THR E 148 38.45 18.29 19.62
C THR E 148 39.94 18.60 19.64
N ARG E 149 40.28 19.84 19.26
CA ARG E 149 41.66 20.28 19.30
C ARG E 149 42.18 20.27 20.73
N ARG E 150 43.43 19.85 20.90
CA ARG E 150 44.01 19.68 22.22
C ARG E 150 44.47 21.05 22.72
N SER E 151 43.57 21.76 23.40
CA SER E 151 43.84 23.08 23.97
C SER E 151 44.31 24.06 22.89
N ARG E 152 43.40 24.33 21.95
CA ARG E 152 43.69 25.24 20.85
C ARG E 152 43.92 26.65 21.38
N GLN E 153 44.82 27.37 20.73
CA GLN E 153 45.17 28.74 21.13
C GLN E 153 43.99 29.69 20.96
N THR E 162 38.25 29.96 34.67
CA THR E 162 37.30 30.70 33.84
C THR E 162 35.87 30.45 34.28
N ALA E 163 35.17 31.52 34.68
CA ALA E 163 33.78 31.39 35.06
C ALA E 163 32.86 31.23 33.84
N LYS E 164 33.18 31.55 32.69
CA LYS E 164 32.28 31.41 31.53
C LYS E 164 32.03 29.92 31.27
N MET E 165 33.17 29.08 31.37
CA MET E 165 32.92 27.65 31.17
C MET E 165 31.88 27.14 32.15
N PHE E 166 31.98 27.56 33.42
CA PHE E 166 30.99 27.15 34.41
C PHE E 166 29.61 27.70 34.07
N TYR E 167 29.55 28.93 33.59
CA TYR E 167 28.25 29.50 33.19
C TYR E 167 27.63 28.70 32.06
N LYS E 168 28.43 28.35 31.06
CA LYS E 168 27.92 27.53 29.96
C LYS E 168 27.47 26.16 30.45
N VAL E 169 28.24 25.56 31.35
CA VAL E 169 27.88 24.23 31.86
C VAL E 169 26.57 24.27 32.61
N ILE E 170 26.40 25.27 33.50
CA ILE E 170 25.16 25.37 34.25
C ILE E 170 23.99 25.77 33.36
N GLY E 171 24.25 26.47 32.25
CA GLY E 171 23.19 26.75 31.30
C GLY E 171 22.82 25.58 30.42
N ARG E 172 23.72 24.60 30.28
CA ARG E 172 23.42 23.44 29.44
C ARG E 172 22.47 22.46 30.09
N MET E 173 22.31 22.53 31.42
CA MET E 173 21.36 21.73 32.22
C MET E 173 21.39 20.25 31.87
N THR E 174 22.51 19.79 31.33
CA THR E 174 22.72 18.39 30.98
C THR E 174 24.22 18.14 30.94
N GLU E 175 24.66 17.05 31.58
CA GLU E 175 26.09 16.83 31.80
C GLU E 175 26.79 16.62 30.47
N ILE E 176 27.55 17.63 30.04
CA ILE E 176 28.39 17.57 28.84
C ILE E 176 29.80 17.94 29.28
N LYS E 177 30.77 17.12 28.90
CA LYS E 177 32.16 17.31 29.32
C LYS E 177 33.09 17.67 28.18
N ILE E 178 32.57 17.80 26.97
CA ILE E 178 33.42 18.05 25.79
C ILE E 178 33.91 19.50 25.83
N PRO E 179 35.18 19.77 25.51
CA PRO E 179 35.72 21.14 25.60
C PRO E 179 34.91 22.12 24.76
N PRO E 180 35.05 23.43 25.02
CA PRO E 180 34.15 24.41 24.38
C PRO E 180 34.17 24.41 22.87
N ASN E 181 35.31 24.19 22.22
CA ASN E 181 35.35 24.17 20.76
C ASN E 181 34.53 23.01 20.22
N THR E 182 34.57 21.88 20.92
CA THR E 182 33.64 20.74 20.87
C THR E 182 33.44 20.14 19.49
N GLY E 183 34.15 20.60 18.47
CA GLY E 183 34.31 19.81 17.26
C GLY E 183 33.21 19.88 16.21
N ASP E 184 33.58 20.27 14.98
CA ASP E 184 32.71 20.04 13.85
C ASP E 184 33.09 18.78 13.07
N PHE E 185 34.30 18.26 13.28
CA PHE E 185 34.73 16.99 12.74
C PHE E 185 34.33 15.90 13.73
N ARG E 186 33.36 15.08 13.37
CA ARG E 186 32.75 14.17 14.33
C ARG E 186 32.17 12.96 13.60
N LEU E 187 31.83 11.95 14.40
CA LEU E 187 31.09 10.78 13.94
C LEU E 187 29.72 10.78 14.61
N MET E 188 28.71 10.46 13.85
CA MET E 188 27.34 10.37 14.42
C MET E 188 26.71 9.04 13.97
N ASP E 189 26.17 8.30 14.93
CA ASP E 189 25.51 7.03 14.67
C ASP E 189 24.21 7.23 13.89
N ARG E 190 23.82 6.18 13.17
CA ARG E 190 22.58 6.22 12.39
C ARG E 190 21.39 6.56 13.28
N LYS E 191 21.41 6.13 14.54
CA LYS E 191 20.36 6.48 15.50
C LYS E 191 20.23 7.99 15.65
N VAL E 192 21.36 8.68 15.84
CA VAL E 192 21.33 10.11 16.06
C VAL E 192 20.90 10.85 14.80
N VAL E 193 21.41 10.43 13.63
CA VAL E 193 21.06 11.12 12.40
C VAL E 193 19.60 10.88 12.02
N ASN E 194 19.03 9.73 12.42
CA ASN E 194 17.60 9.53 12.22
C ASN E 194 16.77 10.33 13.22
N ALA E 195 17.31 10.55 14.42
CA ALA E 195 16.59 11.33 15.43
C ALA E 195 16.38 12.78 14.98
N ILE E 196 17.38 13.37 14.32
CA ILE E 196 17.39 14.80 14.05
C ILE E 196 17.18 15.12 12.57
N LYS E 197 16.71 14.15 11.78
CA LYS E 197 16.68 14.34 10.34
C LYS E 197 15.55 15.27 9.89
N GLN E 198 14.55 15.51 10.74
CA GLN E 198 13.44 16.38 10.41
C GLN E 198 13.47 17.68 11.20
N LEU E 199 14.58 18.00 11.84
CA LEU E 199 14.65 19.15 12.75
C LEU E 199 15.34 20.32 12.06
N PRO E 200 14.78 21.53 12.16
CA PRO E 200 15.47 22.70 11.58
C PRO E 200 16.87 22.91 12.15
N GLU E 201 17.10 22.48 13.38
CA GLU E 201 18.40 22.77 14.05
C GLU E 201 19.45 21.70 13.65
N ARG E 202 19.11 20.83 12.70
CA ARG E 202 20.12 19.84 12.23
C ARG E 202 21.28 20.61 11.58
N THR E 203 20.98 21.67 10.83
CA THR E 203 22.03 22.47 10.14
C THR E 203 22.98 23.04 11.16
N ARG E 204 22.46 23.54 12.29
CA ARG E 204 23.33 24.03 13.35
C ARG E 204 23.22 23.02 14.49
N PHE E 205 23.94 21.92 14.36
CA PHE E 205 23.87 20.85 15.36
C PHE E 205 24.64 21.21 16.61
N MET E 206 25.66 22.04 16.48
CA MET E 206 26.65 22.14 17.52
C MET E 206 26.44 23.36 18.41
N LYS E 207 25.30 24.04 18.27
CA LYS E 207 24.96 25.20 19.08
C LYS E 207 23.94 24.88 20.17
N GLY E 208 23.70 23.61 20.46
CA GLY E 208 22.80 23.25 21.54
C GLY E 208 21.97 22.01 21.30
N LEU E 209 21.83 21.60 20.04
CA LEU E 209 21.10 20.36 19.74
C LEU E 209 21.88 19.14 20.21
N PHE E 210 23.21 19.21 20.16
CA PHE E 210 24.05 18.14 20.68
C PHE E 210 23.82 17.94 22.17
N ALA E 211 23.56 19.02 22.90
CA ALA E 211 23.28 18.92 24.33
C ALA E 211 21.85 18.51 24.61
N TRP E 212 20.97 18.58 23.63
CA TRP E 212 19.58 18.17 23.81
C TRP E 212 19.37 16.70 23.48
N VAL E 213 20.08 16.18 22.47
CA VAL E 213 19.87 14.79 22.09
C VAL E 213 20.29 13.84 23.22
N GLY E 214 21.44 14.12 23.85
CA GLY E 214 21.82 13.45 25.09
C GLY E 214 22.11 11.97 24.98
N TYR E 215 22.65 11.51 23.87
CA TYR E 215 23.00 10.10 23.71
C TYR E 215 24.31 9.82 24.45
N ARG E 216 24.91 8.66 24.17
CA ARG E 216 26.24 8.34 24.68
C ARG E 216 27.29 9.02 23.80
N GLN E 217 28.06 9.94 24.40
CA GLN E 217 28.95 10.82 23.64
C GLN E 217 30.33 10.84 24.27
N THR E 218 31.34 10.99 23.43
CA THR E 218 32.73 11.09 23.87
C THR E 218 33.47 12.01 22.91
N PHE E 219 34.78 12.14 23.13
CA PHE E 219 35.62 12.97 22.28
C PHE E 219 36.99 12.33 22.10
N VAL E 220 37.70 12.81 21.09
CA VAL E 220 39.08 12.40 20.81
C VAL E 220 39.92 13.65 20.67
N LEU E 221 41.07 13.68 21.35
CA LEU E 221 41.93 14.85 21.36
C LEU E 221 43.00 14.75 20.28
N PHE E 222 43.28 15.88 19.64
CA PHE E 222 44.31 15.93 18.61
C PHE E 222 44.88 17.34 18.52
N ASP E 223 46.05 17.45 17.91
CA ASP E 223 46.73 18.72 17.72
C ASP E 223 46.80 19.06 16.24
N ARG E 224 46.66 20.34 15.92
CA ARG E 224 46.76 20.85 14.56
C ARG E 224 48.01 21.71 14.44
N GLU E 225 48.81 21.45 13.40
CA GLU E 225 50.04 22.21 13.21
C GLU E 225 49.77 23.70 12.98
N PRO E 226 48.88 24.11 12.07
CA PRO E 226 48.57 25.55 11.98
C PRO E 226 47.53 25.95 13.02
N ARG E 227 47.87 26.94 13.83
CA ARG E 227 46.97 27.41 14.89
C ARG E 227 45.75 28.11 14.30
N TRP E 234 39.19 32.22 19.26
CA TRP E 234 39.07 32.66 20.65
C TRP E 234 38.12 33.85 20.77
N ASN E 235 37.14 33.91 19.87
CA ASN E 235 36.18 35.01 19.87
C ASN E 235 35.20 34.85 21.01
N TYR E 236 35.01 35.91 21.80
CA TYR E 236 34.01 35.91 22.85
C TYR E 236 32.61 36.10 22.29
N TRP E 237 32.48 36.89 21.22
CA TRP E 237 31.17 37.10 20.60
C TRP E 237 30.59 35.79 20.09
N LYS E 238 31.42 34.96 19.46
CA LYS E 238 30.96 33.63 19.05
C LYS E 238 30.61 32.75 20.25
N LEU E 239 31.40 32.82 21.31
CA LEU E 239 31.17 31.99 22.48
C LEU E 239 29.93 32.43 23.26
N TRP E 240 29.42 33.64 23.01
CA TRP E 240 28.16 34.08 23.60
C TRP E 240 26.97 33.94 22.67
N ASN E 241 27.17 34.03 21.35
CA ASN E 241 26.06 33.91 20.41
C ASN E 241 25.45 32.52 20.44
N PHE E 242 26.27 31.48 20.60
CA PHE E 242 25.73 30.13 20.65
C PHE E 242 24.88 29.92 21.89
N ALA E 243 25.31 30.48 23.03
CA ALA E 243 24.50 30.43 24.24
C ALA E 243 23.20 31.20 24.07
N LEU E 244 23.28 32.38 23.43
CA LEU E 244 22.07 33.17 23.19
C LEU E 244 21.09 32.43 22.29
N ASP E 245 21.60 31.73 21.28
CA ASP E 245 20.73 30.94 20.41
C ASP E 245 20.15 29.75 21.16
N GLY E 246 20.95 29.10 22.00
CA GLY E 246 20.47 27.94 22.74
C GLY E 246 19.41 28.26 23.78
N ILE E 247 19.55 29.40 24.47
CA ILE E 247 18.58 29.73 25.51
C ILE E 247 17.21 30.04 24.93
N PHE E 248 17.10 30.33 23.64
CA PHE E 248 15.83 30.57 23.00
C PHE E 248 15.37 29.41 22.12
N SER E 249 16.29 28.56 21.67
CA SER E 249 15.91 27.46 20.79
C SER E 249 15.34 26.27 21.54
N PHE E 250 15.74 26.07 22.80
CA PHE E 250 15.34 24.88 23.54
C PHE E 250 14.65 25.21 24.86
N SER E 251 14.13 26.42 25.00
CA SER E 251 13.42 26.79 26.22
C SER E 251 12.49 27.95 25.93
N LEU E 252 11.26 27.85 26.44
CA LEU E 252 10.32 28.96 26.44
C LEU E 252 10.40 29.76 27.73
N LEU E 253 11.39 29.47 28.58
CA LEU E 253 11.54 30.14 29.86
C LEU E 253 11.68 31.65 29.75
N PRO E 254 12.51 32.21 28.85
CA PRO E 254 12.56 33.68 28.76
C PRO E 254 11.22 34.31 28.45
N LEU E 255 10.44 33.71 27.54
CA LEU E 255 9.15 34.26 27.18
C LEU E 255 8.19 34.27 28.36
N LYS E 256 8.08 33.12 29.06
CA LYS E 256 7.17 33.01 30.19
C LYS E 256 7.58 33.97 31.31
N VAL E 257 8.87 33.99 31.64
CA VAL E 257 9.34 34.83 32.73
C VAL E 257 9.11 36.30 32.41
N TRP E 258 9.39 36.71 31.16
CA TRP E 258 9.20 38.11 30.84
C TRP E 258 7.72 38.49 30.77
N THR E 259 6.86 37.57 30.32
CA THR E 259 5.43 37.87 30.33
C THR E 259 4.93 38.09 31.75
N TYR E 260 5.33 37.22 32.68
CA TYR E 260 4.88 37.39 34.06
C TYR E 260 5.48 38.63 34.70
N LEU E 261 6.74 38.93 34.39
CA LEU E 261 7.38 40.14 34.93
C LEU E 261 6.69 41.39 34.42
N GLY E 262 6.42 41.45 33.12
CA GLY E 262 5.68 42.58 32.57
C GLY E 262 4.27 42.66 33.12
N SER E 263 3.65 41.52 33.40
CA SER E 263 2.31 41.53 34.00
C SER E 263 2.33 42.15 35.39
N ILE E 264 3.30 41.76 36.23
CA ILE E 264 3.34 42.32 37.57
C ILE E 264 3.73 43.81 37.53
N ILE E 265 4.61 44.18 36.60
CA ILE E 265 4.94 45.60 36.44
C ILE E 265 3.73 46.40 36.01
N SER E 266 2.94 45.86 35.08
CA SER E 266 1.72 46.51 34.64
C SER E 266 0.72 46.64 35.77
N LEU E 267 0.58 45.60 36.60
CA LEU E 267 -0.33 45.67 37.74
C LEU E 267 0.12 46.75 38.72
N LEU E 268 1.42 46.83 39.00
CA LEU E 268 1.92 47.86 39.91
C LEU E 268 1.69 49.25 39.34
N SER E 269 1.91 49.43 38.04
CA SER E 269 1.69 50.74 37.42
C SER E 269 0.22 51.12 37.45
N LEU E 270 -0.67 50.16 37.19
CA LEU E 270 -2.10 50.45 37.25
C LEU E 270 -2.55 50.77 38.67
N ALA E 271 -1.98 50.07 39.65
CA ALA E 271 -2.28 50.39 41.05
C ALA E 271 -1.83 51.80 41.40
N TYR E 272 -0.63 52.18 40.95
CA TYR E 272 -0.15 53.54 41.20
C TYR E 272 -1.03 54.57 40.49
N ALA E 273 -1.50 54.26 39.28
CA ALA E 273 -2.39 55.18 38.58
C ALA E 273 -3.72 55.34 39.30
N SER E 274 -4.27 54.23 39.82
CA SER E 274 -5.51 54.32 40.60
C SER E 274 -5.29 55.12 41.87
N PHE E 275 -4.14 54.95 42.53
CA PHE E 275 -3.81 55.74 43.71
C PHE E 275 -3.71 57.23 43.36
N LEU E 276 -3.10 57.54 42.22
CA LEU E 276 -2.94 58.93 41.82
C LEU E 276 -4.27 59.57 41.43
N ILE E 277 -5.17 58.80 40.80
CA ILE E 277 -6.48 59.34 40.47
C ILE E 277 -7.33 59.46 41.74
N LEU E 278 -7.08 58.62 42.74
CA LEU E 278 -7.65 58.86 44.06
C LEU E 278 -7.06 60.12 44.67
N LYS E 279 -5.76 60.33 44.49
CA LYS E 279 -5.12 61.57 44.86
C LYS E 279 -5.61 62.69 43.94
N THR E 280 -5.25 63.99 44.42
CA THR E 280 -5.58 65.24 43.67
C THR E 280 -7.08 65.54 43.66
N ILE E 281 -7.93 64.59 44.06
CA ILE E 281 -9.35 64.85 44.26
C ILE E 281 -9.66 65.06 45.74
N THR E 282 -9.17 64.17 46.60
CA THR E 282 -9.22 64.41 48.04
C THR E 282 -8.16 65.41 48.48
N LEU E 283 -6.99 65.40 47.84
CA LEU E 283 -5.89 66.29 48.17
C LEU E 283 -5.85 67.42 47.14
N GLY E 284 -4.80 68.25 47.23
CA GLY E 284 -4.67 69.42 46.39
C GLY E 284 -4.31 69.10 44.94
N VAL E 285 -4.40 70.14 44.12
CA VAL E 285 -4.14 70.03 42.68
C VAL E 285 -2.95 70.90 42.32
N ASP E 286 -1.96 70.96 43.22
CA ASP E 286 -0.79 71.82 43.05
C ASP E 286 -0.20 71.75 41.65
N VAL E 287 -0.05 70.54 41.11
CA VAL E 287 0.44 70.33 39.76
C VAL E 287 -0.77 70.34 38.82
N PRO E 288 -0.88 71.31 37.92
CA PRO E 288 -2.07 71.38 37.05
C PRO E 288 -2.16 70.24 36.05
N GLY E 289 -1.10 70.04 35.27
CA GLY E 289 -1.13 69.07 34.19
C GLY E 289 -0.24 67.86 34.42
N TYR E 290 0.46 67.82 35.55
CA TYR E 290 1.35 66.69 35.82
C TYR E 290 0.57 65.45 36.21
N ALA E 291 -0.46 65.60 37.06
CA ALA E 291 -1.16 64.44 37.60
C ALA E 291 -1.96 63.72 36.51
N SER E 292 -2.70 64.49 35.70
CA SER E 292 -3.51 63.87 34.65
C SER E 292 -2.62 63.20 33.60
N LEU E 293 -1.51 63.86 33.25
CA LEU E 293 -0.56 63.25 32.31
C LEU E 293 0.04 61.98 32.88
N MET E 294 0.41 61.93 34.09
CA MET E 294 0.99 60.71 34.68
C MET E 294 -0.07 59.59 34.67
N VAL E 295 -1.34 59.93 35.12
CA VAL E 295 -2.33 58.87 35.17
C VAL E 295 -2.60 58.32 33.77
N ALA E 296 -2.61 59.20 32.76
CA ALA E 296 -2.80 58.74 31.38
C ALA E 296 -1.64 57.86 30.94
N ILE E 297 -0.41 58.29 31.22
CA ILE E 297 0.77 57.52 30.81
C ILE E 297 0.79 56.16 31.49
N LEU E 298 0.52 56.13 32.80
CA LEU E 298 0.54 54.87 33.53
C LEU E 298 -0.56 53.93 33.05
N PHE E 299 -1.77 54.45 32.84
CA PHE E 299 -2.87 53.60 32.38
C PHE E 299 -2.58 53.03 31.00
N LEU E 300 -2.07 53.86 30.08
CA LEU E 300 -1.74 53.35 28.76
C LEU E 300 -0.62 52.32 28.80
N GLY E 301 0.42 52.60 29.60
CA GLY E 301 1.49 51.62 29.73
C GLY E 301 1.01 50.30 30.29
N GLY E 302 0.13 50.35 31.29
CA GLY E 302 -0.40 49.12 31.86
C GLY E 302 -1.24 48.33 30.87
N VAL E 303 -2.13 49.01 30.14
CA VAL E 303 -2.99 48.28 29.21
C VAL E 303 -2.17 47.67 28.08
N GLN E 304 -1.16 48.41 27.56
CA GLN E 304 -0.31 47.84 26.54
C GLN E 304 0.56 46.71 27.06
N LEU E 305 1.02 46.79 28.31
CA LEU E 305 1.81 45.69 28.87
C LEU E 305 0.97 44.44 29.06
N ILE E 306 -0.30 44.59 29.46
CA ILE E 306 -1.17 43.43 29.55
C ILE E 306 -1.42 42.83 28.17
N SER E 307 -1.62 43.68 27.16
CA SER E 307 -1.82 43.17 25.80
C SER E 307 -0.59 42.40 25.33
N LEU E 308 0.60 42.95 25.58
CA LEU E 308 1.84 42.27 25.20
C LEU E 308 1.99 40.94 25.94
N GLY E 309 1.61 40.91 27.22
CA GLY E 309 1.70 39.66 27.96
C GLY E 309 0.77 38.58 27.44
N VAL E 310 -0.48 38.93 27.14
CA VAL E 310 -1.41 37.94 26.59
C VAL E 310 -0.94 37.46 25.23
N ILE E 311 -0.46 38.39 24.39
CA ILE E 311 0.04 38.01 23.08
C ILE E 311 1.23 37.07 23.22
N GLY E 312 2.12 37.35 24.18
CA GLY E 312 3.26 36.48 24.39
C GLY E 312 2.88 35.09 24.85
N GLU E 313 1.90 35.01 25.75
CA GLU E 313 1.42 33.70 26.21
C GLU E 313 0.87 32.88 25.04
N TYR E 314 0.03 33.50 24.22
CA TYR E 314 -0.55 32.74 23.11
C TYR E 314 0.49 32.42 22.03
N LEU E 315 1.47 33.30 21.83
CA LEU E 315 2.56 33.00 20.91
C LEU E 315 3.39 31.83 21.41
N GLY E 316 3.62 31.76 22.72
CA GLY E 316 4.32 30.60 23.26
C GLY E 316 3.57 29.31 23.03
N ARG E 317 2.25 29.33 23.24
CA ARG E 317 1.45 28.13 22.97
C ARG E 317 1.50 27.75 21.48
N VAL E 318 1.45 28.76 20.61
CA VAL E 318 1.58 28.50 19.17
C VAL E 318 2.93 27.84 18.87
N TYR E 319 4.00 28.32 19.52
CA TYR E 319 5.31 27.72 19.31
C TYR E 319 5.33 26.26 19.76
N GLU E 320 4.75 25.95 20.91
CA GLU E 320 4.67 24.56 21.31
C GLU E 320 3.86 23.73 20.32
N GLU E 321 2.89 24.34 19.65
CA GLU E 321 2.07 23.58 18.70
C GLU E 321 2.84 23.21 17.44
N VAL E 322 3.60 24.16 16.88
CA VAL E 322 4.25 23.96 15.58
C VAL E 322 5.66 23.41 15.70
N LYS E 323 6.15 23.18 16.91
CA LYS E 323 7.51 22.67 17.10
C LYS E 323 7.67 21.31 16.46
N ALA E 324 8.78 21.12 15.75
CA ALA E 324 9.08 19.84 15.10
C ALA E 324 9.86 18.91 16.00
N ARG E 325 10.65 19.45 16.92
CA ARG E 325 11.45 18.62 17.80
C ARG E 325 10.56 17.83 18.76
N PRO E 326 10.81 16.54 18.94
CA PRO E 326 9.90 15.68 19.69
C PRO E 326 10.02 15.89 21.19
N LEU E 327 9.20 15.15 21.93
CA LEU E 327 9.15 15.29 23.38
C LEU E 327 10.22 14.46 24.08
N TYR E 328 10.59 13.32 23.49
CA TYR E 328 11.60 12.44 24.06
C TYR E 328 12.30 11.73 22.91
N LEU E 329 13.41 11.07 23.24
CA LEU E 329 14.11 10.20 22.31
C LEU E 329 14.37 8.87 23.00
N VAL E 330 14.30 7.79 22.24
CA VAL E 330 14.45 6.44 22.76
C VAL E 330 15.81 5.90 22.33
N SER E 331 16.60 5.42 23.25
CA SER E 331 17.92 4.84 22.92
C SER E 331 17.76 3.37 22.53
N ASP E 332 17.18 2.53 23.43
CA ASP E 332 17.02 1.11 23.16
C ASP E 332 15.65 0.64 23.63
N LEU E 333 15.25 -0.53 23.13
CA LEU E 333 14.01 -1.19 23.53
C LEU E 333 14.29 -2.65 23.83
N TRP E 334 13.65 -3.17 24.87
CA TRP E 334 13.69 -4.60 25.21
C TRP E 334 12.27 -5.13 25.24
N GLY E 335 11.97 -6.08 24.36
CA GLY E 335 10.64 -6.65 24.30
C GLY E 335 9.65 -5.84 23.50
N LEU E 336 10.08 -4.77 22.85
CA LEU E 336 9.21 -3.88 22.10
C LEU E 336 9.83 -3.57 20.75
N GLU E 337 8.99 -3.15 19.82
CA GLU E 337 9.43 -2.70 18.51
C GLU E 337 9.23 -1.19 18.38
N TYR E 338 10.14 -0.54 17.65
CA TYR E 338 10.12 0.91 17.54
C TYR E 338 8.83 1.39 16.87
N LEU E 339 8.29 2.49 17.38
CA LEU E 339 7.12 3.10 16.77
C LEU E 339 7.52 3.75 15.44
N PRO E 340 6.59 3.79 14.48
CA PRO E 340 6.96 4.33 13.15
C PRO E 340 7.46 5.76 13.17
N LEU E 341 6.69 6.68 13.77
CA LEU E 341 7.08 8.08 13.91
C LEU E 341 7.22 8.78 12.57
N GLU E 342 6.79 8.12 11.49
CA GLU E 342 6.88 8.70 10.16
C GLU E 342 5.78 8.11 9.29
N LYS E 343 5.47 8.80 8.21
CA LYS E 343 4.45 8.36 7.26
C LYS E 343 4.76 8.85 5.86
N TYR F 23 -6.83 -26.98 25.91
CA TYR F 23 -6.26 -27.16 27.24
C TYR F 23 -5.21 -26.09 27.51
N PHE F 24 -4.35 -25.86 26.52
CA PHE F 24 -3.37 -24.78 26.57
C PHE F 24 -3.52 -23.96 25.28
N GLN F 25 -4.00 -22.73 25.42
CA GLN F 25 -4.21 -21.84 24.29
C GLN F 25 -3.51 -20.52 24.54
N SER F 26 -3.12 -19.86 23.46
CA SER F 26 -2.35 -18.64 23.51
C SER F 26 -3.21 -17.47 23.04
N ASN F 27 -3.21 -16.38 23.81
CA ASN F 27 -3.88 -15.15 23.43
C ASN F 27 -2.84 -14.05 23.30
N ALA F 28 -2.89 -13.32 22.18
CA ALA F 28 -1.90 -12.29 21.89
C ALA F 28 -2.34 -10.90 22.31
N THR F 29 -3.49 -10.76 22.95
CA THR F 29 -3.99 -9.45 23.36
C THR F 29 -3.70 -9.22 24.84
N ILE F 30 -3.20 -8.03 25.15
CA ILE F 30 -2.95 -7.61 26.53
C ILE F 30 -4.21 -6.94 27.05
N GLU F 31 -4.62 -7.31 28.26
CA GLU F 31 -5.78 -6.71 28.90
C GLU F 31 -5.43 -5.44 29.67
N LEU F 32 -4.20 -5.32 30.16
CA LEU F 32 -3.83 -4.25 31.06
C LEU F 32 -2.35 -3.93 30.91
N SER F 33 -2.03 -2.64 30.86
CA SER F 33 -0.65 -2.16 30.81
C SER F 33 -0.34 -1.39 32.08
N ILE F 34 0.72 -1.79 32.76
CA ILE F 34 1.26 -1.07 33.90
C ILE F 34 2.51 -0.34 33.45
N VAL F 35 2.57 0.96 33.68
CA VAL F 35 3.68 1.80 33.23
C VAL F 35 4.37 2.36 34.45
N ILE F 36 5.65 2.03 34.61
CA ILE F 36 6.47 2.48 35.73
C ILE F 36 7.69 3.20 35.18
N PRO F 37 7.72 4.54 35.26
CA PRO F 37 8.97 5.26 34.98
C PRO F 37 9.95 5.10 36.12
N MET F 38 11.19 4.74 35.80
CA MET F 38 12.21 4.46 36.80
C MET F 38 13.39 5.40 36.63
N TYR F 39 13.94 5.82 37.76
CA TYR F 39 15.12 6.68 37.78
C TYR F 39 15.84 6.44 39.09
N ASN F 40 16.99 5.77 39.03
CA ASN F 40 17.78 5.38 40.20
C ASN F 40 16.97 4.50 41.14
N GLU F 41 16.18 3.59 40.58
CA GLU F 41 15.43 2.61 41.37
C GLU F 41 16.20 1.30 41.42
N GLU F 42 17.38 1.36 42.03
CA GLU F 42 18.32 0.25 41.88
C GLU F 42 17.91 -0.98 42.69
N ASP F 43 17.95 -0.87 44.01
CA ASP F 43 17.74 -2.05 44.85
C ASP F 43 16.30 -2.22 45.27
N ASN F 44 15.38 -1.56 44.54
CA ASN F 44 13.94 -1.63 44.89
C ASN F 44 13.18 -2.42 43.83
N LEU F 45 13.86 -2.85 42.75
CA LEU F 45 13.16 -3.53 41.64
C LEU F 45 12.52 -4.84 42.12
N GLU F 46 13.23 -5.61 42.95
CA GLU F 46 12.72 -6.92 43.41
C GLU F 46 11.40 -6.74 44.18
N HIS F 47 11.42 -5.93 45.24
CA HIS F 47 10.22 -5.71 46.05
C HIS F 47 9.08 -5.16 45.21
N LEU F 48 9.37 -4.21 44.31
CA LEU F 48 8.35 -3.63 43.47
C LEU F 48 7.67 -4.69 42.62
N PHE F 49 8.46 -5.55 41.97
CA PHE F 49 7.87 -6.59 41.13
C PHE F 49 7.20 -7.65 41.97
N ALA F 50 7.72 -7.93 43.17
CA ALA F 50 7.06 -8.87 44.07
C ALA F 50 5.65 -8.42 44.40
N ARG F 51 5.50 -7.16 44.83
CA ARG F 51 4.17 -6.64 45.14
C ARG F 51 3.28 -6.60 43.90
N LEU F 52 3.84 -6.18 42.77
CA LEU F 52 3.04 -6.08 41.55
C LEU F 52 2.49 -7.44 41.15
N LEU F 53 3.30 -8.49 41.19
CA LEU F 53 2.80 -9.81 40.82
C LEU F 53 1.90 -10.40 41.91
N GLU F 54 2.16 -10.08 43.18
CA GLU F 54 1.26 -10.54 44.24
C GLU F 54 -0.13 -9.93 44.11
N VAL F 55 -0.24 -8.76 43.49
CA VAL F 55 -1.56 -8.16 43.26
C VAL F 55 -2.15 -8.60 41.93
N LEU F 56 -1.33 -8.71 40.88
CA LEU F 56 -1.84 -8.85 39.52
C LEU F 56 -2.28 -10.28 39.20
N THR F 57 -1.62 -11.29 39.75
CA THR F 57 -1.93 -12.67 39.36
C THR F 57 -3.29 -13.15 39.86
N PRO F 58 -3.80 -12.70 41.02
CA PRO F 58 -5.19 -13.05 41.36
C PRO F 58 -6.22 -12.48 40.40
N LEU F 59 -5.86 -11.46 39.61
CA LEU F 59 -6.82 -10.88 38.67
C LEU F 59 -7.13 -11.81 37.50
N LYS F 60 -6.25 -12.77 37.22
CA LYS F 60 -6.45 -13.75 36.15
C LYS F 60 -6.69 -13.07 34.80
N ILE F 61 -5.92 -12.02 34.52
CA ILE F 61 -5.99 -11.32 33.24
C ILE F 61 -4.58 -11.21 32.68
N THR F 62 -4.51 -11.02 31.36
CA THR F 62 -3.24 -10.83 30.69
C THR F 62 -2.76 -9.40 30.89
N TYR F 63 -1.47 -9.23 31.17
CA TYR F 63 -0.93 -7.92 31.48
C TYR F 63 0.51 -7.82 31.01
N GLU F 64 0.98 -6.59 30.90
CA GLU F 64 2.38 -6.28 30.64
C GLU F 64 2.81 -5.17 31.59
N ILE F 65 4.10 -5.14 31.89
CA ILE F 65 4.69 -4.07 32.69
C ILE F 65 5.70 -3.35 31.83
N ILE F 66 5.43 -2.09 31.52
CA ILE F 66 6.33 -1.26 30.73
C ILE F 66 7.19 -0.45 31.69
N CYS F 67 8.50 -0.65 31.64
CA CYS F 67 9.45 0.02 32.51
C CYS F 67 10.23 1.03 31.68
N VAL F 68 10.19 2.30 32.10
CA VAL F 68 10.86 3.37 31.37
C VAL F 68 12.02 3.86 32.20
N ASN F 69 13.23 3.73 31.66
CA ASN F 69 14.44 4.27 32.26
C ASN F 69 14.78 5.58 31.56
N ASP F 70 14.89 6.62 32.40
CA ASP F 70 15.20 7.99 31.91
C ASP F 70 16.59 8.38 32.40
N GLY F 71 17.65 7.82 31.82
CA GLY F 71 19.00 8.23 32.17
C GLY F 71 19.40 8.05 33.62
N SER F 72 19.11 6.88 34.19
CA SER F 72 19.55 6.58 35.55
C SER F 72 21.06 6.53 35.61
N LYS F 73 21.62 6.96 36.74
CA LYS F 73 23.07 6.97 36.92
C LYS F 73 23.61 5.79 37.69
N ASP F 74 22.77 5.11 38.47
CA ASP F 74 23.17 3.87 39.11
C ASP F 74 22.96 2.72 38.14
N LYS F 75 23.08 1.48 38.61
CA LYS F 75 22.94 0.33 37.72
C LYS F 75 21.52 -0.23 37.76
N THR F 76 20.57 0.64 37.42
CA THR F 76 19.17 0.23 37.34
C THR F 76 18.91 -0.59 36.08
N LEU F 77 19.55 -0.23 34.96
CA LEU F 77 19.24 -0.86 33.69
C LEU F 77 19.73 -2.30 33.63
N LYS F 78 20.87 -2.62 34.25
CA LYS F 78 21.36 -3.99 34.19
C LYS F 78 20.43 -4.94 34.93
N GLN F 79 19.92 -4.52 36.09
CA GLN F 79 18.97 -5.36 36.80
C GLN F 79 17.60 -5.35 36.16
N LEU F 80 17.25 -4.26 35.46
CA LEU F 80 16.05 -4.29 34.64
C LEU F 80 16.16 -5.36 33.56
N ILE F 81 17.32 -5.47 32.92
CA ILE F 81 17.52 -6.48 31.88
C ILE F 81 17.53 -7.88 32.49
N ASP F 82 18.12 -8.01 33.68
CA ASP F 82 18.07 -9.30 34.38
C ASP F 82 16.64 -9.73 34.68
N CYS F 83 15.79 -8.79 35.10
CA CYS F 83 14.38 -9.08 35.31
C CYS F 83 13.67 -9.40 34.00
N TYR F 84 14.03 -8.69 32.93
CA TYR F 84 13.43 -8.92 31.62
C TYR F 84 13.74 -10.31 31.09
N GLN F 85 14.90 -10.86 31.43
CA GLN F 85 15.26 -12.19 30.93
C GLN F 85 14.39 -13.28 31.52
N SER F 86 13.99 -13.15 32.79
CA SER F 86 13.26 -14.21 33.49
C SER F 86 11.77 -13.92 33.63
N ASN F 87 11.24 -12.93 32.90
CA ASN F 87 9.84 -12.56 33.01
C ASN F 87 9.36 -12.07 31.66
N ARG F 88 8.39 -12.78 31.07
CA ARG F 88 7.89 -12.40 29.75
C ARG F 88 6.99 -11.18 29.77
N GLN F 89 6.51 -10.77 30.94
CA GLN F 89 5.58 -9.65 31.04
C GLN F 89 6.28 -8.31 31.26
N ILE F 90 7.60 -8.30 31.30
CA ILE F 90 8.38 -7.10 31.57
C ILE F 90 8.98 -6.60 30.26
N LYS F 91 8.78 -5.32 29.97
CA LYS F 91 9.36 -4.66 28.81
C LYS F 91 10.04 -3.37 29.26
N ILE F 92 11.09 -2.98 28.55
CA ILE F 92 11.93 -1.85 28.94
C ILE F 92 11.96 -0.82 27.82
N VAL F 93 11.72 0.44 28.17
CA VAL F 93 11.93 1.58 27.30
C VAL F 93 13.09 2.39 27.86
N ASN F 94 14.18 2.49 27.09
CA ASN F 94 15.35 3.25 27.48
C ASN F 94 15.34 4.57 26.72
N LEU F 95 15.39 5.68 27.45
CA LEU F 95 15.41 7.00 26.84
C LEU F 95 16.84 7.46 26.65
N SER F 96 17.03 8.36 25.68
CA SER F 96 18.39 8.77 25.31
C SER F 96 19.08 9.50 26.45
N ARG F 97 18.36 10.32 27.20
CA ARG F 97 18.89 11.00 28.36
C ARG F 97 17.81 11.08 29.42
N ASN F 98 18.06 11.89 30.45
CA ASN F 98 17.14 12.09 31.55
C ASN F 98 16.17 13.21 31.18
N PHE F 99 15.02 12.85 30.63
CA PHE F 99 13.91 13.78 30.48
C PHE F 99 13.11 13.77 31.78
N GLY F 100 12.00 14.48 31.82
CA GLY F 100 11.19 14.50 33.02
C GLY F 100 10.52 13.17 33.29
N LYS F 101 9.99 13.04 34.52
CA LYS F 101 9.22 11.85 34.87
C LYS F 101 7.88 11.83 34.14
N GLU F 102 7.30 13.00 33.89
CA GLU F 102 6.07 13.08 33.11
C GLU F 102 6.31 12.68 31.66
N ILE F 103 7.46 13.08 31.10
CA ILE F 103 7.80 12.66 29.75
C ILE F 103 8.08 11.16 29.70
N ALA F 104 8.67 10.62 30.77
CA ALA F 104 8.86 9.17 30.84
C ALA F 104 7.53 8.44 30.89
N LEU F 105 6.57 8.97 31.64
CA LEU F 105 5.23 8.39 31.64
C LEU F 105 4.58 8.46 30.27
N SER F 106 4.76 9.58 29.57
CA SER F 106 4.21 9.72 28.22
C SER F 106 4.84 8.70 27.27
N ALA F 107 6.15 8.51 27.36
CA ALA F 107 6.82 7.51 26.52
C ALA F 107 6.31 6.10 26.81
N GLY F 108 6.17 5.77 28.09
CA GLY F 108 5.66 4.46 28.44
C GLY F 108 4.25 4.22 27.93
N ILE F 109 3.37 5.22 28.08
CA ILE F 109 2.00 5.09 27.58
C ILE F 109 2.00 5.00 26.06
N ASP F 110 2.92 5.71 25.40
CA ASP F 110 3.04 5.60 23.95
C ASP F 110 3.42 4.20 23.52
N TYR F 111 4.25 3.52 24.30
CA TYR F 111 4.68 2.17 23.95
C TYR F 111 3.81 1.08 24.56
N ALA F 112 2.76 1.43 25.28
CA ALA F 112 1.91 0.46 25.95
C ALA F 112 0.78 0.01 25.03
N GLN F 113 0.58 -1.29 24.95
CA GLN F 113 -0.54 -1.89 24.23
C GLN F 113 -1.37 -2.67 25.23
N GLY F 114 -2.65 -2.33 25.33
CA GLY F 114 -3.51 -2.93 26.32
C GLY F 114 -4.85 -2.22 26.35
N ASN F 115 -5.88 -2.90 26.83
CA ASN F 115 -7.21 -2.29 26.82
C ASN F 115 -7.31 -1.18 27.85
N ALA F 116 -6.66 -1.34 28.99
CA ALA F 116 -6.55 -0.30 30.00
C ALA F 116 -5.07 -0.05 30.29
N VAL F 117 -4.75 1.20 30.63
CA VAL F 117 -3.39 1.59 30.99
C VAL F 117 -3.44 2.17 32.40
N ILE F 118 -2.53 1.71 33.25
CA ILE F 118 -2.44 2.21 34.62
C ILE F 118 -1.03 2.71 34.91
N PRO F 119 -0.81 4.01 35.01
CA PRO F 119 0.51 4.51 35.45
C PRO F 119 0.73 4.23 36.94
N ILE F 120 1.86 3.63 37.26
CA ILE F 120 2.20 3.21 38.61
C ILE F 120 3.48 3.90 39.02
N ASP F 121 3.51 4.43 40.24
CA ASP F 121 4.71 5.06 40.77
C ASP F 121 5.62 4.00 41.37
N ALA F 122 6.94 4.18 41.17
CA ALA F 122 7.89 3.12 41.46
C ALA F 122 8.08 2.89 42.96
N ASP F 123 7.80 3.90 43.79
CA ASP F 123 7.98 3.73 45.22
C ASP F 123 6.75 3.16 45.92
N LEU F 124 5.64 2.99 45.20
CA LEU F 124 4.43 2.37 45.73
C LEU F 124 3.91 3.11 46.96
N GLN F 125 3.91 4.45 46.88
CA GLN F 125 3.28 5.24 47.92
C GLN F 125 1.77 5.00 47.95
N ASP F 126 1.16 4.85 46.77
CA ASP F 126 -0.22 4.43 46.61
C ASP F 126 -0.27 2.90 46.52
N PRO F 127 -1.05 2.23 47.38
CA PRO F 127 -1.00 0.77 47.44
C PRO F 127 -1.38 0.15 46.12
N PRO F 128 -0.64 -0.88 45.67
CA PRO F 128 -1.01 -1.55 44.41
C PRO F 128 -2.32 -2.31 44.49
N GLU F 129 -2.86 -2.54 45.68
CA GLU F 129 -4.15 -3.21 45.81
C GLU F 129 -5.30 -2.38 45.28
N LEU F 130 -5.08 -1.10 44.99
CA LEU F 130 -6.10 -0.27 44.36
C LEU F 130 -6.32 -0.64 42.91
N ILE F 131 -5.40 -1.39 42.30
CA ILE F 131 -5.58 -1.82 40.92
C ILE F 131 -6.79 -2.73 40.79
N HIS F 132 -7.06 -3.53 41.82
CA HIS F 132 -8.25 -4.37 41.82
C HIS F 132 -9.52 -3.52 41.73
N GLU F 133 -9.59 -2.46 42.53
CA GLU F 133 -10.75 -1.58 42.51
C GLU F 133 -10.85 -0.82 41.19
N LEU F 134 -9.71 -0.37 40.66
CA LEU F 134 -9.73 0.32 39.37
C LEU F 134 -10.24 -0.58 38.26
N VAL F 135 -9.79 -1.85 38.25
CA VAL F 135 -10.24 -2.79 37.22
C VAL F 135 -11.70 -3.13 37.41
N ASP F 136 -12.14 -3.24 38.67
CA ASP F 136 -13.56 -3.50 38.94
C ASP F 136 -14.43 -2.38 38.39
N LYS F 137 -14.05 -1.13 38.65
CA LYS F 137 -14.83 -0.01 38.13
C LYS F 137 -14.75 0.08 36.62
N TRP F 138 -13.61 -0.29 36.04
CA TRP F 138 -13.48 -0.27 34.58
C TRP F 138 -14.41 -1.30 33.93
N ARG F 139 -14.60 -2.45 34.58
CA ARG F 139 -15.48 -3.48 34.05
C ARG F 139 -16.95 -3.04 34.04
N GLU F 140 -17.31 -2.08 34.89
CA GLU F 140 -18.68 -1.57 34.96
C GLU F 140 -19.00 -0.58 33.84
N GLY F 141 -18.03 -0.19 33.03
CA GLY F 141 -18.27 0.71 31.91
C GLY F 141 -17.65 2.08 32.03
N TYR F 142 -16.86 2.37 33.06
CA TYR F 142 -16.21 3.68 33.18
C TYR F 142 -14.93 3.69 32.36
N ASP F 143 -14.72 4.80 31.65
CA ASP F 143 -13.56 4.94 30.79
C ASP F 143 -12.34 5.50 31.52
N ILE F 144 -12.55 6.34 32.52
CA ILE F 144 -11.48 6.86 33.35
C ILE F 144 -11.88 6.67 34.80
N VAL F 145 -11.02 5.99 35.57
CA VAL F 145 -11.20 5.82 37.01
C VAL F 145 -10.03 6.47 37.69
N TYR F 146 -10.30 7.28 38.71
CA TYR F 146 -9.27 7.94 39.49
C TYR F 146 -9.18 7.32 40.87
N ALA F 147 -7.97 7.30 41.41
CA ALA F 147 -7.73 6.92 42.80
C ALA F 147 -7.44 8.20 43.56
N THR F 148 -8.41 8.66 44.34
CA THR F 148 -8.31 9.91 45.06
C THR F 148 -8.18 9.66 46.55
N ARG F 149 -7.25 10.37 47.18
CA ARG F 149 -7.07 10.26 48.62
C ARG F 149 -8.33 10.69 49.35
N ARG F 150 -8.68 9.97 50.41
CA ARG F 150 -9.91 10.22 51.14
C ARG F 150 -9.70 11.39 52.09
N SER F 151 -9.96 12.60 51.58
CA SER F 151 -9.82 13.85 52.36
C SER F 151 -8.40 14.00 52.90
N ARG F 152 -7.46 14.13 51.98
CA ARG F 152 -6.06 14.29 52.35
C ARG F 152 -5.85 15.60 53.10
N GLN F 153 -4.93 15.58 54.06
CA GLN F 153 -4.63 16.75 54.87
C GLN F 153 -4.02 17.88 54.04
N THR F 162 -15.97 26.26 51.18
CA THR F 162 -14.89 26.83 50.38
C THR F 162 -15.41 27.34 49.04
N ALA F 163 -15.24 28.65 48.79
CA ALA F 163 -15.64 29.21 47.52
C ALA F 163 -14.66 28.87 46.40
N LYS F 164 -13.49 28.51 46.60
CA LYS F 164 -12.53 28.19 45.51
C LYS F 164 -13.03 26.95 44.76
N MET F 165 -13.51 25.89 45.58
CA MET F 165 -14.02 24.72 44.87
C MET F 165 -15.13 25.11 43.91
N PHE F 166 -16.04 25.99 44.35
CA PHE F 166 -17.12 26.45 43.48
C PHE F 166 -16.56 27.24 42.30
N TYR F 167 -15.55 28.07 42.54
CA TYR F 167 -14.93 28.82 41.45
C TYR F 167 -14.32 27.88 40.42
N LYS F 168 -13.61 26.86 40.88
CA LYS F 168 -13.03 25.88 39.95
C LYS F 168 -14.12 25.14 39.18
N VAL F 169 -15.20 24.76 39.87
CA VAL F 169 -16.28 24.03 39.21
C VAL F 169 -16.93 24.88 38.12
N ILE F 170 -17.23 26.14 38.44
CA ILE F 170 -17.86 27.00 37.45
C ILE F 170 -16.88 27.37 36.33
N GLY F 171 -15.57 27.35 36.60
CA GLY F 171 -14.62 27.54 35.53
C GLY F 171 -14.39 26.33 34.66
N ARG F 172 -14.74 25.13 35.16
CA ARG F 172 -14.55 23.92 34.38
C ARG F 172 -15.61 23.75 33.29
N MET F 173 -16.74 24.45 33.40
CA MET F 173 -17.82 24.49 32.41
C MET F 173 -18.22 23.11 31.91
N THR F 174 -17.96 22.08 32.71
CA THR F 174 -18.34 20.70 32.40
C THR F 174 -18.41 19.94 33.72
N GLU F 175 -19.48 19.19 33.91
CA GLU F 175 -19.78 18.58 35.20
C GLU F 175 -18.70 17.56 35.56
N ILE F 176 -17.84 17.93 36.51
CA ILE F 176 -16.81 17.05 37.07
C ILE F 176 -17.01 17.04 38.57
N LYS F 177 -17.07 15.84 39.17
CA LYS F 177 -17.34 15.69 40.58
C LYS F 177 -16.16 15.14 41.37
N ILE F 178 -15.04 14.89 40.71
CA ILE F 178 -13.88 14.28 41.38
C ILE F 178 -13.23 15.31 42.29
N PRO F 179 -12.81 14.93 43.50
CA PRO F 179 -12.23 15.89 44.46
C PRO F 179 -11.03 16.62 43.86
N PRO F 180 -10.62 17.76 44.45
CA PRO F 180 -9.60 18.60 43.80
C PRO F 180 -8.27 17.92 43.54
N ASN F 181 -7.80 17.05 44.45
CA ASN F 181 -6.53 16.36 44.22
C ASN F 181 -6.62 15.47 42.99
N THR F 182 -7.78 14.83 42.79
CA THR F 182 -8.28 14.22 41.56
C THR F 182 -7.35 13.18 40.95
N GLY F 183 -6.22 12.85 41.57
CA GLY F 183 -5.55 11.60 41.26
C GLY F 183 -4.59 11.59 40.08
N ASP F 184 -3.33 11.23 40.33
CA ASP F 184 -2.44 10.85 39.24
C ASP F 184 -2.36 9.34 39.06
N PHE F 185 -2.78 8.57 40.07
CA PHE F 185 -2.91 7.13 39.97
C PHE F 185 -4.31 6.82 39.44
N ARG F 186 -4.38 6.34 38.20
CA ARG F 186 -5.66 6.24 37.52
C ARG F 186 -5.62 5.13 36.47
N LEU F 187 -6.79 4.78 35.98
CA LEU F 187 -6.96 3.88 34.84
C LEU F 187 -7.55 4.67 33.68
N MET F 188 -7.04 4.43 32.49
CA MET F 188 -7.59 5.10 31.30
C MET F 188 -7.84 4.04 30.21
N ASP F 189 -9.03 4.05 29.64
CA ASP F 189 -9.42 3.13 28.58
C ASP F 189 -8.64 3.41 27.31
N ARG F 190 -8.51 2.38 26.47
CA ARG F 190 -7.82 2.51 25.19
C ARG F 190 -8.44 3.62 24.34
N LYS F 191 -9.75 3.81 24.46
CA LYS F 191 -10.43 4.89 23.76
C LYS F 191 -9.84 6.25 24.13
N VAL F 192 -9.68 6.50 25.42
CA VAL F 192 -9.18 7.78 25.90
C VAL F 192 -7.72 7.98 25.50
N VAL F 193 -6.90 6.93 25.65
CA VAL F 193 -5.49 7.07 25.31
C VAL F 193 -5.29 7.23 23.81
N ASN F 194 -6.18 6.68 22.98
CA ASN F 194 -6.10 6.93 21.55
C ASN F 194 -6.60 8.33 21.21
N ALA F 195 -7.54 8.86 22.00
CA ALA F 195 -8.06 10.21 21.73
C ALA F 195 -6.99 11.27 21.92
N ILE F 196 -6.12 11.11 22.92
CA ILE F 196 -5.20 12.15 23.33
C ILE F 196 -3.75 11.83 22.97
N LYS F 197 -3.51 10.84 22.10
CA LYS F 197 -2.15 10.38 21.87
C LYS F 197 -1.32 11.34 21.04
N GLN F 198 -1.96 12.28 20.32
CA GLN F 198 -1.26 13.25 19.51
C GLN F 198 -1.33 14.67 20.08
N LEU F 199 -1.74 14.81 21.33
CA LEU F 199 -2.00 16.12 21.91
C LEU F 199 -0.82 16.54 22.80
N PRO F 200 -0.33 17.76 22.68
CA PRO F 200 0.74 18.21 23.59
C PRO F 200 0.35 18.16 25.06
N GLU F 201 -0.95 18.26 25.36
CA GLU F 201 -1.38 18.32 26.78
C GLU F 201 -1.54 16.91 27.35
N ARG F 202 -1.13 15.88 26.60
CA ARG F 202 -1.17 14.50 27.13
C ARG F 202 -0.24 14.42 28.35
N THR F 203 0.94 15.06 28.28
CA THR F 203 1.92 15.04 29.38
C THR F 203 1.30 15.62 30.63
N ARG F 204 0.55 16.72 30.51
CA ARG F 204 -0.14 17.28 31.66
C ARG F 204 -1.63 17.01 31.43
N PHE F 205 -2.03 15.77 31.73
CA PHE F 205 -3.42 15.37 31.51
C PHE F 205 -4.35 15.94 32.56
N MET F 206 -3.83 16.20 33.75
CA MET F 206 -4.69 16.39 34.89
C MET F 206 -4.89 17.86 35.23
N LYS F 207 -4.45 18.76 34.36
CA LYS F 207 -4.61 20.20 34.54
C LYS F 207 -5.72 20.79 33.68
N GLY F 208 -6.59 19.96 33.11
CA GLY F 208 -7.71 20.47 32.35
C GLY F 208 -8.10 19.64 31.14
N LEU F 209 -7.18 18.79 30.66
CA LEU F 209 -7.53 17.91 29.54
C LEU F 209 -8.51 16.84 29.97
N PHE F 210 -8.43 16.40 31.23
CA PHE F 210 -9.40 15.44 31.76
C PHE F 210 -10.81 16.02 31.75
N ALA F 211 -10.93 17.33 31.97
CA ALA F 211 -12.23 17.98 31.93
C ALA F 211 -12.69 18.29 30.51
N TRP F 212 -11.78 18.22 29.53
CA TRP F 212 -12.15 18.47 28.15
C TRP F 212 -12.56 17.19 27.43
N VAL F 213 -11.93 16.06 27.76
CA VAL F 213 -12.25 14.81 27.06
C VAL F 213 -13.69 14.40 27.35
N GLY F 214 -14.11 14.49 28.62
CA GLY F 214 -15.51 14.35 28.98
C GLY F 214 -16.14 12.99 28.77
N TYR F 215 -15.36 11.92 28.94
CA TYR F 215 -15.90 10.58 28.79
C TYR F 215 -16.68 10.20 30.06
N ARG F 216 -16.98 8.91 30.21
CA ARG F 216 -17.58 8.40 31.43
C ARG F 216 -16.48 8.18 32.47
N GLN F 217 -16.56 8.92 33.58
CA GLN F 217 -15.47 8.99 34.56
C GLN F 217 -16.01 8.80 35.96
N THR F 218 -15.19 8.18 36.82
CA THR F 218 -15.53 7.95 38.21
C THR F 218 -14.24 8.02 39.03
N PHE F 219 -14.36 7.76 40.33
CA PHE F 219 -13.20 7.76 41.21
C PHE F 219 -13.35 6.66 42.26
N VAL F 220 -12.24 6.34 42.90
CA VAL F 220 -12.19 5.38 44.00
C VAL F 220 -11.46 6.05 45.16
N LEU F 221 -12.03 5.96 46.36
CA LEU F 221 -11.48 6.63 47.53
C LEU F 221 -10.57 5.67 48.31
N PHE F 222 -9.46 6.21 48.82
CA PHE F 222 -8.53 5.43 49.61
C PHE F 222 -7.78 6.35 50.57
N ASP F 223 -7.19 5.75 51.59
CA ASP F 223 -6.41 6.45 52.59
C ASP F 223 -4.94 6.05 52.49
N ARG F 224 -4.06 7.02 52.72
CA ARG F 224 -2.62 6.79 52.73
C ARG F 224 -2.09 6.99 54.14
N GLU F 225 -1.30 6.02 54.63
CA GLU F 225 -0.76 6.12 55.98
C GLU F 225 0.15 7.34 56.16
N PRO F 226 1.14 7.60 55.30
CA PRO F 226 1.91 8.84 55.44
C PRO F 226 1.18 10.00 54.78
N ARG F 227 0.94 11.06 55.55
CA ARG F 227 0.23 12.23 55.04
C ARG F 227 1.07 12.99 54.02
N TRP F 234 -1.35 20.93 50.05
CA TRP F 234 -2.35 21.95 50.32
C TRP F 234 -1.90 23.32 49.83
N ASN F 235 -1.08 23.32 48.78
CA ASN F 235 -0.56 24.57 48.23
C ASN F 235 -1.65 25.29 47.45
N TYR F 236 -1.83 26.58 47.77
CA TYR F 236 -2.77 27.41 47.01
C TYR F 236 -2.19 27.82 45.66
N TRP F 237 -0.87 28.05 45.60
CA TRP F 237 -0.24 28.41 44.34
C TRP F 237 -0.41 27.31 43.29
N LYS F 238 -0.26 26.05 43.70
CA LYS F 238 -0.53 24.95 42.78
C LYS F 238 -1.99 24.89 42.39
N LEU F 239 -2.89 25.13 43.34
CA LEU F 239 -4.33 25.05 43.06
C LEU F 239 -4.81 26.20 42.18
N TRP F 240 -4.01 27.27 42.05
CA TRP F 240 -4.32 28.35 41.12
C TRP F 240 -3.57 28.24 39.79
N ASN F 241 -2.37 27.65 39.78
CA ASN F 241 -1.61 27.54 38.54
C ASN F 241 -2.30 26.63 37.54
N PHE F 242 -2.93 25.55 38.01
CA PHE F 242 -3.63 24.66 37.09
C PHE F 242 -4.82 25.35 36.45
N ALA F 243 -5.55 26.16 37.22
CA ALA F 243 -6.65 26.94 36.66
C ALA F 243 -6.13 27.98 35.66
N LEU F 244 -5.01 28.62 35.99
CA LEU F 244 -4.43 29.60 35.07
C LEU F 244 -4.00 28.95 33.76
N ASP F 245 -3.44 27.74 33.84
CA ASP F 245 -3.05 27.02 32.63
C ASP F 245 -4.29 26.58 31.84
N GLY F 246 -5.34 26.14 32.54
CA GLY F 246 -6.54 25.69 31.86
C GLY F 246 -7.29 26.79 31.16
N ILE F 247 -7.36 27.98 31.75
CA ILE F 247 -8.13 29.06 31.14
C ILE F 247 -7.48 29.55 29.85
N PHE F 248 -6.20 29.26 29.63
CA PHE F 248 -5.52 29.63 28.39
C PHE F 248 -5.32 28.46 27.45
N SER F 249 -5.31 27.23 27.96
CA SER F 249 -5.06 26.07 27.11
C SER F 249 -6.30 25.63 26.33
N PHE F 250 -7.50 25.88 26.86
CA PHE F 250 -8.73 25.37 26.26
C PHE F 250 -9.73 26.48 25.94
N SER F 251 -9.28 27.73 25.86
CA SER F 251 -10.17 28.82 25.54
C SER F 251 -9.38 29.98 24.98
N LEU F 252 -9.87 30.57 23.89
CA LEU F 252 -9.35 31.83 23.36
C LEU F 252 -10.10 33.02 23.92
N LEU F 253 -10.98 32.80 24.90
CA LEU F 253 -11.79 33.88 25.46
C LEU F 253 -10.95 35.01 26.05
N PRO F 254 -9.90 34.77 26.84
CA PRO F 254 -9.11 35.91 27.33
C PRO F 254 -8.55 36.78 26.23
N LEU F 255 -8.05 36.16 25.15
CA LEU F 255 -7.47 36.92 24.05
C LEU F 255 -8.51 37.80 23.37
N LYS F 256 -9.67 37.20 23.03
CA LYS F 256 -10.71 37.94 22.35
C LYS F 256 -11.24 39.08 23.22
N VAL F 257 -11.52 38.78 24.49
CA VAL F 257 -12.07 39.78 25.39
C VAL F 257 -11.08 40.93 25.56
N TRP F 258 -9.80 40.61 25.74
CA TRP F 258 -8.84 41.68 25.95
C TRP F 258 -8.61 42.49 24.68
N THR F 259 -8.66 41.85 23.51
CA THR F 259 -8.53 42.61 22.27
C THR F 259 -9.68 43.60 22.12
N TYR F 260 -10.90 43.16 22.39
CA TYR F 260 -12.04 44.07 22.26
C TYR F 260 -12.00 45.16 23.32
N LEU F 261 -11.58 44.82 24.54
CA LEU F 261 -11.48 45.81 25.60
C LEU F 261 -10.43 46.87 25.27
N GLY F 262 -9.26 46.44 24.80
CA GLY F 262 -8.25 47.38 24.37
C GLY F 262 -8.70 48.21 23.18
N SER F 263 -9.49 47.62 22.28
CA SER F 263 -10.01 48.37 21.15
C SER F 263 -10.94 49.48 21.60
N ILE F 264 -11.86 49.20 22.54
CA ILE F 264 -12.77 50.24 22.98
C ILE F 264 -12.02 51.29 23.80
N ILE F 265 -11.02 50.87 24.58
CA ILE F 265 -10.20 51.85 25.31
C ILE F 265 -9.45 52.74 24.35
N SER F 266 -8.89 52.16 23.28
CA SER F 266 -8.20 52.96 22.26
C SER F 266 -9.15 53.93 21.58
N LEU F 267 -10.36 53.48 21.27
CA LEU F 267 -11.33 54.37 20.64
C LEU F 267 -11.68 55.54 21.57
N LEU F 268 -11.88 55.26 22.85
CA LEU F 268 -12.19 56.33 23.80
C LEU F 268 -11.02 57.30 23.93
N SER F 269 -9.79 56.79 23.96
CA SER F 269 -8.62 57.67 24.06
C SER F 269 -8.48 58.52 22.81
N LEU F 270 -8.70 57.94 21.64
CA LEU F 270 -8.63 58.72 20.40
C LEU F 270 -9.72 59.77 20.33
N ALA F 271 -10.92 59.44 20.82
CA ALA F 271 -11.99 60.43 20.88
C ALA F 271 -11.63 61.57 21.81
N TYR F 272 -11.04 61.26 22.97
CA TYR F 272 -10.61 62.31 23.88
C TYR F 272 -9.51 63.16 23.26
N ALA F 273 -8.59 62.54 22.51
CA ALA F 273 -7.53 63.29 21.85
C ALA F 273 -8.10 64.22 20.78
N SER F 274 -9.09 63.75 20.02
CA SER F 274 -9.74 64.60 19.03
C SER F 274 -10.48 65.75 19.70
N PHE F 275 -11.12 65.48 20.84
CA PHE F 275 -11.78 66.54 21.60
C PHE F 275 -10.76 67.57 22.09
N LEU F 276 -9.60 67.11 22.56
CA LEU F 276 -8.59 68.01 23.09
C LEU F 276 -7.95 68.84 21.97
N ILE F 277 -7.78 68.24 20.79
CA ILE F 277 -7.24 69.03 19.67
C ILE F 277 -8.29 69.99 19.13
N LEU F 278 -9.57 69.65 19.27
CA LEU F 278 -10.62 70.64 19.05
C LEU F 278 -10.55 71.74 20.10
N LYS F 279 -10.28 71.35 21.35
CA LYS F 279 -10.01 72.31 22.41
C LYS F 279 -8.67 73.00 22.15
N THR F 280 -8.48 74.15 22.96
CA THR F 280 -7.22 74.96 22.92
C THR F 280 -7.08 75.73 21.62
N ILE F 281 -7.89 75.44 20.60
CA ILE F 281 -7.94 76.25 19.39
C ILE F 281 -9.13 77.20 19.42
N THR F 282 -10.31 76.68 19.76
CA THR F 282 -11.46 77.52 20.03
C THR F 282 -11.37 78.16 21.42
N LEU F 283 -10.82 77.44 22.38
CA LEU F 283 -10.66 77.93 23.74
C LEU F 283 -9.23 78.39 23.97
N GLY F 284 -8.89 78.72 25.22
CA GLY F 284 -7.60 79.27 25.55
C GLY F 284 -6.49 78.23 25.54
N VAL F 285 -5.26 78.75 25.64
CA VAL F 285 -4.05 77.94 25.59
C VAL F 285 -3.31 78.05 26.91
N ASP F 286 -4.07 78.15 28.01
CA ASP F 286 -3.51 78.35 29.35
C ASP F 286 -2.30 77.47 29.62
N VAL F 287 -2.41 76.18 29.29
CA VAL F 287 -1.31 75.23 29.45
C VAL F 287 -0.49 75.25 28.16
N PRO F 288 0.76 75.70 28.19
CA PRO F 288 1.55 75.79 26.95
C PRO F 288 1.88 74.44 26.34
N GLY F 289 2.48 73.56 27.13
CA GLY F 289 2.95 72.29 26.61
C GLY F 289 2.19 71.08 27.10
N TYR F 290 1.17 71.29 27.94
CA TYR F 290 0.41 70.17 28.46
C TYR F 290 -0.54 69.61 27.41
N ALA F 291 -1.22 70.47 26.65
CA ALA F 291 -2.24 70.01 25.73
C ALA F 291 -1.64 69.23 24.56
N SER F 292 -0.56 69.76 23.97
CA SER F 292 0.07 69.08 22.84
C SER F 292 0.67 67.74 23.28
N LEU F 293 1.30 67.73 24.45
CA LEU F 293 1.84 66.48 24.99
C LEU F 293 0.73 65.47 25.25
N MET F 294 -0.36 65.84 25.79
CA MET F 294 -1.46 64.88 26.05
C MET F 294 -1.98 64.35 24.71
N VAL F 295 -2.22 65.27 23.72
CA VAL F 295 -2.78 64.78 22.46
C VAL F 295 -1.81 63.80 21.80
N ALA F 296 -0.50 64.09 21.88
CA ALA F 296 0.47 63.16 21.32
C ALA F 296 0.46 61.82 22.05
N ILE F 297 0.42 61.86 23.38
CA ILE F 297 0.42 60.63 24.17
C ILE F 297 -0.83 59.81 23.88
N LEU F 298 -1.99 60.46 23.85
CA LEU F 298 -3.23 59.74 23.59
C LEU F 298 -3.27 59.16 22.19
N PHE F 299 -2.83 59.92 21.19
CA PHE F 299 -2.84 59.42 19.82
C PHE F 299 -1.91 58.23 19.67
N LEU F 300 -0.70 58.31 20.24
CA LEU F 300 0.22 57.19 20.15
C LEU F 300 -0.31 55.98 20.89
N GLY F 301 -0.87 56.16 22.09
CA GLY F 301 -1.45 55.04 22.80
C GLY F 301 -2.57 54.39 22.04
N GLY F 302 -3.43 55.18 21.40
CA GLY F 302 -4.52 54.62 20.62
C GLY F 302 -4.04 53.84 19.41
N VAL F 303 -3.07 54.38 18.68
CA VAL F 303 -2.60 53.68 17.48
C VAL F 303 -1.90 52.38 17.86
N GLN F 304 -1.10 52.40 18.93
CA GLN F 304 -0.45 51.17 19.37
C GLN F 304 -1.45 50.16 19.92
N LEU F 305 -2.51 50.62 20.59
CA LEU F 305 -3.52 49.68 21.08
C LEU F 305 -4.29 49.04 19.95
N ILE F 306 -4.58 49.80 18.88
CA ILE F 306 -5.22 49.20 17.71
C ILE F 306 -4.30 48.19 17.05
N SER F 307 -3.00 48.51 16.95
CA SER F 307 -2.06 47.56 16.37
C SER F 307 -2.00 46.27 17.19
N LEU F 308 -1.95 46.41 18.52
CA LEU F 308 -1.94 45.24 19.39
C LEU F 308 -3.22 44.42 19.24
N GLY F 309 -4.36 45.10 19.10
CA GLY F 309 -5.62 44.37 18.93
C GLY F 309 -5.67 43.58 17.64
N VAL F 310 -5.25 44.19 16.54
CA VAL F 310 -5.24 43.48 15.26
C VAL F 310 -4.27 42.30 15.30
N ILE F 311 -3.09 42.52 15.89
CA ILE F 311 -2.11 41.44 16.01
C ILE F 311 -2.69 40.31 16.85
N GLY F 312 -3.39 40.64 17.94
CA GLY F 312 -3.98 39.61 18.78
C GLY F 312 -5.06 38.82 18.06
N GLU F 313 -5.90 39.50 17.27
CA GLU F 313 -6.92 38.80 16.50
C GLU F 313 -6.30 37.80 15.52
N TYR F 314 -5.27 38.25 14.79
CA TYR F 314 -4.67 37.34 13.81
C TYR F 314 -3.87 36.23 14.49
N LEU F 315 -3.26 36.51 15.65
CA LEU F 315 -2.59 35.46 16.41
C LEU F 315 -3.59 34.43 16.89
N GLY F 316 -4.77 34.85 17.33
CA GLY F 316 -5.80 33.91 17.71
C GLY F 316 -6.22 33.01 16.56
N ARG F 317 -6.40 33.60 15.37
CA ARG F 317 -6.73 32.78 14.21
C ARG F 317 -5.61 31.80 13.87
N VAL F 318 -4.36 32.25 13.99
CA VAL F 318 -3.22 31.35 13.77
C VAL F 318 -3.26 30.19 14.78
N TYR F 319 -3.60 30.48 16.04
CA TYR F 319 -3.70 29.43 17.04
C TYR F 319 -4.78 28.42 16.67
N GLU F 320 -5.95 28.90 16.23
CA GLU F 320 -6.98 27.96 15.80
C GLU F 320 -6.51 27.13 14.60
N GLU F 321 -5.62 27.68 13.77
CA GLU F 321 -5.16 26.93 12.61
C GLU F 321 -4.22 25.78 13.00
N VAL F 322 -3.27 26.04 13.90
CA VAL F 322 -2.23 25.07 14.21
C VAL F 322 -2.58 24.17 15.38
N LYS F 323 -3.75 24.34 15.98
CA LYS F 323 -4.15 23.52 17.12
C LYS F 323 -4.24 22.04 16.72
N ALA F 324 -3.71 21.18 17.58
CA ALA F 324 -3.75 19.75 17.34
C ALA F 324 -4.99 19.09 17.94
N ARG F 325 -5.53 19.66 19.00
CA ARG F 325 -6.70 19.08 19.65
C ARG F 325 -7.91 19.20 18.74
N PRO F 326 -8.68 18.12 18.61
CA PRO F 326 -9.76 18.07 17.61
C PRO F 326 -10.98 18.87 18.06
N LEU F 327 -11.99 18.89 17.18
CA LEU F 327 -13.19 19.66 17.44
C LEU F 327 -14.19 18.90 18.29
N TYR F 328 -14.23 17.58 18.19
CA TYR F 328 -15.15 16.74 18.95
C TYR F 328 -14.48 15.39 19.18
N LEU F 329 -15.08 14.61 20.07
CA LEU F 329 -14.67 13.23 20.29
C LEU F 329 -15.91 12.35 20.23
N VAL F 330 -15.75 11.14 19.69
CA VAL F 330 -16.85 10.21 19.49
C VAL F 330 -16.73 9.09 20.53
N SER F 331 -17.76 8.83 21.27
CA SER F 331 -17.74 7.73 22.26
C SER F 331 -18.11 6.40 21.59
N ASP F 332 -19.31 6.33 20.94
CA ASP F 332 -19.74 5.09 20.30
C ASP F 332 -20.39 5.41 18.96
N LEU F 333 -20.50 4.38 18.12
CA LEU F 333 -21.18 4.46 16.84
C LEU F 333 -22.14 3.30 16.69
N TRP F 334 -23.30 3.55 16.11
CA TRP F 334 -24.28 2.52 15.76
C TRP F 334 -24.57 2.62 14.27
N GLY F 335 -24.26 1.55 13.55
CA GLY F 335 -24.47 1.53 12.12
C GLY F 335 -23.40 2.18 11.30
N LEU F 336 -22.31 2.62 11.92
CA LEU F 336 -21.24 3.35 11.26
C LEU F 336 -19.90 2.76 11.70
N GLU F 337 -18.87 3.00 10.89
CA GLU F 337 -17.51 2.64 11.21
C GLU F 337 -16.68 3.89 11.47
N TYR F 338 -15.73 3.76 12.38
CA TYR F 338 -14.94 4.91 12.80
C TYR F 338 -14.12 5.47 11.63
N LEU F 339 -14.05 6.80 11.56
CA LEU F 339 -13.23 7.45 10.57
C LEU F 339 -11.75 7.25 10.90
N PRO F 340 -10.89 7.18 9.88
CA PRO F 340 -9.46 6.91 10.16
C PRO F 340 -8.80 7.91 11.08
N LEU F 341 -8.89 9.21 10.76
CA LEU F 341 -8.34 10.29 11.58
C LEU F 341 -6.82 10.20 11.70
N GLU F 342 -6.19 9.34 10.90
CA GLU F 342 -4.75 9.19 10.93
C GLU F 342 -4.27 8.72 9.57
N LYS F 343 -2.98 8.92 9.31
CA LYS F 343 -2.37 8.50 8.05
C LYS F 343 -0.90 8.16 8.24
N TYR G 23 -35.69 -8.16 -10.31
CA TYR G 23 -36.94 -7.92 -9.60
C TYR G 23 -36.66 -7.30 -8.23
N PHE G 24 -35.68 -7.85 -7.52
CA PHE G 24 -35.19 -7.31 -6.27
C PHE G 24 -33.69 -7.15 -6.37
N GLN G 25 -33.21 -5.90 -6.41
CA GLN G 25 -31.80 -5.61 -6.53
C GLN G 25 -31.39 -4.66 -5.42
N SER G 26 -30.11 -4.74 -5.04
CA SER G 26 -29.56 -4.00 -3.92
C SER G 26 -28.60 -2.93 -4.44
N ASN G 27 -28.77 -1.70 -3.97
CA ASN G 27 -27.84 -0.62 -4.28
C ASN G 27 -27.20 -0.14 -2.98
N ALA G 28 -25.88 -0.02 -2.99
CA ALA G 28 -25.11 0.33 -1.80
C ALA G 28 -24.82 1.82 -1.69
N THR G 29 -25.32 2.63 -2.62
CA THR G 29 -25.07 4.06 -2.59
C THR G 29 -26.25 4.81 -1.99
N ILE G 30 -25.94 5.74 -1.10
CA ILE G 30 -26.95 6.61 -0.50
C ILE G 30 -27.10 7.85 -1.37
N GLU G 31 -28.34 8.22 -1.65
CA GLU G 31 -28.61 9.42 -2.44
C GLU G 31 -28.69 10.68 -1.59
N LEU G 32 -29.05 10.55 -0.30
CA LEU G 32 -29.33 11.71 0.52
C LEU G 32 -29.05 11.38 1.98
N SER G 33 -28.37 12.29 2.67
CA SER G 33 -28.10 12.16 4.10
C SER G 33 -28.84 13.25 4.85
N ILE G 34 -29.63 12.84 5.84
CA ILE G 34 -30.28 13.75 6.78
C ILE G 34 -29.53 13.69 8.09
N VAL G 35 -29.11 14.84 8.59
CA VAL G 35 -28.31 14.94 9.81
C VAL G 35 -29.12 15.69 10.86
N ILE G 36 -29.40 15.03 11.97
CA ILE G 36 -30.17 15.61 13.06
C ILE G 36 -29.34 15.51 14.34
N PRO G 37 -28.77 16.63 14.80
CA PRO G 37 -28.17 16.65 16.14
C PRO G 37 -29.25 16.69 17.21
N MET G 38 -29.13 15.79 18.19
CA MET G 38 -30.15 15.65 19.23
C MET G 38 -29.55 15.92 20.60
N TYR G 39 -30.33 16.57 21.44
CA TYR G 39 -29.93 16.86 22.82
C TYR G 39 -31.20 16.99 23.65
N ASN G 40 -31.45 15.99 24.50
CA ASN G 40 -32.66 15.91 25.31
C ASN G 40 -33.92 15.91 24.44
N GLU G 41 -33.87 15.19 23.33
CA GLU G 41 -35.03 15.00 22.45
C GLU G 41 -35.69 13.68 22.78
N GLU G 42 -36.20 13.57 24.00
CA GLU G 42 -36.59 12.25 24.50
C GLU G 42 -37.89 11.76 23.88
N ASP G 43 -39.01 12.41 24.18
CA ASP G 43 -40.31 11.91 23.77
C ASP G 43 -40.76 12.46 22.43
N ASN G 44 -39.81 13.01 21.66
CA ASN G 44 -40.15 13.63 20.35
C ASN G 44 -39.60 12.77 19.21
N LEU G 45 -38.86 11.70 19.52
CA LEU G 45 -38.21 10.90 18.45
C LEU G 45 -39.26 10.26 17.53
N GLU G 46 -40.35 9.76 18.10
CA GLU G 46 -41.39 9.07 17.30
C GLU G 46 -41.98 10.03 16.26
N HIS G 47 -42.52 11.16 16.72
CA HIS G 47 -43.13 12.13 15.81
C HIS G 47 -42.14 12.62 14.77
N LEU G 48 -40.90 12.89 15.18
CA LEU G 48 -39.87 13.37 14.26
C LEU G 48 -39.65 12.35 13.14
N PHE G 49 -39.48 11.08 13.50
CA PHE G 49 -39.25 10.07 12.48
C PHE G 49 -40.50 9.81 11.65
N ALA G 50 -41.68 9.93 12.27
CA ALA G 50 -42.92 9.78 11.52
C ALA G 50 -43.00 10.82 10.40
N ARG G 51 -42.77 12.09 10.73
CA ARG G 51 -42.81 13.13 9.71
C ARG G 51 -41.71 12.94 8.68
N LEU G 52 -40.51 12.58 9.13
CA LEU G 52 -39.40 12.41 8.20
C LEU G 52 -39.68 11.31 7.18
N LEU G 53 -40.23 10.18 7.62
CA LEU G 53 -40.54 9.11 6.68
C LEU G 53 -41.78 9.43 5.85
N GLU G 54 -42.73 10.17 6.40
CA GLU G 54 -43.88 10.59 5.61
C GLU G 54 -43.48 11.52 4.48
N VAL G 55 -42.39 12.25 4.64
CA VAL G 55 -41.91 13.11 3.56
C VAL G 55 -40.95 12.37 2.63
N LEU G 56 -40.08 11.52 3.18
CA LEU G 56 -38.96 10.98 2.42
C LEU G 56 -39.35 9.82 1.51
N THR G 57 -40.32 9.00 1.92
CA THR G 57 -40.64 7.81 1.12
C THR G 57 -41.31 8.12 -0.22
N PRO G 58 -42.12 9.18 -0.36
CA PRO G 58 -42.59 9.55 -1.70
C PRO G 58 -41.47 9.96 -2.64
N LEU G 59 -40.30 10.33 -2.14
CA LEU G 59 -39.20 10.73 -3.01
C LEU G 59 -38.61 9.56 -3.80
N LYS G 60 -38.82 8.32 -3.32
CA LYS G 60 -38.35 7.12 -4.01
C LYS G 60 -36.84 7.16 -4.25
N ILE G 61 -36.09 7.62 -3.26
CA ILE G 61 -34.63 7.65 -3.31
C ILE G 61 -34.08 6.98 -2.07
N THR G 62 -32.83 6.53 -2.18
CA THR G 62 -32.14 5.92 -1.04
C THR G 62 -31.63 7.02 -0.11
N TYR G 63 -31.80 6.82 1.18
CA TYR G 63 -31.44 7.84 2.16
C TYR G 63 -30.97 7.19 3.45
N GLU G 64 -30.29 7.98 4.26
CA GLU G 64 -29.91 7.62 5.61
C GLU G 64 -30.20 8.80 6.53
N ILE G 65 -30.45 8.49 7.79
CA ILE G 65 -30.64 9.52 8.81
C ILE G 65 -29.53 9.36 9.84
N ILE G 66 -28.66 10.36 9.93
CA ILE G 66 -27.57 10.36 10.90
C ILE G 66 -28.02 11.15 12.11
N CYS G 67 -28.07 10.49 13.26
CA CYS G 67 -28.51 11.09 14.51
C CYS G 67 -27.30 11.27 15.42
N VAL G 68 -27.05 12.50 15.85
CA VAL G 68 -25.90 12.82 16.68
C VAL G 68 -26.39 13.17 18.07
N ASN G 69 -25.97 12.38 19.05
CA ASN G 69 -26.24 12.67 20.46
C ASN G 69 -25.00 13.32 21.07
N ASP G 70 -25.23 14.50 21.63
CA ASP G 70 -24.15 15.29 22.28
C ASP G 70 -24.38 15.33 23.79
N GLY G 71 -24.14 14.23 24.50
CA GLY G 71 -24.25 14.23 25.94
C GLY G 71 -25.60 14.59 26.51
N SER G 72 -26.67 13.99 25.97
CA SER G 72 -28.00 14.19 26.53
C SER G 72 -28.08 13.63 27.94
N LYS G 73 -28.86 14.29 28.79
CA LYS G 73 -29.00 13.87 30.18
C LYS G 73 -30.24 13.03 30.44
N ASP G 74 -31.26 13.12 29.59
CA ASP G 74 -32.42 12.25 29.69
C ASP G 74 -32.11 10.95 28.95
N LYS G 75 -33.12 10.11 28.76
CA LYS G 75 -32.88 8.81 28.11
C LYS G 75 -33.19 8.87 26.62
N THR G 76 -32.48 9.78 25.95
CA THR G 76 -32.60 9.92 24.50
C THR G 76 -31.90 8.78 23.77
N LEU G 77 -30.75 8.34 24.30
CA LEU G 77 -29.93 7.37 23.58
C LEU G 77 -30.57 5.98 23.57
N LYS G 78 -31.25 5.59 24.65
CA LYS G 78 -31.85 4.27 24.67
C LYS G 78 -32.97 4.14 23.63
N GLN G 79 -33.78 5.19 23.48
CA GLN G 79 -34.81 5.16 22.46
C GLN G 79 -34.24 5.37 21.07
N LEU G 80 -33.12 6.08 20.96
CA LEU G 80 -32.41 6.13 19.69
C LEU G 80 -31.97 4.73 19.27
N ILE G 81 -31.46 3.93 20.21
CA ILE G 81 -31.03 2.58 19.90
C ILE G 81 -32.23 1.70 19.58
N ASP G 82 -33.35 1.91 20.29
CA ASP G 82 -34.58 1.17 19.97
C ASP G 82 -35.04 1.47 18.54
N CYS G 83 -34.97 2.74 18.13
CA CYS G 83 -35.31 3.08 16.75
C CYS G 83 -34.30 2.50 15.76
N TYR G 84 -33.03 2.47 16.14
CA TYR G 84 -32.00 1.93 15.27
C TYR G 84 -32.18 0.43 15.03
N GLN G 85 -32.75 -0.29 16.00
CA GLN G 85 -32.93 -1.72 15.83
C GLN G 85 -33.99 -2.05 14.78
N SER G 86 -35.04 -1.24 14.67
CA SER G 86 -36.15 -1.53 13.78
C SER G 86 -36.14 -0.70 12.50
N ASN G 87 -35.04 -0.02 12.19
CA ASN G 87 -34.97 0.85 11.03
C ASN G 87 -33.55 0.82 10.49
N ARG G 88 -33.37 0.33 9.26
CA ARG G 88 -32.03 0.22 8.67
C ARG G 88 -31.48 1.56 8.24
N GLN G 89 -32.30 2.59 8.12
CA GLN G 89 -31.86 3.88 7.62
C GLN G 89 -31.40 4.82 8.72
N ILE G 90 -31.44 4.38 9.97
CA ILE G 90 -31.09 5.21 11.12
C ILE G 90 -29.70 4.82 11.61
N LYS G 91 -28.83 5.82 11.76
CA LYS G 91 -27.49 5.63 12.31
C LYS G 91 -27.27 6.64 13.43
N ILE G 92 -26.46 6.27 14.41
CA ILE G 92 -26.26 7.07 15.62
C ILE G 92 -24.79 7.40 15.77
N VAL G 93 -24.50 8.69 16.00
CA VAL G 93 -23.18 9.16 16.40
C VAL G 93 -23.28 9.65 17.85
N ASN G 94 -22.55 9.00 18.75
CA ASN G 94 -22.52 9.38 20.15
C ASN G 94 -21.23 10.13 20.43
N LEU G 95 -21.33 11.34 20.95
CA LEU G 95 -20.18 12.14 21.28
C LEU G 95 -19.78 11.93 22.73
N SER G 96 -18.49 12.17 23.01
CA SER G 96 -17.96 11.85 24.34
C SER G 96 -18.62 12.70 25.42
N ARG G 97 -18.88 13.97 25.13
CA ARG G 97 -19.58 14.85 26.05
C ARG G 97 -20.48 15.78 25.24
N ASN G 98 -20.99 16.81 25.92
CA ASN G 98 -21.86 17.80 25.30
C ASN G 98 -21.01 18.90 24.69
N PHE G 99 -20.70 18.77 23.40
CA PHE G 99 -20.13 19.87 22.64
C PHE G 99 -21.28 20.72 22.12
N GLY G 100 -20.98 21.72 21.31
CA GLY G 100 -22.03 22.57 20.77
C GLY G 100 -22.91 21.83 19.77
N LYS G 101 -24.04 22.46 19.45
CA LYS G 101 -24.93 21.93 18.42
C LYS G 101 -24.30 22.07 17.04
N GLU G 102 -23.52 23.12 16.82
CA GLU G 102 -22.80 23.27 15.56
C GLU G 102 -21.73 22.22 15.41
N ILE G 103 -21.03 21.88 16.50
CA ILE G 103 -20.04 20.82 16.45
C ILE G 103 -20.72 19.47 16.23
N ALA G 104 -21.91 19.28 16.81
CA ALA G 104 -22.67 18.05 16.54
C ALA G 104 -23.06 17.95 15.08
N LEU G 105 -23.47 19.08 14.48
CA LEU G 105 -23.77 19.08 13.05
C LEU G 105 -22.53 18.76 12.22
N SER G 106 -21.38 19.31 12.62
CA SER G 106 -20.13 19.01 11.92
C SER G 106 -19.78 17.53 12.01
N ALA G 107 -19.95 16.93 13.19
CA ALA G 107 -19.68 15.51 13.36
C ALA G 107 -20.61 14.66 12.50
N GLY G 108 -21.89 15.00 12.48
CA GLY G 108 -22.83 14.28 11.65
C GLY G 108 -22.50 14.36 10.18
N ILE G 109 -22.16 15.56 9.69
CA ILE G 109 -21.79 15.72 8.29
C ILE G 109 -20.49 14.97 7.99
N ASP G 110 -19.57 14.93 8.96
CA ASP G 110 -18.35 14.15 8.78
C ASP G 110 -18.64 12.67 8.62
N TYR G 111 -19.65 12.17 9.33
CA TYR G 111 -19.98 10.75 9.24
C TYR G 111 -21.04 10.43 8.19
N ALA G 112 -21.51 11.43 7.45
CA ALA G 112 -22.57 11.23 6.47
C ALA G 112 -21.98 10.86 5.12
N GLN G 113 -22.54 9.83 4.50
CA GLN G 113 -22.19 9.41 3.14
C GLN G 113 -23.45 9.52 2.30
N GLY G 114 -23.37 10.31 1.23
CA GLY G 114 -24.53 10.56 0.41
C GLY G 114 -24.22 11.64 -0.61
N ASN G 115 -24.97 11.67 -1.71
CA ASN G 115 -24.68 12.64 -2.75
C ASN G 115 -25.06 14.05 -2.32
N ALA G 116 -26.14 14.18 -1.56
CA ALA G 116 -26.52 15.45 -0.95
C ALA G 116 -26.66 15.25 0.56
N VAL G 117 -26.35 16.31 1.30
CA VAL G 117 -26.48 16.31 2.75
C VAL G 117 -27.44 17.42 3.14
N ILE G 118 -28.40 17.10 3.99
CA ILE G 118 -29.36 18.09 4.47
C ILE G 118 -29.37 18.11 6.00
N PRO G 119 -28.84 19.16 6.64
CA PRO G 119 -28.99 19.28 8.08
C PRO G 119 -30.41 19.64 8.47
N ILE G 120 -30.98 18.88 9.39
CA ILE G 120 -32.38 19.02 9.81
C ILE G 120 -32.41 19.30 11.30
N ASP G 121 -33.22 20.28 11.71
CA ASP G 121 -33.37 20.59 13.11
C ASP G 121 -34.40 19.65 13.74
N ALA G 122 -34.14 19.26 14.99
CA ALA G 122 -34.90 18.17 15.60
C ALA G 122 -36.31 18.58 15.97
N ASP G 123 -36.57 19.88 16.16
CA ASP G 123 -37.91 20.31 16.53
C ASP G 123 -38.80 20.60 15.32
N LEU G 124 -38.25 20.52 14.11
CA LEU G 124 -39.01 20.70 12.87
C LEU G 124 -39.74 22.04 12.83
N GLN G 125 -39.03 23.09 13.24
CA GLN G 125 -39.57 24.44 13.08
C GLN G 125 -39.72 24.80 11.62
N ASP G 126 -38.75 24.37 10.79
CA ASP G 126 -38.84 24.44 9.33
C ASP G 126 -39.48 23.18 8.80
N PRO G 127 -40.55 23.28 8.02
CA PRO G 127 -41.31 22.09 7.61
C PRO G 127 -40.44 21.13 6.83
N PRO G 128 -40.54 19.83 7.11
CA PRO G 128 -39.76 18.84 6.35
C PRO G 128 -40.19 18.72 4.89
N GLU G 129 -41.35 19.27 4.53
CA GLU G 129 -41.79 19.23 3.14
C GLU G 129 -40.93 20.09 2.23
N LEU G 130 -40.06 20.94 2.78
CA LEU G 130 -39.13 21.70 1.98
C LEU G 130 -38.02 20.84 1.40
N ILE G 131 -37.84 19.61 1.92
CA ILE G 131 -36.83 18.72 1.39
C ILE G 131 -37.16 18.33 -0.05
N HIS G 132 -38.46 18.24 -0.38
CA HIS G 132 -38.85 17.98 -1.76
C HIS G 132 -38.37 19.10 -2.69
N GLU G 133 -38.57 20.35 -2.28
CA GLU G 133 -38.14 21.48 -3.10
C GLU G 133 -36.61 21.55 -3.18
N LEU G 134 -35.93 21.27 -2.07
CA LEU G 134 -34.46 21.26 -2.09
C LEU G 134 -33.93 20.21 -3.04
N VAL G 135 -34.51 19.01 -3.02
CA VAL G 135 -34.07 17.95 -3.91
C VAL G 135 -34.41 18.28 -5.36
N ASP G 136 -35.57 18.90 -5.59
CA ASP G 136 -35.93 19.32 -6.94
C ASP G 136 -34.92 20.31 -7.50
N LYS G 137 -34.55 21.31 -6.71
CA LYS G 137 -33.56 22.28 -7.17
C LYS G 137 -32.18 21.65 -7.33
N TRP G 138 -31.84 20.68 -6.49
CA TRP G 138 -30.57 19.99 -6.61
C TRP G 138 -30.48 19.21 -7.92
N ARG G 139 -31.60 18.60 -8.35
CA ARG G 139 -31.63 17.85 -9.59
C ARG G 139 -31.42 18.73 -10.81
N GLU G 140 -31.70 20.02 -10.71
CA GLU G 140 -31.52 20.96 -11.81
C GLU G 140 -30.07 21.39 -12.00
N GLY G 141 -29.17 21.01 -11.10
CA GLY G 141 -27.76 21.33 -11.24
C GLY G 141 -27.20 22.28 -10.21
N TYR G 142 -27.97 22.70 -9.21
CA TYR G 142 -27.45 23.59 -8.18
C TYR G 142 -26.72 22.79 -7.11
N ASP G 143 -25.56 23.30 -6.69
CA ASP G 143 -24.74 22.61 -5.72
C ASP G 143 -25.11 22.96 -4.28
N ILE G 144 -25.58 24.17 -4.04
CA ILE G 144 -26.06 24.58 -2.72
C ILE G 144 -27.42 25.22 -2.91
N VAL G 145 -28.42 24.70 -2.18
CA VAL G 145 -29.76 25.25 -2.16
C VAL G 145 -30.05 25.68 -0.73
N TYR G 146 -30.56 26.89 -0.56
CA TYR G 146 -30.92 27.41 0.75
C TYR G 146 -32.43 27.49 0.88
N ALA G 147 -32.91 27.28 2.10
CA ALA G 147 -34.32 27.48 2.44
C ALA G 147 -34.37 28.77 3.24
N THR G 148 -34.83 29.85 2.62
CA THR G 148 -34.87 31.17 3.23
C THR G 148 -36.30 31.57 3.54
N ARG G 149 -36.51 32.10 4.74
CA ARG G 149 -37.83 32.58 5.13
C ARG G 149 -38.27 33.72 4.21
N ARG G 150 -39.55 33.73 3.85
CA ARG G 150 -40.08 34.70 2.90
C ARG G 150 -40.34 36.00 3.64
N SER G 151 -39.33 36.87 3.68
CA SER G 151 -39.41 38.18 4.32
C SER G 151 -39.80 38.04 5.80
N ARG G 152 -38.92 37.39 6.57
CA ARG G 152 -39.17 37.19 7.98
C ARG G 152 -39.20 38.51 8.73
N GLN G 153 -40.04 38.60 9.75
CA GLN G 153 -40.20 39.82 10.53
C GLN G 153 -38.93 40.15 11.30
N THR G 162 -32.45 50.04 2.28
CA THR G 162 -31.47 49.77 3.33
C THR G 162 -30.06 49.77 2.78
N ALA G 163 -29.22 50.68 3.29
CA ALA G 163 -27.82 50.71 2.87
C ALA G 163 -27.01 49.60 3.49
N LYS G 164 -27.36 48.96 4.50
CA LYS G 164 -26.54 47.87 5.10
C LYS G 164 -26.48 46.70 4.12
N MET G 165 -27.70 46.36 3.49
CA MET G 165 -27.64 45.28 2.51
C MET G 165 -26.62 45.57 1.43
N PHE G 166 -26.59 46.81 0.93
CA PHE G 166 -25.61 47.18 -0.08
C PHE G 166 -24.20 47.11 0.48
N TYR G 167 -24.00 47.53 1.73
CA TYR G 167 -22.68 47.44 2.35
C TYR G 167 -22.22 45.99 2.44
N LYS G 168 -23.11 45.10 2.87
CA LYS G 168 -22.76 43.68 2.95
C LYS G 168 -22.45 43.12 1.55
N VAL G 169 -23.24 43.51 0.55
CA VAL G 169 -23.02 43.00 -0.80
C VAL G 169 -21.66 43.44 -1.33
N ILE G 170 -21.33 44.73 -1.16
CA ILE G 170 -20.05 45.22 -1.65
C ILE G 170 -18.88 44.68 -0.82
N GLY G 171 -19.12 44.31 0.44
CA GLY G 171 -18.10 43.64 1.22
C GLY G 171 -17.91 42.17 0.88
N ARG G 172 -18.93 41.54 0.28
CA ARG G 172 -18.82 40.14 -0.07
C ARG G 172 -17.95 39.89 -1.29
N MET G 173 -17.71 40.93 -2.11
CA MET G 173 -16.82 40.90 -3.28
C MET G 173 -17.05 39.69 -4.17
N THR G 174 -18.24 39.11 -4.12
CA THR G 174 -18.64 37.98 -4.95
C THR G 174 -20.15 37.97 -5.03
N GLU G 175 -20.68 37.82 -6.24
CA GLU G 175 -22.11 38.00 -6.48
C GLU G 175 -22.91 36.94 -5.73
N ILE G 176 -23.57 37.35 -4.64
CA ILE G 176 -24.47 36.52 -3.86
C ILE G 176 -25.81 37.24 -3.78
N LYS G 177 -26.89 36.54 -4.11
CA LYS G 177 -28.21 37.15 -4.17
C LYS G 177 -29.15 36.62 -3.09
N ILE G 178 -28.69 35.72 -2.24
CA ILE G 178 -29.58 35.10 -1.24
C ILE G 178 -29.88 36.12 -0.14
N PRO G 179 -31.12 36.19 0.34
CA PRO G 179 -31.49 37.20 1.35
C PRO G 179 -30.63 37.10 2.60
N PRO G 180 -30.59 38.15 3.43
CA PRO G 180 -29.62 38.20 4.54
C PRO G 180 -29.71 37.04 5.52
N ASN G 181 -30.91 36.56 5.84
CA ASN G 181 -31.03 35.45 6.77
C ASN G 181 -30.39 34.19 6.20
N THR G 182 -30.52 34.00 4.88
CA THR G 182 -29.74 33.12 4.00
C THR G 182 -29.69 31.66 4.43
N GLY G 183 -30.39 31.27 5.50
CA GLY G 183 -30.71 29.87 5.68
C GLY G 183 -29.68 28.98 6.36
N ASP G 184 -30.06 28.34 7.47
CA ASP G 184 -29.29 27.23 7.99
C ASP G 184 -29.86 25.88 7.56
N PHE G 185 -31.10 25.86 7.10
CA PHE G 185 -31.71 24.68 6.51
C PHE G 185 -31.39 24.69 5.02
N ARG G 186 -30.54 23.76 4.57
CA ARG G 186 -30.00 23.84 3.23
C ARG G 186 -29.61 22.45 2.75
N LEU G 187 -29.34 22.36 1.45
CA LEU G 187 -28.78 21.18 0.82
C LEU G 187 -27.38 21.52 0.31
N MET G 188 -26.45 20.61 0.50
CA MET G 188 -25.08 20.83 -0.01
C MET G 188 -24.62 19.57 -0.76
N ASP G 189 -24.13 19.75 -1.98
CA ASP G 189 -23.64 18.66 -2.81
C ASP G 189 -22.38 18.04 -2.21
N ARG G 190 -22.15 16.78 -2.56
CA ARG G 190 -20.96 16.06 -2.10
C ARG G 190 -19.68 16.82 -2.48
N LYS G 191 -19.70 17.51 -3.62
CA LYS G 191 -18.57 18.32 -4.04
C LYS G 191 -18.24 19.39 -3.01
N VAL G 192 -19.27 20.11 -2.55
CA VAL G 192 -19.06 21.19 -1.60
C VAL G 192 -18.62 20.66 -0.25
N VAL G 193 -19.24 19.57 0.22
CA VAL G 193 -18.87 19.03 1.52
C VAL G 193 -17.47 18.42 1.50
N ASN G 194 -17.03 17.92 0.35
CA ASN G 194 -15.64 17.47 0.25
C ASN G 194 -14.67 18.64 0.16
N ALA G 195 -15.11 19.76 -0.42
CA ALA G 195 -14.25 20.93 -0.51
C ALA G 195 -13.89 21.50 0.85
N ILE G 196 -14.85 21.49 1.78
CA ILE G 196 -14.70 22.21 3.05
C ILE G 196 -14.53 21.26 4.23
N LYS G 197 -14.23 19.99 3.98
CA LYS G 197 -14.25 19.01 5.08
C LYS G 197 -13.06 19.14 6.00
N GLN G 198 -11.99 19.82 5.58
CA GLN G 198 -10.80 19.99 6.40
C GLN G 198 -10.63 21.43 6.87
N LEU G 199 -11.66 22.25 6.75
CA LEU G 199 -11.55 23.68 7.03
C LEU G 199 -12.13 24.00 8.41
N PRO G 200 -11.43 24.78 9.24
CA PRO G 200 -12.01 25.17 10.53
C PRO G 200 -13.33 25.91 10.41
N GLU G 201 -13.54 26.60 9.29
CA GLU G 201 -14.77 27.44 9.14
C GLU G 201 -15.94 26.58 8.65
N ARG G 202 -15.78 25.26 8.58
CA ARG G 202 -16.91 24.38 8.20
C ARG G 202 -18.01 24.52 9.26
N THR G 203 -17.63 24.60 10.54
CA THR G 203 -18.61 24.71 11.65
C THR G 203 -19.43 25.97 11.47
N ARG G 204 -18.80 27.08 11.09
CA ARG G 204 -19.54 28.31 10.82
C ARG G 204 -19.48 28.50 9.31
N PHE G 205 -20.34 27.78 8.60
CA PHE G 205 -20.34 27.85 7.14
C PHE G 205 -20.99 29.12 6.64
N MET G 206 -21.91 29.68 7.42
CA MET G 206 -22.83 30.65 6.86
C MET G 206 -22.43 32.07 7.21
N LYS G 207 -21.23 32.27 7.74
CA LYS G 207 -20.69 33.59 8.08
C LYS G 207 -19.67 34.09 7.07
N GLY G 208 -19.57 33.46 5.90
CA GLY G 208 -18.66 33.94 4.88
C GLY G 208 -17.99 32.87 4.05
N LEU G 209 -17.97 31.63 4.55
CA LEU G 209 -17.42 30.53 3.76
C LEU G 209 -18.31 30.20 2.58
N PHE G 210 -19.63 30.37 2.74
CA PHE G 210 -20.55 30.16 1.63
C PHE G 210 -20.27 31.14 0.50
N ALA G 211 -19.84 32.36 0.83
CA ALA G 211 -19.50 33.34 -0.19
C ALA G 211 -18.11 33.12 -0.76
N TRP G 212 -17.28 32.31 -0.11
CA TRP G 212 -15.94 32.03 -0.62
C TRP G 212 -15.92 30.81 -1.52
N VAL G 213 -16.75 29.80 -1.23
CA VAL G 213 -16.73 28.59 -2.06
C VAL G 213 -17.20 28.89 -3.48
N GLY G 214 -18.25 29.68 -3.61
CA GLY G 214 -18.65 30.23 -4.90
C GLY G 214 -19.11 29.24 -5.95
N TYR G 215 -19.77 28.17 -5.54
CA TYR G 215 -20.30 27.19 -6.49
C TYR G 215 -21.59 27.72 -7.12
N ARG G 216 -22.34 26.84 -7.77
CA ARG G 216 -23.67 27.18 -8.28
C ARG G 216 -24.68 27.08 -7.13
N GLN G 217 -25.29 28.20 -6.78
CA GLN G 217 -26.12 28.30 -5.58
C GLN G 217 -27.45 28.96 -5.89
N THR G 218 -28.48 28.54 -5.17
CA THR G 218 -29.82 29.10 -5.31
C THR G 218 -30.50 29.05 -3.94
N PHE G 219 -31.76 29.46 -3.91
CA PHE G 219 -32.54 29.44 -2.69
C PHE G 219 -33.98 29.05 -2.99
N VAL G 220 -34.70 28.68 -1.92
CA VAL G 220 -36.12 28.37 -1.98
C VAL G 220 -36.82 29.17 -0.89
N LEU G 221 -37.91 29.84 -1.26
CA LEU G 221 -38.63 30.71 -0.32
C LEU G 221 -39.76 29.94 0.36
N PHE G 222 -39.94 30.21 1.65
CA PHE G 222 -41.02 29.58 2.41
C PHE G 222 -41.41 30.49 3.58
N ASP G 223 -42.59 30.24 4.12
CA ASP G 223 -43.13 30.99 5.24
C ASP G 223 -43.24 30.09 6.47
N ARG G 224 -42.96 30.67 7.64
CA ARG G 224 -43.08 29.97 8.91
C ARG G 224 -44.22 30.57 9.71
N GLU G 225 -45.11 29.71 10.23
CA GLU G 225 -46.24 30.20 11.01
C GLU G 225 -45.82 30.95 12.26
N PRO G 226 -44.93 30.43 13.12
CA PRO G 226 -44.46 31.23 14.25
C PRO G 226 -43.33 32.16 13.81
N ARG G 227 -43.50 33.44 14.06
CA ARG G 227 -42.49 34.44 13.69
C ARG G 227 -41.23 34.30 14.53
N TRP G 234 -33.96 39.92 14.06
CA TRP G 234 -33.72 41.24 13.48
C TRP G 234 -32.63 41.98 14.26
N ASN G 235 -31.70 41.22 14.84
CA ASN G 235 -30.62 41.81 15.62
C ASN G 235 -29.59 42.46 14.69
N TYR G 236 -29.24 43.71 14.98
CA TYR G 236 -28.20 44.39 14.24
C TYR G 236 -26.81 43.92 14.67
N TRP G 237 -26.65 43.60 15.96
CA TRP G 237 -25.36 43.11 16.45
C TRP G 237 -24.97 41.81 15.75
N LYS G 238 -25.93 40.90 15.57
CA LYS G 238 -25.65 39.68 14.82
C LYS G 238 -25.34 39.98 13.36
N LEU G 239 -26.06 40.93 12.76
CA LEU G 239 -25.86 41.26 11.35
C LEU G 239 -24.53 41.98 11.11
N TRP G 240 -23.90 42.52 12.16
CA TRP G 240 -22.57 43.09 12.05
C TRP G 240 -21.45 42.15 12.49
N ASN G 241 -21.72 41.23 13.42
CA ASN G 241 -20.68 40.31 13.87
C ASN G 241 -20.25 39.37 12.76
N PHE G 242 -21.17 38.92 11.92
CA PHE G 242 -20.80 38.03 10.83
C PHE G 242 -19.91 38.74 9.82
N ALA G 243 -20.21 40.01 9.53
CA ALA G 243 -19.34 40.79 8.66
C ALA G 243 -17.97 41.01 9.28
N LEU G 244 -17.95 41.29 10.59
CA LEU G 244 -16.67 41.47 11.28
C LEU G 244 -15.83 40.20 11.26
N ASP G 245 -16.47 39.04 11.42
CA ASP G 245 -15.75 37.78 11.33
C ASP G 245 -15.28 37.51 9.91
N GLY G 246 -16.11 37.83 8.91
CA GLY G 246 -15.73 37.59 7.53
C GLY G 246 -14.58 38.45 7.04
N ILE G 247 -14.54 39.72 7.46
CA ILE G 247 -13.49 40.60 6.98
C ILE G 247 -12.12 40.20 7.51
N PHE G 248 -12.06 39.40 8.57
CA PHE G 248 -10.79 38.92 9.11
C PHE G 248 -10.52 37.46 8.76
N SER G 249 -11.56 36.68 8.47
CA SER G 249 -11.37 35.26 8.19
C SER G 249 -10.90 35.00 6.77
N PHE G 250 -11.25 35.87 5.81
CA PHE G 250 -10.96 35.63 4.41
C PHE G 250 -10.17 36.75 3.76
N SER G 251 -9.50 37.58 4.56
CA SER G 251 -8.69 38.65 4.00
C SER G 251 -7.64 39.08 5.02
N LEU G 252 -6.40 39.23 4.56
CA LEU G 252 -5.34 39.85 5.34
C LEU G 252 -5.25 41.36 5.12
N LEU G 253 -6.22 41.91 4.39
CA LEU G 253 -6.22 43.34 4.08
C LEU G 253 -6.18 44.23 5.31
N PRO G 254 -6.99 44.01 6.36
CA PRO G 254 -6.87 44.89 7.54
C PRO G 254 -5.48 44.90 8.14
N LEU G 255 -4.83 43.74 8.23
CA LEU G 255 -3.51 43.67 8.82
C LEU G 255 -2.50 44.45 8.00
N LYS G 256 -2.48 44.23 6.68
CA LYS G 256 -1.53 44.92 5.81
C LYS G 256 -1.76 46.42 5.82
N VAL G 257 -3.02 46.83 5.69
CA VAL G 257 -3.32 48.26 5.66
C VAL G 257 -2.93 48.92 6.96
N TRP G 258 -3.24 48.29 8.10
CA TRP G 258 -2.89 48.90 9.36
C TRP G 258 -1.39 48.92 9.61
N THR G 259 -0.67 47.90 9.17
CA THR G 259 0.78 47.92 9.30
C THR G 259 1.38 49.08 8.51
N TYR G 260 0.93 49.27 7.27
CA TYR G 260 1.47 50.37 6.48
C TYR G 260 1.06 51.73 7.05
N LEU G 261 -0.17 51.83 7.54
CA LEU G 261 -0.62 53.10 8.13
C LEU G 261 0.18 53.43 9.39
N GLY G 262 0.39 52.45 10.26
CA GLY G 262 1.21 52.67 11.42
C GLY G 262 2.66 52.97 11.06
N SER G 263 3.15 52.38 9.98
CA SER G 263 4.51 52.67 9.53
C SER G 263 4.64 54.13 9.08
N ILE G 264 3.68 54.63 8.31
CA ILE G 264 3.79 56.01 7.86
C ILE G 264 3.57 56.98 9.03
N ILE G 265 2.69 56.62 9.97
CA ILE G 265 2.52 57.45 11.16
C ILE G 265 3.80 57.48 11.99
N SER G 266 4.46 56.34 12.13
CA SER G 266 5.74 56.28 12.85
C SER G 266 6.80 57.12 12.15
N LEU G 267 6.85 57.05 10.83
CA LEU G 267 7.83 57.85 10.09
C LEU G 267 7.57 59.34 10.29
N LEU G 268 6.30 59.75 10.24
CA LEU G 268 5.98 61.17 10.46
C LEU G 268 6.33 61.61 11.87
N SER G 269 6.06 60.76 12.86
CA SER G 269 6.41 61.10 14.24
C SER G 269 7.92 61.19 14.44
N LEU G 270 8.67 60.28 13.83
CA LEU G 270 10.13 60.33 13.93
C LEU G 270 10.68 61.56 13.23
N ALA G 271 10.09 61.93 12.08
CA ALA G 271 10.51 63.16 11.41
C ALA G 271 10.24 64.38 12.27
N TYR G 272 9.07 64.43 12.93
CA TYR G 272 8.77 65.54 13.82
C TYR G 272 9.74 65.56 15.00
N ALA G 273 10.09 64.40 15.53
CA ALA G 273 11.04 64.34 16.64
C ALA G 273 12.43 64.83 16.21
N SER G 274 12.86 64.45 15.00
CA SER G 274 14.15 64.96 14.50
C SER G 274 14.09 66.46 14.29
N PHE G 275 12.97 66.98 13.80
CA PHE G 275 12.80 68.42 13.65
C PHE G 275 12.86 69.12 15.01
N LEU G 276 12.23 68.53 16.03
CA LEU G 276 12.22 69.15 17.35
C LEU G 276 13.59 69.09 18.01
N ILE G 277 14.35 68.02 17.78
CA ILE G 277 15.70 67.96 18.34
C ILE G 277 16.63 68.90 17.56
N LEU G 278 16.34 69.14 16.29
CA LEU G 278 17.00 70.23 15.58
C LEU G 278 16.60 71.57 16.17
N LYS G 279 15.33 71.73 16.51
CA LYS G 279 14.86 72.88 17.25
C LYS G 279 15.43 72.84 18.68
N THR G 280 15.25 74.08 19.36
CA THR G 280 15.68 74.27 20.79
C THR G 280 17.20 74.28 20.93
N ILE G 281 17.96 73.88 19.91
CA ILE G 281 19.41 74.03 19.90
C ILE G 281 19.82 75.25 19.08
N THR G 282 19.27 75.38 17.87
CA THR G 282 19.43 76.62 17.11
C THR G 282 18.52 77.72 17.64
N LEU G 283 17.32 77.37 18.11
CA LEU G 283 16.36 78.32 18.64
C LEU G 283 16.40 78.27 20.17
N GLY G 284 15.46 78.99 20.79
CA GLY G 284 15.43 79.12 22.23
C GLY G 284 14.96 77.86 22.95
N VAL G 285 15.12 77.90 24.27
CA VAL G 285 14.77 76.77 25.14
C VAL G 285 13.66 77.19 26.10
N ASP G 286 12.75 78.03 25.61
CA ASP G 286 11.68 78.59 26.43
C ASP G 286 11.01 77.55 27.33
N VAL G 287 10.69 76.39 26.77
CA VAL G 287 10.11 75.29 27.52
C VAL G 287 11.26 74.44 28.06
N PRO G 288 11.44 74.36 29.39
CA PRO G 288 12.57 73.61 29.93
C PRO G 288 12.46 72.11 29.71
N GLY G 289 11.35 71.51 30.12
CA GLY G 289 11.20 70.08 30.08
C GLY G 289 10.20 69.57 29.07
N TYR G 290 9.55 70.49 28.34
CA TYR G 290 8.56 70.07 27.36
C TYR G 290 9.20 69.48 26.12
N ALA G 291 10.29 70.10 25.63
CA ALA G 291 10.87 69.68 24.36
C ALA G 291 11.52 68.30 24.48
N SER G 292 12.30 68.09 25.55
CA SER G 292 12.97 66.80 25.72
C SER G 292 11.95 65.68 25.94
N LEU G 293 10.91 65.97 26.73
CA LEU G 293 9.85 64.98 26.93
C LEU G 293 9.13 64.67 25.63
N MET G 294 8.83 65.61 24.83
CA MET G 294 8.14 65.33 23.54
C MET G 294 9.05 64.49 22.65
N VAL G 295 10.38 64.89 22.55
CA VAL G 295 11.23 64.13 21.65
C VAL G 295 11.36 62.68 22.13
N ALA G 296 11.42 62.48 23.45
CA ALA G 296 11.48 61.13 23.98
C ALA G 296 10.20 60.35 23.68
N ILE G 297 9.04 60.99 23.89
CA ILE G 297 7.77 60.33 23.64
C ILE G 297 7.62 59.98 22.15
N LEU G 298 7.96 60.92 21.28
CA LEU G 298 7.83 60.66 19.85
C LEU G 298 8.78 59.57 19.38
N PHE G 299 10.03 59.59 19.85
CA PHE G 299 11.00 58.57 19.45
C PHE G 299 10.56 57.20 19.91
N LEU G 300 10.10 57.09 21.17
CA LEU G 300 9.64 55.80 21.67
C LEU G 300 8.41 55.31 20.91
N GLY G 301 7.46 56.21 20.67
CA GLY G 301 6.29 55.82 19.90
C GLY G 301 6.64 55.34 18.51
N GLY G 302 7.58 56.02 17.85
CA GLY G 302 7.99 55.60 16.52
C GLY G 302 8.67 54.25 16.52
N VAL G 303 9.59 54.02 17.46
CA VAL G 303 10.30 52.74 17.46
C VAL G 303 9.36 51.59 17.78
N GLN G 304 8.42 51.80 18.72
CA GLN G 304 7.45 50.75 19.01
C GLN G 304 6.48 50.53 17.86
N LEU G 305 6.11 51.59 17.13
CA LEU G 305 5.23 51.40 15.98
C LEU G 305 5.92 50.64 14.87
N ILE G 306 7.21 50.89 14.65
CA ILE G 306 7.95 50.11 13.66
C ILE G 306 8.05 48.66 14.09
N SER G 307 8.30 48.41 15.38
CA SER G 307 8.35 47.03 15.86
C SER G 307 7.01 46.32 15.65
N LEU G 308 5.91 47.00 15.98
CA LEU G 308 4.59 46.43 15.78
C LEU G 308 4.32 46.15 14.30
N GLY G 309 4.77 47.05 13.42
CA GLY G 309 4.56 46.83 11.99
C GLY G 309 5.32 45.63 11.45
N VAL G 310 6.59 45.48 11.85
CA VAL G 310 7.36 44.33 11.41
C VAL G 310 6.77 43.03 11.95
N ILE G 311 6.36 43.05 13.23
CA ILE G 311 5.74 41.87 13.82
C ILE G 311 4.46 41.52 13.09
N GLY G 312 3.66 42.53 12.72
CA GLY G 312 2.44 42.27 11.99
C GLY G 312 2.68 41.68 10.62
N GLU G 313 3.69 42.20 9.91
CA GLU G 313 4.03 41.65 8.60
C GLU G 313 4.41 40.17 8.70
N TYR G 314 5.28 39.84 9.66
CA TYR G 314 5.71 38.44 9.78
C TYR G 314 4.58 37.54 10.30
N LEU G 315 3.70 38.08 11.14
CA LEU G 315 2.53 37.31 11.57
C LEU G 315 1.60 37.03 10.41
N GLY G 316 1.44 38.02 9.51
CA GLY G 316 0.63 37.77 8.32
C GLY G 316 1.21 36.67 7.45
N ARG G 317 2.53 36.69 7.26
CA ARG G 317 3.17 35.62 6.48
C ARG G 317 3.00 34.27 7.18
N VAL G 318 3.12 34.23 8.50
CA VAL G 318 2.87 32.99 9.24
C VAL G 318 1.44 32.51 9.01
N TYR G 319 0.48 33.43 9.00
CA TYR G 319 -0.91 33.05 8.75
C TYR G 319 -1.07 32.45 7.37
N GLU G 320 -0.47 33.06 6.34
CA GLU G 320 -0.54 32.46 5.02
C GLU G 320 0.11 31.08 4.99
N GLU G 321 1.12 30.84 5.85
CA GLU G 321 1.78 29.54 5.83
C GLU G 321 0.90 28.44 6.42
N VAL G 322 0.23 28.71 7.54
CA VAL G 322 -0.50 27.68 8.27
C VAL G 322 -1.96 27.59 7.86
N LYS G 323 -2.41 28.42 6.93
CA LYS G 323 -3.81 28.39 6.49
C LYS G 323 -4.16 27.04 5.89
N ALA G 324 -5.33 26.52 6.26
CA ALA G 324 -5.81 25.25 5.73
C ALA G 324 -6.65 25.43 4.47
N ARG G 325 -7.32 26.57 4.33
CA ARG G 325 -8.16 26.80 3.18
C ARG G 325 -7.31 26.91 1.91
N PRO G 326 -7.71 26.25 0.83
CA PRO G 326 -6.87 26.15 -0.36
C PRO G 326 -6.88 27.44 -1.17
N LEU G 327 -6.11 27.43 -2.25
CA LEU G 327 -5.97 28.61 -3.10
C LEU G 327 -7.09 28.74 -4.13
N TYR G 328 -7.62 27.61 -4.59
CA TYR G 328 -8.70 27.60 -5.57
C TYR G 328 -9.54 26.35 -5.33
N LEU G 329 -10.70 26.31 -5.98
CA LEU G 329 -11.55 25.13 -6.00
C LEU G 329 -11.93 24.83 -7.44
N VAL G 330 -12.03 23.55 -7.76
CA VAL G 330 -12.31 23.10 -9.12
C VAL G 330 -13.75 22.59 -9.17
N SER G 331 -14.53 23.07 -10.08
CA SER G 331 -15.93 22.61 -10.24
C SER G 331 -15.97 21.35 -11.11
N ASP G 332 -15.45 21.44 -12.37
CA ASP G 332 -15.47 20.29 -13.28
C ASP G 332 -14.14 20.19 -14.01
N LEU G 333 -13.90 19.02 -14.59
CA LEU G 333 -12.74 18.75 -15.42
C LEU G 333 -13.17 18.06 -16.71
N TRP G 334 -12.54 18.44 -17.82
CA TRP G 334 -12.73 17.80 -19.11
C TRP G 334 -11.39 17.30 -19.62
N GLY G 335 -11.25 15.99 -19.78
CA GLY G 335 -10.01 15.42 -20.25
C GLY G 335 -8.97 15.21 -19.17
N LEU G 336 -9.30 15.46 -17.91
CA LEU G 336 -8.37 15.37 -16.80
C LEU G 336 -9.03 14.61 -15.65
N GLU G 337 -8.20 14.08 -14.77
CA GLU G 337 -8.66 13.42 -13.55
C GLU G 337 -8.28 14.27 -12.34
N TYR G 338 -9.14 14.24 -11.32
CA TYR G 338 -8.95 15.09 -10.16
C TYR G 338 -7.66 14.73 -9.42
N LEU G 339 -6.97 15.76 -8.96
CA LEU G 339 -5.77 15.55 -8.16
C LEU G 339 -6.16 15.01 -6.77
N PRO G 340 -5.29 14.20 -6.17
CA PRO G 340 -5.66 13.57 -4.88
C PRO G 340 -5.99 14.57 -3.79
N LEU G 341 -5.09 15.53 -3.52
CA LEU G 341 -5.29 16.57 -2.53
C LEU G 341 -5.43 16.02 -1.11
N GLU G 342 -5.13 14.72 -0.94
CA GLU G 342 -5.22 14.10 0.36
C GLU G 342 -4.25 12.93 0.42
N LYS G 343 -3.93 12.52 1.64
CA LYS G 343 -3.02 11.39 1.86
C LYS G 343 -3.34 10.68 3.16
N TYR H 23 5.00 1.53 -37.67
CA TYR H 23 4.48 2.48 -38.63
C TYR H 23 3.58 3.50 -37.94
N PHE H 24 2.71 3.01 -37.08
CA PHE H 24 1.86 3.85 -36.22
C PHE H 24 2.04 3.38 -34.79
N GLN H 25 2.67 4.22 -33.98
CA GLN H 25 2.93 3.91 -32.58
C GLN H 25 2.40 5.03 -31.70
N SER H 26 2.04 4.68 -30.48
CA SER H 26 1.41 5.59 -29.53
C SER H 26 2.38 5.88 -28.39
N ASN H 27 2.56 7.16 -28.07
CA ASN H 27 3.34 7.58 -26.92
C ASN H 27 2.44 8.32 -25.94
N ALA H 28 2.51 7.94 -24.67
CA ALA H 28 1.63 8.49 -23.65
C ALA H 28 2.25 9.65 -22.89
N THR H 29 3.45 10.09 -23.26
CA THR H 29 4.11 11.18 -22.57
C THR H 29 3.94 12.48 -23.33
N ILE H 30 3.60 13.54 -22.60
CA ILE H 30 3.48 14.88 -23.17
C ILE H 30 4.84 15.56 -23.07
N GLU H 31 5.26 16.19 -24.16
CA GLU H 31 6.52 16.92 -24.18
C GLU H 31 6.37 18.36 -23.71
N LEU H 32 5.18 18.95 -23.86
CA LEU H 32 5.01 20.37 -23.62
C LEU H 32 3.57 20.64 -23.20
N SER H 33 3.40 21.46 -22.16
CA SER H 33 2.09 21.89 -21.70
C SER H 33 1.94 23.39 -21.92
N ILE H 34 0.87 23.77 -22.61
CA ILE H 34 0.49 25.16 -22.77
C ILE H 34 -0.70 25.43 -21.86
N VAL H 35 -0.58 26.45 -21.02
CA VAL H 35 -1.61 26.78 -20.03
C VAL H 35 -2.17 28.15 -20.36
N ILE H 36 -3.46 28.21 -20.64
CA ILE H 36 -4.15 29.44 -20.99
C ILE H 36 -5.31 29.64 -20.01
N PRO H 37 -5.18 30.56 -19.05
CA PRO H 37 -6.35 30.95 -18.25
C PRO H 37 -7.27 31.84 -19.06
N MET H 38 -8.56 31.50 -19.07
CA MET H 38 -9.55 32.21 -19.86
C MET H 38 -10.63 32.82 -18.98
N TYR H 39 -11.06 34.02 -19.37
CA TYR H 39 -12.12 34.72 -18.66
C TYR H 39 -12.79 35.65 -19.67
N ASN H 40 -14.02 35.29 -20.06
CA ASN H 40 -14.77 36.03 -21.07
C ASN H 40 -14.02 36.10 -22.40
N GLU H 41 -13.39 34.99 -22.76
CA GLU H 41 -12.71 34.87 -24.06
C GLU H 41 -13.64 34.16 -25.04
N GLU H 42 -14.77 34.81 -25.34
CA GLU H 42 -15.84 34.08 -26.03
C GLU H 42 -15.52 33.86 -27.50
N ASP H 43 -15.49 34.93 -28.29
CA ASP H 43 -15.37 34.80 -29.73
C ASP H 43 -13.93 34.82 -30.22
N ASN H 44 -12.99 34.60 -29.29
CA ASN H 44 -11.55 34.64 -29.64
C ASN H 44 -10.95 33.23 -29.60
N LEU H 45 -11.72 32.23 -29.18
CA LEU H 45 -11.17 30.86 -29.02
C LEU H 45 -10.67 30.30 -30.36
N GLU H 46 -11.42 30.54 -31.44
CA GLU H 46 -11.05 29.97 -32.76
C GLU H 46 -9.67 30.53 -33.19
N HIS H 47 -9.53 31.85 -33.27
CA HIS H 47 -8.28 32.46 -33.69
C HIS H 47 -7.13 32.04 -32.79
N LEU H 48 -7.36 32.00 -31.47
CA LEU H 48 -6.31 31.62 -30.54
C LEU H 48 -5.81 30.21 -30.84
N PHE H 49 -6.73 29.26 -31.02
CA PHE H 49 -6.33 27.89 -31.29
C PHE H 49 -5.73 27.77 -32.69
N ALA H 50 -6.22 28.56 -33.64
CA ALA H 50 -5.63 28.55 -34.97
C ALA H 50 -4.15 28.93 -34.93
N ARG H 51 -3.84 30.05 -34.26
CA ARG H 51 -2.44 30.45 -34.15
C ARG H 51 -1.62 29.44 -33.35
N LEU H 52 -2.19 28.92 -32.27
CA LEU H 52 -1.45 27.97 -31.45
C LEU H 52 -1.08 26.72 -32.25
N LEU H 53 -2.02 26.17 -33.03
CA LEU H 53 -1.69 24.99 -33.81
C LEU H 53 -0.82 25.33 -35.01
N GLU H 54 -0.95 26.53 -35.59
CA GLU H 54 -0.06 26.92 -36.66
C GLU H 54 1.38 27.04 -36.20
N VAL H 55 1.60 27.33 -34.92
CA VAL H 55 2.96 27.38 -34.38
C VAL H 55 3.42 26.01 -33.89
N LEU H 56 2.53 25.25 -33.24
CA LEU H 56 2.95 24.07 -32.49
C LEU H 56 3.20 22.85 -33.39
N THR H 57 2.44 22.70 -34.48
CA THR H 57 2.58 21.49 -35.29
C THR H 57 3.89 21.39 -36.06
N PRO H 58 4.52 22.50 -36.49
CA PRO H 58 5.88 22.38 -37.06
C PRO H 58 6.90 21.88 -36.05
N LEU H 59 6.64 21.98 -34.75
CA LEU H 59 7.60 21.53 -33.75
C LEU H 59 7.73 20.01 -33.71
N LYS H 60 6.73 19.29 -34.21
CA LYS H 60 6.76 17.82 -34.27
C LYS H 60 6.99 17.20 -32.89
N ILE H 61 6.33 17.76 -31.87
CA ILE H 61 6.41 17.23 -30.51
C ILE H 61 5.00 17.03 -29.99
N THR H 62 4.89 16.17 -28.98
CA THR H 62 3.61 15.94 -28.33
C THR H 62 3.32 17.06 -27.35
N TYR H 63 2.08 17.54 -27.34
CA TYR H 63 1.72 18.68 -26.51
C TYR H 63 0.27 18.55 -26.05
N GLU H 64 -0.06 19.32 -25.02
CA GLU H 64 -1.41 19.49 -24.54
C GLU H 64 -1.66 20.97 -24.29
N ILE H 65 -2.92 21.37 -24.39
CA ILE H 65 -3.33 22.73 -24.08
C ILE H 65 -4.30 22.65 -22.91
N ILE H 66 -3.90 23.20 -21.77
CA ILE H 66 -4.74 23.24 -20.58
C ILE H 66 -5.43 24.60 -20.54
N CYS H 67 -6.76 24.57 -20.59
CA CYS H 67 -7.57 25.78 -20.60
C CYS H 67 -8.28 25.89 -19.25
N VAL H 68 -8.07 27.01 -18.56
CA VAL H 68 -8.64 27.23 -17.24
C VAL H 68 -9.69 28.32 -17.34
N ASN H 69 -10.93 27.96 -17.02
CA ASN H 69 -12.03 28.91 -16.94
C ASN H 69 -12.25 29.26 -15.47
N ASP H 70 -12.18 30.57 -15.22
CA ASP H 70 -12.37 31.13 -13.85
C ASP H 70 -13.68 31.91 -13.80
N GLY H 71 -14.82 31.24 -13.79
CA GLY H 71 -16.09 31.92 -13.63
C GLY H 71 -16.43 32.95 -14.69
N SER H 72 -16.26 32.60 -15.95
CA SER H 72 -16.64 33.49 -17.04
C SER H 72 -18.15 33.68 -17.04
N LYS H 73 -18.59 34.88 -17.42
CA LYS H 73 -20.02 35.20 -17.44
C LYS H 73 -20.64 35.09 -18.82
N ASP H 74 -19.85 35.14 -19.88
CA ASP H 74 -20.37 34.89 -21.22
C ASP H 74 -20.35 33.38 -21.47
N LYS H 75 -20.58 32.96 -22.71
CA LYS H 75 -20.64 31.53 -23.00
C LYS H 75 -19.29 31.03 -23.53
N THR H 76 -18.26 31.22 -22.71
CA THR H 76 -16.93 30.73 -23.04
C THR H 76 -16.84 29.22 -22.86
N LEU H 77 -17.49 28.68 -21.83
CA LEU H 77 -17.32 27.27 -21.50
C LEU H 77 -17.99 26.36 -22.53
N LYS H 78 -19.11 26.77 -23.10
CA LYS H 78 -19.77 25.90 -24.07
C LYS H 78 -18.93 25.74 -25.33
N GLN H 79 -18.30 26.82 -25.80
CA GLN H 79 -17.42 26.71 -26.95
C GLN H 79 -16.09 26.07 -26.59
N LEU H 80 -15.65 26.20 -25.33
CA LEU H 80 -14.51 25.41 -24.88
C LEU H 80 -14.80 23.93 -24.98
N ILE H 81 -16.01 23.51 -24.59
CA ILE H 81 -16.39 22.10 -24.68
C ILE H 81 -16.53 21.66 -26.13
N ASP H 82 -17.06 22.55 -26.98
CA ASP H 82 -17.13 22.25 -28.40
C ASP H 82 -15.75 22.03 -29.00
N CYS H 83 -14.77 22.85 -28.61
CA CYS H 83 -13.39 22.65 -29.06
C CYS H 83 -12.80 21.37 -28.47
N TYR H 84 -13.14 21.05 -27.22
CA TYR H 84 -12.63 19.85 -26.58
C TYR H 84 -13.14 18.59 -27.27
N GLN H 85 -14.34 18.63 -27.84
CA GLN H 85 -14.88 17.44 -28.50
C GLN H 85 -14.11 17.09 -29.77
N SER H 86 -13.62 18.08 -30.51
CA SER H 86 -12.99 17.84 -31.81
C SER H 86 -11.47 17.96 -31.76
N ASN H 87 -10.88 17.99 -30.57
CA ASN H 87 -9.43 18.14 -30.44
C ASN H 87 -8.97 17.37 -29.22
N ARG H 88 -8.12 16.35 -29.43
CA ARG H 88 -7.65 15.53 -28.31
C ARG H 88 -6.62 16.23 -27.44
N GLN H 89 -6.04 17.33 -27.92
CA GLN H 89 -4.98 18.00 -27.18
C GLN H 89 -5.49 19.11 -26.27
N ILE H 90 -6.80 19.31 -26.22
CA ILE H 90 -7.42 20.38 -25.44
C ILE H 90 -8.02 19.77 -24.18
N LYS H 91 -7.69 20.35 -23.02
CA LYS H 91 -8.25 19.97 -21.74
C LYS H 91 -8.74 21.21 -21.03
N ILE H 92 -9.78 21.05 -20.21
CA ILE H 92 -10.46 22.17 -19.55
C ILE H 92 -10.42 21.98 -18.05
N VAL H 93 -10.01 23.04 -17.34
CA VAL H 93 -10.13 23.13 -15.89
C VAL H 93 -11.17 24.21 -15.58
N ASN H 94 -12.26 23.81 -14.95
CA ASN H 94 -13.32 24.74 -14.55
C ASN H 94 -13.20 25.01 -13.07
N LEU H 95 -13.07 26.28 -12.69
CA LEU H 95 -12.98 26.67 -11.30
C LEU H 95 -14.35 27.00 -10.75
N SER H 96 -14.48 26.86 -9.42
CA SER H 96 -15.80 26.99 -8.79
C SER H 96 -16.34 28.41 -8.95
N ARG H 97 -15.48 29.41 -8.84
CA ARG H 97 -15.87 30.80 -9.06
C ARG H 97 -14.72 31.52 -9.76
N ASN H 98 -14.83 32.85 -9.79
CA ASN H 98 -13.81 33.71 -10.41
C ASN H 98 -12.75 34.03 -9.36
N PHE H 99 -11.68 33.24 -9.34
CA PHE H 99 -10.48 33.60 -8.60
C PHE H 99 -9.62 34.48 -9.50
N GLY H 100 -8.43 34.83 -9.05
CA GLY H 100 -7.56 35.66 -9.86
C GLY H 100 -7.04 34.94 -11.08
N LYS H 101 -6.46 35.72 -12.00
CA LYS H 101 -5.81 35.13 -13.17
C LYS H 101 -4.53 34.41 -12.79
N GLU H 102 -3.83 34.90 -11.77
CA GLU H 102 -2.65 34.21 -11.27
C GLU H 102 -3.02 32.89 -10.62
N ILE H 103 -4.13 32.85 -9.89
CA ILE H 103 -4.59 31.60 -9.31
C ILE H 103 -5.05 30.64 -10.40
N ALA H 104 -5.65 31.16 -11.47
CA ALA H 104 -6.00 30.31 -12.61
C ALA H 104 -4.77 29.72 -13.26
N LEU H 105 -3.71 30.51 -13.41
CA LEU H 105 -2.45 29.99 -13.93
C LEU H 105 -1.87 28.92 -13.01
N SER H 106 -1.94 29.13 -11.69
CA SER H 106 -1.47 28.13 -10.75
C SER H 106 -2.26 26.83 -10.87
N ALA H 107 -3.59 26.92 -11.00
CA ALA H 107 -4.41 25.73 -11.16
C ALA H 107 -4.06 24.99 -12.45
N GLY H 108 -3.89 25.72 -13.54
CA GLY H 108 -3.51 25.09 -14.79
C GLY H 108 -2.17 24.39 -14.72
N ILE H 109 -1.18 25.04 -14.12
CA ILE H 109 0.13 24.41 -13.96
C ILE H 109 0.04 23.19 -13.04
N ASP H 110 -0.82 23.26 -12.02
CA ASP H 110 -1.03 22.10 -11.15
C ASP H 110 -1.61 20.93 -11.92
N TYR H 111 -2.46 21.19 -12.89
CA TYR H 111 -3.07 20.11 -13.66
C TYR H 111 -2.30 19.76 -14.93
N ALA H 112 -1.18 20.42 -15.19
CA ALA H 112 -0.42 20.20 -16.41
C ALA H 112 0.60 19.08 -16.21
N GLN H 113 0.64 18.16 -17.16
CA GLN H 113 1.64 17.09 -17.21
C GLN H 113 2.43 17.25 -18.50
N GLY H 114 3.74 17.40 -18.37
CA GLY H 114 4.58 17.66 -19.52
C GLY H 114 5.99 17.98 -19.07
N ASN H 115 6.97 17.78 -19.95
CA ASN H 115 8.35 18.01 -19.55
C ASN H 115 8.64 19.50 -19.39
N ALA H 116 8.04 20.33 -20.22
CA ALA H 116 8.10 21.77 -20.08
C ALA H 116 6.68 22.33 -20.00
N VAL H 117 6.54 23.42 -19.26
CA VAL H 117 5.26 24.11 -19.12
C VAL H 117 5.45 25.55 -19.60
N ILE H 118 4.54 26.01 -20.45
CA ILE H 118 4.58 27.38 -20.96
C ILE H 118 3.26 28.08 -20.69
N PRO H 119 3.20 29.02 -19.76
CA PRO H 119 1.98 29.83 -19.59
C PRO H 119 1.81 30.81 -20.76
N ILE H 120 0.63 30.79 -21.36
CA ILE H 120 0.33 31.59 -22.54
C ILE H 120 -0.85 32.50 -22.21
N ASP H 121 -0.74 33.76 -22.60
CA ASP H 121 -1.83 34.71 -22.40
C ASP H 121 -2.83 34.59 -23.54
N ALA H 122 -4.11 34.72 -23.21
CA ALA H 122 -5.17 34.37 -24.15
C ALA H 122 -5.31 35.39 -25.28
N ASP H 123 -4.86 36.62 -25.07
CA ASP H 123 -4.98 37.63 -26.12
C ASP H 123 -3.79 37.64 -27.07
N LEU H 124 -2.75 36.84 -26.80
CA LEU H 124 -1.59 36.71 -27.68
C LEU H 124 -0.92 38.06 -27.95
N GLN H 125 -0.77 38.86 -26.88
CA GLN H 125 0.00 40.08 -26.99
C GLN H 125 1.47 39.77 -27.27
N ASP H 126 1.99 38.70 -26.65
CA ASP H 126 3.31 38.15 -26.95
C ASP H 126 3.18 37.10 -28.05
N PRO H 127 3.90 37.23 -29.16
CA PRO H 127 3.70 36.34 -30.30
C PRO H 127 3.92 34.89 -29.93
N PRO H 128 3.05 33.98 -30.38
CA PRO H 128 3.26 32.55 -30.10
C PRO H 128 4.47 31.96 -30.80
N GLU H 129 5.04 32.67 -31.77
CA GLU H 129 6.25 32.18 -32.44
C GLU H 129 7.47 32.17 -31.52
N LEU H 130 7.39 32.80 -30.35
CA LEU H 130 8.46 32.74 -29.37
C LEU H 130 8.55 31.36 -28.71
N ILE H 131 7.52 30.54 -28.84
CA ILE H 131 7.56 29.19 -28.28
C ILE H 131 8.64 28.37 -28.95
N HIS H 132 8.88 28.60 -30.24
CA HIS H 132 9.97 27.92 -30.94
C HIS H 132 11.31 28.25 -30.31
N GLU H 133 11.55 29.53 -30.03
CA GLU H 133 12.82 29.94 -29.41
C GLU H 133 12.93 29.41 -27.99
N LEU H 134 11.83 29.43 -27.23
CA LEU H 134 11.84 28.90 -25.87
C LEU H 134 12.18 27.42 -25.87
N VAL H 135 11.59 26.65 -26.78
CA VAL H 135 11.86 25.21 -26.86
C VAL H 135 13.29 24.97 -27.33
N ASP H 136 13.79 25.80 -28.26
CA ASP H 136 15.16 25.66 -28.70
C ASP H 136 16.14 25.86 -27.54
N LYS H 137 15.92 26.91 -26.75
CA LYS H 137 16.80 27.14 -25.60
C LYS H 137 16.64 26.07 -24.54
N TRP H 138 15.44 25.52 -24.38
CA TRP H 138 15.23 24.44 -23.42
C TRP H 138 16.00 23.19 -23.82
N ARG H 139 16.08 22.91 -25.13
CA ARG H 139 16.81 21.74 -25.61
C ARG H 139 18.31 21.84 -25.36
N GLU H 140 18.83 23.06 -25.20
CA GLU H 140 20.25 23.27 -24.92
C GLU H 140 20.63 23.03 -23.47
N GLY H 141 19.66 22.79 -22.59
CA GLY H 141 19.96 22.48 -21.20
C GLY H 141 19.50 23.52 -20.20
N TYR H 142 18.82 24.58 -20.61
CA TYR H 142 18.34 25.58 -19.66
C TYR H 142 17.02 25.14 -19.05
N ASP H 143 16.90 25.32 -17.73
CA ASP H 143 15.72 24.90 -17.01
C ASP H 143 14.62 25.95 -16.99
N ILE H 144 14.98 27.23 -17.01
CA ILE H 144 14.02 28.32 -17.10
C ILE H 144 14.48 29.25 -18.21
N VAL H 145 13.59 29.50 -19.18
CA VAL H 145 13.83 30.45 -20.25
C VAL H 145 12.78 31.54 -20.14
N TYR H 146 13.20 32.79 -20.20
CA TYR H 146 12.30 33.93 -20.15
C TYR H 146 12.22 34.60 -21.51
N ALA H 147 11.04 35.13 -21.81
CA ALA H 147 10.84 35.97 -23.00
C ALA H 147 10.74 37.40 -22.49
N THR H 148 11.81 38.17 -22.71
CA THR H 148 11.90 39.54 -22.22
C THR H 148 11.81 40.51 -23.38
N ARG H 149 11.01 41.56 -23.20
CA ARG H 149 10.90 42.60 -24.21
C ARG H 149 12.24 43.28 -24.42
N ARG H 150 12.55 43.58 -25.67
CA ARG H 150 13.86 44.15 -26.03
C ARG H 150 13.83 45.64 -25.75
N SER H 151 14.21 46.01 -24.52
CA SER H 151 14.26 47.40 -24.06
C SER H 151 12.90 48.09 -24.22
N ARG H 152 11.93 47.58 -23.47
CA ARG H 152 10.58 48.13 -23.52
C ARG H 152 10.56 49.57 -23.00
N GLN H 153 9.70 50.39 -23.59
CA GLN H 153 9.59 51.79 -23.22
C GLN H 153 9.09 51.96 -21.79
N THR H 162 21.76 53.74 -14.22
CA THR H 162 20.71 53.64 -13.21
C THR H 162 21.20 52.88 -11.98
N ALA H 163 21.19 53.55 -10.83
CA ALA H 163 21.58 52.90 -9.59
C ALA H 163 20.51 51.96 -9.07
N LYS H 164 19.32 52.01 -9.41
CA LYS H 164 18.27 51.09 -8.89
C LYS H 164 18.58 49.67 -9.37
N MET H 165 18.96 49.55 -10.73
CA MET H 165 19.30 48.20 -11.19
C MET H 165 20.40 47.59 -10.33
N PHE H 166 21.43 48.38 -10.00
CA PHE H 166 22.50 47.89 -9.14
C PHE H 166 21.98 47.56 -7.74
N TYR H 167 21.09 48.40 -7.21
CA TYR H 167 20.50 48.13 -5.91
C TYR H 167 19.73 46.82 -5.91
N LYS H 168 18.92 46.59 -6.95
CA LYS H 168 18.19 45.33 -7.05
C LYS H 168 19.14 44.14 -7.18
N VAL H 169 20.20 44.30 -7.97
CA VAL H 169 21.15 43.20 -8.16
C VAL H 169 21.84 42.85 -6.84
N ILE H 170 22.30 43.86 -6.11
CA ILE H 170 22.96 43.58 -4.84
C ILE H 170 21.98 43.09 -3.78
N GLY H 171 20.70 43.43 -3.90
CA GLY H 171 19.70 42.86 -3.00
C GLY H 171 19.30 41.45 -3.35
N ARG H 172 19.53 41.03 -4.60
CA ARG H 172 19.16 39.67 -5.00
C ARG H 172 20.12 38.61 -4.49
N MET H 173 21.33 39.01 -4.08
CA MET H 173 22.36 38.16 -3.47
C MET H 173 22.56 36.84 -4.21
N THR H 174 22.22 36.82 -5.50
CA THR H 174 22.41 35.66 -6.37
C THR H 174 22.48 36.16 -7.80
N GLU H 175 23.46 35.69 -8.56
CA GLU H 175 23.75 36.26 -9.87
C GLU H 175 22.58 36.01 -10.82
N ILE H 176 21.82 37.06 -11.12
CA ILE H 176 20.73 37.04 -12.08
C ILE H 176 21.00 38.15 -13.08
N LYS H 177 20.96 37.82 -14.37
CA LYS H 177 21.29 38.77 -15.43
C LYS H 177 20.10 39.15 -16.28
N ILE H 178 18.92 38.62 -15.99
CA ILE H 178 17.73 38.88 -16.83
C ILE H 178 17.25 40.31 -16.60
N PRO H 179 16.86 41.03 -17.65
CA PRO H 179 16.45 42.44 -17.51
C PRO H 179 15.31 42.60 -16.51
N PRO H 180 15.08 43.82 -16.01
CA PRO H 180 14.14 43.99 -14.89
C PRO H 180 12.72 43.53 -15.16
N ASN H 181 12.20 43.70 -16.39
CA ASN H 181 10.85 43.24 -16.69
C ASN H 181 10.76 41.73 -16.57
N THR H 182 11.82 41.03 -16.99
CA THR H 182 12.18 39.64 -16.68
C THR H 182 11.10 38.62 -17.01
N GLY H 183 9.98 39.02 -17.61
CA GLY H 183 9.14 38.06 -18.32
C GLY H 183 8.13 37.27 -17.51
N ASP H 184 6.85 37.38 -17.88
CA ASP H 184 5.86 36.42 -17.41
C ASP H 184 5.60 35.32 -18.43
N PHE H 185 5.99 35.54 -19.69
CA PHE H 185 5.93 34.53 -20.73
C PHE H 185 7.25 33.76 -20.69
N ARG H 186 7.20 32.51 -20.26
CA ARG H 186 8.42 31.77 -19.97
C ARG H 186 8.18 30.27 -20.12
N LEU H 187 9.29 29.54 -20.13
CA LEU H 187 9.28 28.08 -20.08
C LEU H 187 9.89 27.63 -18.76
N MET H 188 9.29 26.64 -18.14
CA MET H 188 9.85 26.09 -16.88
C MET H 188 9.91 24.57 -16.99
N ASP H 189 11.07 23.99 -16.69
CA ASP H 189 11.28 22.56 -16.72
C ASP H 189 10.48 21.86 -15.63
N ARG H 190 10.18 20.59 -15.86
CA ARG H 190 9.44 19.78 -14.90
C ARG H 190 10.13 19.77 -13.54
N LYS H 191 11.46 19.83 -13.54
CA LYS H 191 12.23 19.91 -12.29
C LYS H 191 11.83 21.14 -11.48
N VAL H 192 11.77 22.29 -12.13
CA VAL H 192 11.45 23.53 -11.44
C VAL H 192 10.01 23.53 -10.95
N VAL H 193 9.07 23.07 -11.79
CA VAL H 193 7.67 23.07 -11.39
C VAL H 193 7.41 22.06 -10.28
N ASN H 194 8.18 20.97 -10.21
CA ASN H 194 8.06 20.06 -9.08
C ASN H 194 8.70 20.64 -7.83
N ALA H 195 9.74 21.46 -7.99
CA ALA H 195 10.40 22.06 -6.83
C ALA H 195 9.46 23.01 -6.08
N ILE H 196 8.64 23.77 -6.81
CA ILE H 196 7.88 24.86 -6.23
C ILE H 196 6.38 24.55 -6.17
N LYS H 197 5.99 23.29 -6.33
CA LYS H 197 4.57 22.98 -6.46
C LYS H 197 3.81 23.07 -5.14
N GLN H 198 4.52 23.05 -4.01
CA GLN H 198 3.89 23.14 -2.70
C GLN H 198 4.16 24.47 -2.00
N LEU H 199 4.65 25.46 -2.73
CA LEU H 199 5.09 26.71 -2.14
C LEU H 199 4.03 27.80 -2.33
N PRO H 200 3.68 28.55 -1.29
CA PRO H 200 2.73 29.65 -1.49
C PRO H 200 3.19 30.69 -2.51
N GLU H 201 4.50 30.83 -2.69
CA GLU H 201 5.02 31.88 -3.59
C GLU H 201 5.03 31.39 -5.04
N ARG H 202 4.46 30.21 -5.31
CA ARG H 202 4.38 29.73 -6.71
C ARG H 202 3.50 30.71 -7.51
N THR H 203 2.42 31.21 -6.91
CA THR H 203 1.49 32.14 -7.59
C THR H 203 2.24 33.39 -8.00
N ARG H 204 3.11 33.92 -7.12
CA ARG H 204 3.93 35.06 -7.48
C ARG H 204 5.36 34.54 -7.62
N PHE H 205 5.63 33.93 -8.78
CA PHE H 205 6.95 33.33 -9.01
C PHE H 205 8.00 34.39 -9.32
N MET H 206 7.57 35.52 -9.86
CA MET H 206 8.51 36.40 -10.50
C MET H 206 8.90 37.58 -9.63
N LYS H 207 8.52 37.55 -8.35
CA LYS H 207 8.87 38.59 -7.39
C LYS H 207 9.99 38.18 -6.44
N GLY H 208 10.72 37.11 -6.75
CA GLY H 208 11.85 36.73 -5.93
C GLY H 208 12.07 35.24 -5.79
N LEU H 209 11.04 34.44 -6.07
CA LEU H 209 11.20 32.98 -6.03
C LEU H 209 12.09 32.51 -7.18
N PHE H 210 12.02 33.19 -8.33
CA PHE H 210 12.89 32.86 -9.45
C PHE H 210 14.35 33.06 -9.08
N ALA H 211 14.65 34.05 -8.24
CA ALA H 211 16.01 34.28 -7.79
C ALA H 211 16.42 33.35 -6.66
N TRP H 212 15.47 32.68 -6.02
CA TRP H 212 15.78 31.75 -4.96
C TRP H 212 16.00 30.33 -5.48
N VAL H 213 15.25 29.92 -6.52
CA VAL H 213 15.39 28.56 -7.03
C VAL H 213 16.79 28.34 -7.61
N GLY H 214 17.28 29.31 -8.39
CA GLY H 214 18.68 29.34 -8.80
C GLY H 214 19.12 28.22 -9.72
N TYR H 215 18.24 27.75 -10.61
CA TYR H 215 18.61 26.72 -11.57
C TYR H 215 19.41 27.34 -12.71
N ARG H 216 19.55 26.60 -13.81
CA ARG H 216 20.15 27.13 -15.03
C ARG H 216 19.09 27.92 -15.80
N GLN H 217 19.32 29.22 -15.96
CA GLN H 217 18.31 30.12 -16.48
C GLN H 217 18.89 31.00 -17.58
N THR H 218 18.06 31.35 -18.55
CA THR H 218 18.44 32.23 -19.65
C THR H 218 17.21 33.04 -20.06
N PHE H 219 17.37 33.84 -21.11
CA PHE H 219 16.27 34.65 -21.62
C PHE H 219 16.36 34.72 -23.14
N VAL H 220 15.24 35.13 -23.75
CA VAL H 220 15.14 35.37 -25.18
C VAL H 220 14.56 36.76 -25.39
N LEU H 221 15.19 37.55 -26.26
CA LEU H 221 14.78 38.92 -26.49
C LEU H 221 13.81 39.00 -27.67
N PHE H 222 12.81 39.87 -27.53
CA PHE H 222 11.83 40.08 -28.59
C PHE H 222 11.24 41.48 -28.47
N ASP H 223 10.65 41.94 -29.56
CA ASP H 223 10.00 43.24 -29.63
C ASP H 223 8.50 43.09 -29.80
N ARG H 224 7.75 43.98 -29.16
CA ARG H 224 6.30 44.01 -29.26
C ARG H 224 5.88 45.28 -30.00
N GLU H 225 5.02 45.12 -31.01
CA GLU H 225 4.56 46.27 -31.78
C GLU H 225 3.81 47.29 -30.92
N PRO H 226 2.81 46.92 -30.11
CA PRO H 226 2.20 47.92 -29.22
C PRO H 226 3.03 48.08 -27.95
N ARG H 227 3.44 49.31 -27.67
CA ARG H 227 4.24 49.60 -26.49
C ARG H 227 3.44 49.41 -25.21
N TRP H 234 6.57 51.21 -16.73
CA TRP H 234 7.70 51.95 -16.19
C TRP H 234 7.39 52.51 -14.82
N ASN H 235 6.52 51.81 -14.08
CA ASN H 235 6.12 52.25 -12.74
C ASN H 235 7.25 52.00 -11.76
N TYR H 236 7.59 53.04 -10.99
CA TYR H 236 8.58 52.89 -9.92
C TYR H 236 7.98 52.20 -8.70
N TRP H 237 6.70 52.45 -8.42
CA TRP H 237 6.04 51.80 -7.30
C TRP H 237 6.03 50.28 -7.45
N LYS H 238 5.75 49.80 -8.66
CA LYS H 238 5.82 48.37 -8.92
C LYS H 238 7.25 47.86 -8.80
N LEU H 239 8.23 48.63 -9.27
CA LEU H 239 9.63 48.20 -9.23
C LEU H 239 10.19 48.21 -7.81
N TRP H 240 9.52 48.88 -6.87
CA TRP H 240 9.90 48.83 -5.46
C TRP H 240 9.07 47.85 -4.64
N ASN H 241 7.82 47.61 -5.02
CA ASN H 241 6.98 46.69 -4.26
C ASN H 241 7.51 45.26 -4.33
N PHE H 242 8.03 44.85 -5.49
CA PHE H 242 8.56 43.50 -5.60
C PHE H 242 9.79 43.32 -4.74
N ALA H 243 10.65 44.33 -4.66
CA ALA H 243 11.80 44.28 -3.77
C ALA H 243 11.36 44.26 -2.31
N LEU H 244 10.34 45.04 -1.96
CA LEU H 244 9.83 45.05 -0.60
C LEU H 244 9.24 43.69 -0.22
N ASP H 245 8.56 43.03 -1.15
CA ASP H 245 8.03 41.70 -0.89
C ASP H 245 9.15 40.68 -0.78
N GLY H 246 10.18 40.80 -1.62
CA GLY H 246 11.28 39.84 -1.59
C GLY H 246 12.12 39.93 -0.34
N ILE H 247 12.36 41.14 0.18
CA ILE H 247 13.21 41.28 1.36
C ILE H 247 12.56 40.70 2.60
N PHE H 248 11.25 40.49 2.59
CA PHE H 248 10.55 39.87 3.71
C PHE H 248 10.15 38.43 3.45
N SER H 249 10.03 38.03 2.18
CA SER H 249 9.60 36.67 1.86
C SER H 249 10.73 35.66 1.97
N PHE H 250 11.98 36.07 1.76
CA PHE H 250 13.11 35.14 1.69
C PHE H 250 14.21 35.49 2.68
N SER H 251 13.90 36.28 3.70
CA SER H 251 14.91 36.64 4.70
C SER H 251 14.22 37.05 5.98
N LEU H 252 14.72 36.54 7.11
CA LEU H 252 14.33 37.00 8.44
C LEU H 252 15.24 38.11 8.94
N LEU H 253 16.14 38.60 8.09
CA LEU H 253 17.10 39.62 8.49
C LEU H 253 16.45 40.90 9.01
N PRO H 254 15.41 41.47 8.38
CA PRO H 254 14.80 42.67 8.96
C PRO H 254 14.28 42.45 10.37
N LEU H 255 13.64 41.31 10.63
CA LEU H 255 13.10 41.03 11.96
C LEU H 255 14.21 40.94 13.00
N LYS H 256 15.26 40.17 12.71
CA LYS H 256 16.36 40.01 13.66
C LYS H 256 17.05 41.33 13.92
N VAL H 257 17.36 42.06 12.85
CA VAL H 257 18.08 43.33 13.00
C VAL H 257 17.25 44.31 13.80
N TRP H 258 15.94 44.41 13.52
CA TRP H 258 15.13 45.35 14.25
C TRP H 258 14.93 44.94 15.70
N THR H 259 14.83 43.64 15.97
CA THR H 259 14.73 43.20 17.37
C THR H 259 15.98 43.58 18.15
N TYR H 260 17.17 43.35 17.57
CA TYR H 260 18.38 43.71 18.28
C TYR H 260 18.54 45.22 18.42
N LEU H 261 18.15 45.98 17.40
CA LEU H 261 18.22 47.43 17.46
C LEU H 261 17.29 47.97 18.54
N GLY H 262 16.05 47.49 18.57
CA GLY H 262 15.13 47.89 19.63
C GLY H 262 15.61 47.46 21.01
N SER H 263 16.28 46.30 21.09
CA SER H 263 16.82 45.87 22.38
C SER H 263 17.91 46.82 22.88
N ILE H 264 18.83 47.22 22.00
CA ILE H 264 19.88 48.13 22.45
C ILE H 264 19.31 49.51 22.76
N ILE H 265 18.31 49.96 21.99
CA ILE H 265 17.65 51.23 22.29
C ILE H 265 16.96 51.17 23.65
N SER H 266 16.28 50.05 23.94
CA SER H 266 15.63 49.86 25.22
C SER H 266 16.65 49.86 26.36
N LEU H 267 17.78 49.19 26.16
CA LEU H 267 18.82 49.18 27.18
C LEU H 267 19.35 50.58 27.44
N LEU H 268 19.58 51.36 26.38
CA LEU H 268 20.07 52.72 26.56
C LEU H 268 19.04 53.58 27.29
N SER H 269 17.75 53.43 26.94
CA SER H 269 16.71 54.19 27.60
C SER H 269 16.59 53.82 29.08
N LEU H 270 16.69 52.52 29.39
CA LEU H 270 16.63 52.09 30.78
C LEU H 270 17.84 52.58 31.56
N ALA H 271 19.03 52.60 30.93
CA ALA H 271 20.20 53.15 31.58
C ALA H 271 20.03 54.64 31.86
N TYR H 272 19.47 55.39 30.90
CA TYR H 272 19.22 56.80 31.14
C TYR H 272 18.19 57.01 32.25
N ALA H 273 17.17 56.15 32.30
CA ALA H 273 16.18 56.26 33.38
C ALA H 273 16.79 55.97 34.74
N SER H 274 17.66 54.98 34.82
CA SER H 274 18.36 54.70 36.08
C SER H 274 19.27 55.86 36.47
N PHE H 275 19.94 56.47 35.49
CA PHE H 275 20.76 57.65 35.77
C PHE H 275 19.90 58.80 36.27
N LEU H 276 18.72 58.99 35.68
CA LEU H 276 17.86 60.09 36.09
C LEU H 276 17.25 59.86 37.47
N ILE H 277 16.95 58.60 37.81
CA ILE H 277 16.44 58.32 39.14
C ILE H 277 17.57 58.41 40.17
N LEU H 278 18.81 58.15 39.75
CA LEU H 278 19.95 58.48 40.59
C LEU H 278 20.07 59.99 40.74
N LYS H 279 19.84 60.73 39.66
CA LYS H 279 19.73 62.17 39.71
C LYS H 279 18.46 62.57 40.47
N THR H 280 18.45 63.96 40.82
CA THR H 280 17.30 64.59 41.54
C THR H 280 17.18 64.11 42.98
N ILE H 281 17.89 63.06 43.38
CA ILE H 281 17.97 62.65 44.78
C ILE H 281 19.28 63.15 45.41
N THR H 282 20.40 62.92 44.72
CA THR H 282 21.66 63.54 45.12
C THR H 282 21.72 65.00 44.72
N LEU H 283 21.14 65.35 43.56
CA LEU H 283 21.12 66.71 43.06
C LEU H 283 19.75 67.35 43.34
N GLY H 284 19.54 68.54 42.79
CA GLY H 284 18.34 69.30 43.07
C GLY H 284 17.11 68.76 42.37
N VAL H 285 15.97 69.31 42.75
CA VAL H 285 14.66 68.90 42.23
C VAL H 285 14.02 70.06 41.49
N ASP H 286 14.85 70.87 40.82
CA ASP H 286 14.39 72.08 40.14
C ASP H 286 13.10 71.86 39.35
N VAL H 287 13.04 70.77 38.58
CA VAL H 287 11.85 70.41 37.82
C VAL H 287 10.96 69.55 38.72
N PRO H 288 9.76 70.01 39.11
CA PRO H 288 8.93 69.22 40.02
C PRO H 288 8.41 67.93 39.41
N GLY H 289 7.76 68.03 38.27
CA GLY H 289 7.10 66.88 37.67
C GLY H 289 7.75 66.38 36.39
N TYR H 290 8.83 67.05 35.95
CA TYR H 290 9.48 66.62 34.72
C TYR H 290 10.30 65.35 34.93
N ALA H 291 11.03 65.26 36.04
CA ALA H 291 11.94 64.13 36.23
C ALA H 291 11.19 62.83 36.43
N SER H 292 10.15 62.84 37.28
CA SER H 292 9.38 61.62 37.52
C SER H 292 8.66 61.17 36.27
N LEU H 293 8.09 62.12 35.52
CA LEU H 293 7.44 61.79 34.26
C LEU H 293 8.43 61.21 33.26
N MET H 294 9.58 61.73 33.13
CA MET H 294 10.57 61.18 32.17
C MET H 294 10.95 59.76 32.61
N VAL H 295 11.25 59.57 33.95
CA VAL H 295 11.67 58.24 34.35
C VAL H 295 10.56 57.23 34.10
N ALA H 296 9.30 57.63 34.33
CA ALA H 296 8.19 56.72 34.05
C ALA H 296 8.08 56.41 32.56
N ILE H 297 8.20 57.44 31.73
CA ILE H 297 8.10 57.25 30.28
C ILE H 297 9.23 56.36 29.78
N LEU H 298 10.46 56.61 30.23
CA LEU H 298 11.59 55.82 29.78
C LEU H 298 11.48 54.37 30.25
N PHE H 299 11.08 54.16 31.51
CA PHE H 299 10.95 52.79 32.00
C PHE H 299 9.89 52.02 31.26
N LEU H 300 8.73 52.65 31.02
CA LEU H 300 7.67 51.98 30.27
C LEU H 300 8.10 51.70 28.84
N GLY H 301 8.74 52.66 28.18
CA GLY H 301 9.21 52.41 26.82
C GLY H 301 10.21 51.27 26.77
N GLY H 302 11.12 51.22 27.73
CA GLY H 302 12.09 50.13 27.76
C GLY H 302 11.45 48.76 27.97
N VAL H 303 10.52 48.67 28.93
CA VAL H 303 9.91 47.37 29.20
C VAL H 303 9.08 46.91 28.00
N GLN H 304 8.35 47.83 27.35
CA GLN H 304 7.59 47.45 26.17
C GLN H 304 8.49 47.09 25.00
N LEU H 305 9.62 47.77 24.86
CA LEU H 305 10.55 47.43 23.77
C LEU H 305 11.17 46.06 23.98
N ILE H 306 11.48 45.71 25.23
CA ILE H 306 11.98 44.36 25.50
C ILE H 306 10.91 43.32 25.21
N SER H 307 9.66 43.60 25.60
CA SER H 307 8.58 42.67 25.29
C SER H 307 8.42 42.48 23.79
N LEU H 308 8.45 43.57 23.03
CA LEU H 308 8.35 43.48 21.58
C LEU H 308 9.52 42.70 21.00
N GLY H 309 10.72 42.88 21.53
CA GLY H 309 11.87 42.14 21.02
C GLY H 309 11.76 40.65 21.26
N VAL H 310 11.35 40.25 22.47
CA VAL H 310 11.20 38.83 22.76
C VAL H 310 10.10 38.22 21.89
N ILE H 311 8.98 38.94 21.74
CA ILE H 311 7.89 38.47 20.90
C ILE H 311 8.37 38.32 19.46
N GLY H 312 9.17 39.26 18.97
CA GLY H 312 9.67 39.16 17.61
C GLY H 312 10.61 37.98 17.42
N GLU H 313 11.48 37.73 18.40
CA GLU H 313 12.36 36.57 18.31
C GLU H 313 11.57 35.28 18.22
N TYR H 314 10.58 35.11 19.10
CA TYR H 314 9.81 33.87 19.08
C TYR H 314 8.92 33.77 17.84
N LEU H 315 8.42 34.89 17.33
CA LEU H 315 7.67 34.87 16.08
C LEU H 315 8.56 34.46 14.92
N GLY H 316 9.81 34.93 14.91
CA GLY H 316 10.74 34.48 13.88
C GLY H 316 10.99 32.99 13.93
N ARG H 317 11.18 32.44 15.13
CA ARG H 317 11.34 30.99 15.25
C ARG H 317 10.09 30.25 14.78
N VAL H 318 8.91 30.77 15.11
CA VAL H 318 7.67 30.17 14.63
C VAL H 318 7.62 30.17 13.11
N TYR H 319 8.06 31.28 12.49
CA TYR H 319 8.09 31.35 11.04
C TYR H 319 9.03 30.31 10.45
N GLU H 320 10.22 30.14 11.03
CA GLU H 320 11.10 29.08 10.54
C GLU H 320 10.47 27.70 10.71
N GLU H 321 9.61 27.52 11.73
CA GLU H 321 9.01 26.21 11.94
C GLU H 321 7.96 25.89 10.87
N VAL H 322 7.10 26.85 10.53
CA VAL H 322 5.96 26.58 9.65
C VAL H 322 6.27 26.85 8.19
N LYS H 323 7.49 27.28 7.86
CA LYS H 323 7.85 27.57 6.48
C LYS H 323 7.74 26.32 5.61
N ALA H 324 7.15 26.48 4.43
CA ALA H 324 7.01 25.37 3.49
C ALA H 324 8.20 25.25 2.54
N ARG H 325 8.86 26.36 2.24
CA ARG H 325 9.98 26.34 1.33
C ARG H 325 11.16 25.57 1.94
N PRO H 326 11.78 24.69 1.17
CA PRO H 326 12.79 23.78 1.72
C PRO H 326 14.12 24.48 1.97
N LEU H 327 15.07 23.71 2.50
CA LEU H 327 16.37 24.26 2.85
C LEU H 327 17.32 24.31 1.66
N TYR H 328 17.19 23.36 0.73
CA TYR H 328 18.04 23.31 -0.45
C TYR H 328 17.23 22.70 -1.58
N LEU H 329 17.78 22.79 -2.79
CA LEU H 329 17.23 22.12 -3.96
C LEU H 329 18.35 21.37 -4.66
N VAL H 330 18.02 20.21 -5.21
CA VAL H 330 18.99 19.33 -5.85
C VAL H 330 18.79 19.41 -7.36
N SER H 331 19.83 19.68 -8.10
CA SER H 331 19.73 19.73 -9.58
C SER H 331 19.90 18.32 -10.16
N ASP H 332 21.04 17.64 -9.87
CA ASP H 332 21.29 16.31 -10.41
C ASP H 332 21.90 15.42 -9.34
N LEU H 333 21.84 14.11 -9.58
CA LEU H 333 22.45 13.11 -8.71
C LEU H 333 23.26 12.14 -9.57
N TRP H 334 24.41 11.73 -9.04
CA TRP H 334 25.24 10.68 -9.65
C TRP H 334 25.45 9.58 -8.64
N GLY H 335 24.98 8.38 -8.95
CA GLY H 335 25.11 7.25 -8.05
C GLY H 335 24.08 7.19 -6.96
N LEU H 336 23.09 8.07 -6.97
CA LEU H 336 22.07 8.16 -5.94
C LEU H 336 20.70 8.28 -6.59
N GLU H 337 19.67 7.93 -5.83
CA GLU H 337 18.28 8.10 -6.24
C GLU H 337 17.63 9.21 -5.42
N TYR H 338 16.72 9.94 -6.05
CA TYR H 338 16.09 11.09 -5.41
C TYR H 338 15.29 10.66 -4.18
N LEU H 339 15.37 11.46 -3.13
CA LEU H 339 14.57 11.21 -1.95
C LEU H 339 13.11 11.52 -2.23
N PRO H 340 12.18 10.81 -1.57
CA PRO H 340 10.76 11.01 -1.88
C PRO H 340 10.27 12.43 -1.68
N LEU H 341 10.50 13.00 -0.50
CA LEU H 341 10.13 14.39 -0.19
C LEU H 341 8.62 14.60 -0.24
N GLU H 342 7.85 13.52 -0.34
CA GLU H 342 6.39 13.62 -0.40
C GLU H 342 5.80 12.34 0.16
N LYS H 343 4.52 12.42 0.55
CA LYS H 343 3.81 11.27 1.08
C LYS H 343 2.31 11.37 0.78
#